data_5TIO
#
_entry.id   5TIO
#
_cell.length_a   119.120
_cell.length_b   119.120
_cell.length_c   429.968
_cell.angle_alpha   90.00
_cell.angle_beta   90.00
_cell.angle_gamma   90.00
#
_symmetry.space_group_name_H-M   'P 43 21 2'
#
loop_
_entity.id
_entity.type
_entity.pdbx_description
1 polymer 'Glycine receptor subunit alpha-3'
2 non-polymer (3S,3aS,9bS)-2-[(2H-1,3-benzodioxol-5-yl)sulfonyl]-3,5-dimethyl-1,2,3,3a,5,9b-hexahydro-4H-pyrrolo[3,4-c][1,6]naphthyridin-4-one
3 non-polymer GLYCINE
4 non-polymer 'ZINC ION'
5 non-polymer 2-acetamido-2-deoxy-beta-D-glucopyranose
#
_entity_poly.entity_id   1
_entity_poly.type   'polypeptide(L)'
_entity_poly.pdbx_seq_one_letter_code
;ARSRSAPMSPSDFLDKLMGRTSGYDARIRPNFKGPPVNVTCNIFINSFGSIAETTMDYRVNIFLRQKWNDPRLAYSEYPD
DSLDLDPSMLDSIWKPDLFFANEKGANFHEVTTDNKLLRIFKNGNVLYSIRLTLTLSCPMDLKNFPMDVQTCIMQLESFG
YTMNDLIFEWQDEAPVQVAEGLTLPQFLLKEEKDLRYCTKHYNTGKFTCIEVRFHLERQMGYYLIQMYIPSLLIVILSWV
SFWINMDAAPARVALGITTVLTMTTQSSGSRASLPKVSYVKAIDIWMAVCLLFVFSALLEYAAVNFVSRAGTKVFIDRAK
KIDTISRACFPLAFLIFNIFYWVIYKILRHEDIHWSHPQFEK
;
_entity_poly.pdbx_strand_id   C,A,B,D,E
#
# COMPACT_ATOMS: atom_id res chain seq x y z
N MET A 8 50.91 -19.59 -16.01
CA MET A 8 50.47 -19.68 -14.57
C MET A 8 48.97 -19.96 -14.47
N SER A 9 48.59 -20.89 -13.59
CA SER A 9 47.18 -21.28 -13.46
C SER A 9 46.38 -20.11 -12.89
N PRO A 10 45.11 -19.98 -13.27
CA PRO A 10 44.36 -18.86 -12.73
C PRO A 10 44.29 -18.92 -11.21
N SER A 11 44.04 -20.10 -10.67
CA SER A 11 43.92 -20.28 -9.23
C SER A 11 45.14 -19.71 -8.53
N ASP A 12 46.34 -20.11 -8.99
CA ASP A 12 47.59 -19.62 -8.41
C ASP A 12 47.75 -18.13 -8.60
N PHE A 13 47.38 -17.64 -9.79
CA PHE A 13 47.55 -16.22 -10.11
C PHE A 13 46.74 -15.33 -9.19
N LEU A 14 45.50 -15.73 -8.92
CA LEU A 14 44.62 -14.95 -8.04
C LEU A 14 45.14 -15.00 -6.61
N ASP A 15 45.68 -16.15 -6.22
CA ASP A 15 46.23 -16.32 -4.88
C ASP A 15 47.44 -15.41 -4.63
N LYS A 16 48.23 -15.14 -5.68
CA LYS A 16 49.41 -14.28 -5.57
C LYS A 16 49.11 -12.80 -5.76
N LEU A 17 47.96 -12.48 -6.37
CA LEU A 17 47.60 -11.09 -6.68
C LEU A 17 46.78 -10.43 -5.58
N MET A 18 45.84 -11.19 -5.02
CA MET A 18 44.92 -10.70 -4.00
C MET A 18 44.52 -11.72 -2.92
N GLY A 19 45.02 -12.96 -3.01
CA GLY A 19 44.63 -14.04 -2.10
C GLY A 19 45.63 -14.28 -0.98
N ARG A 20 45.64 -15.52 -0.46
CA ARG A 20 46.45 -15.88 0.71
C ARG A 20 47.90 -15.39 0.61
N THR A 21 48.59 -15.85 -0.42
CA THR A 21 50.02 -15.58 -0.57
C THR A 21 50.35 -14.17 -1.08
N SER A 22 49.32 -13.36 -1.34
CA SER A 22 49.49 -12.07 -2.01
C SER A 22 49.99 -10.97 -1.08
N GLY A 23 49.56 -11.02 0.18
CA GLY A 23 49.85 -9.95 1.12
C GLY A 23 49.06 -8.69 0.83
N TYR A 24 48.04 -8.82 -0.01
CA TYR A 24 47.14 -7.72 -0.32
C TYR A 24 46.27 -7.45 0.89
N ASP A 25 46.03 -6.18 1.18
CA ASP A 25 45.15 -5.81 2.29
C ASP A 25 44.12 -4.80 1.79
N ALA A 26 42.88 -5.25 1.66
CA ALA A 26 41.83 -4.40 1.12
C ALA A 26 41.39 -3.28 2.08
N ARG A 27 41.96 -3.26 3.28
CA ARG A 27 41.68 -2.18 4.23
C ARG A 27 42.55 -0.96 3.96
N ILE A 28 43.43 -1.07 2.97
CA ILE A 28 44.36 -0.02 2.63
C ILE A 28 44.07 0.39 1.21
N ARG A 29 43.88 1.69 0.99
CA ARG A 29 43.60 2.20 -0.34
C ARG A 29 44.84 2.14 -1.23
N PRO A 30 44.64 2.23 -2.54
CA PRO A 30 45.74 2.44 -3.48
C PRO A 30 46.49 3.74 -3.21
N ASN A 31 47.82 3.73 -3.40
CA ASN A 31 48.63 4.92 -3.18
C ASN A 31 48.36 5.51 -1.80
N PHE A 32 48.37 4.65 -0.80
CA PHE A 32 47.85 4.96 0.53
C PHE A 32 48.56 6.14 1.20
N LYS A 33 49.88 6.18 1.14
CA LYS A 33 50.60 7.32 1.68
C LYS A 33 50.64 8.50 0.71
N GLY A 34 50.14 8.29 -0.50
CA GLY A 34 50.27 9.29 -1.57
C GLY A 34 49.06 10.19 -1.75
N PRO A 35 48.80 10.62 -2.99
CA PRO A 35 47.67 11.48 -3.32
C PRO A 35 46.34 10.70 -3.38
N PRO A 36 45.21 11.39 -3.55
CA PRO A 36 43.93 10.72 -3.47
C PRO A 36 43.70 9.77 -4.63
N VAL A 37 42.83 8.78 -4.42
CA VAL A 37 42.46 7.85 -5.48
C VAL A 37 41.44 8.54 -6.37
N ASN A 38 41.67 8.53 -7.67
CA ASN A 38 40.74 9.12 -8.65
C ASN A 38 39.79 8.08 -9.13
N VAL A 39 38.54 8.18 -8.72
CA VAL A 39 37.53 7.26 -9.21
C VAL A 39 36.73 7.95 -10.31
N THR A 40 36.70 7.34 -11.48
CA THR A 40 35.98 7.87 -12.61
C THR A 40 34.66 7.11 -12.75
N CYS A 41 33.56 7.84 -12.61
CA CYS A 41 32.23 7.23 -12.63
C CYS A 41 31.51 7.43 -13.95
N ASN A 42 30.66 6.48 -14.29
CA ASN A 42 29.68 6.64 -15.35
C ASN A 42 28.49 5.71 -15.08
N ILE A 43 27.29 6.14 -15.44
CA ILE A 43 26.10 5.34 -15.19
C ILE A 43 25.40 5.03 -16.50
N PHE A 44 24.84 3.83 -16.59
CA PHE A 44 23.92 3.47 -17.66
C PHE A 44 22.54 3.35 -17.04
N ILE A 45 21.58 4.12 -17.56
CA ILE A 45 20.24 4.09 -17.02
C ILE A 45 19.43 3.05 -17.78
N ASN A 46 19.18 1.95 -17.10
CA ASN A 46 18.43 0.83 -17.62
C ASN A 46 16.93 1.12 -17.61
N SER A 47 16.51 1.97 -16.67
CA SER A 47 15.11 2.23 -16.42
C SER A 47 14.94 3.48 -15.55
N PHE A 48 13.83 4.18 -15.72
CA PHE A 48 13.62 5.49 -15.12
C PHE A 48 12.12 5.68 -14.99
N GLY A 49 11.63 5.81 -13.75
CA GLY A 49 10.18 5.92 -13.54
C GLY A 49 9.74 6.23 -12.13
N SER A 50 8.53 5.78 -11.81
CA SER A 50 7.91 5.99 -10.51
C SER A 50 8.16 7.40 -9.98
N ILE A 51 8.00 8.39 -10.86
CA ILE A 51 8.15 9.79 -10.49
C ILE A 51 6.90 10.20 -9.74
N ALA A 52 7.03 10.46 -8.45
CA ALA A 52 5.88 10.71 -7.59
C ALA A 52 5.93 12.12 -7.03
N GLU A 53 4.89 12.89 -7.30
CA GLU A 53 4.78 14.23 -6.78
C GLU A 53 4.48 14.19 -5.28
N THR A 54 3.66 13.21 -4.87
CA THR A 54 3.21 13.11 -3.49
C THR A 54 4.35 12.86 -2.53
N THR A 55 5.16 11.84 -2.83
CA THR A 55 6.32 11.47 -2.01
C THR A 55 7.60 12.18 -2.47
N MET A 56 7.53 12.92 -3.58
CA MET A 56 8.58 13.85 -3.98
C MET A 56 9.90 13.11 -4.21
N ASP A 57 9.85 12.10 -5.09
CA ASP A 57 10.99 11.24 -5.37
C ASP A 57 10.84 10.51 -6.71
N TYR A 58 11.79 9.67 -7.08
CA TYR A 58 11.72 8.93 -8.34
C TYR A 58 12.64 7.73 -8.32
N ARG A 59 12.30 6.70 -9.09
CA ARG A 59 13.02 5.43 -9.06
C ARG A 59 13.86 5.26 -10.30
N VAL A 60 14.96 4.53 -10.18
CA VAL A 60 15.86 4.37 -11.29
C VAL A 60 16.59 3.04 -11.17
N ASN A 61 16.83 2.37 -12.29
CA ASN A 61 17.63 1.16 -12.30
C ASN A 61 18.85 1.43 -13.16
N ILE A 62 20.04 1.30 -12.58
CA ILE A 62 21.25 1.68 -13.29
C ILE A 62 22.33 0.61 -13.23
N PHE A 63 23.27 0.69 -14.16
CA PHE A 63 24.58 0.08 -13.99
C PHE A 63 25.51 1.21 -13.56
N LEU A 64 26.09 1.09 -12.37
CA LEU A 64 27.04 2.06 -11.86
C LEU A 64 28.45 1.54 -12.14
N ARG A 65 29.15 2.18 -13.07
CA ARG A 65 30.53 1.83 -13.40
C ARG A 65 31.49 2.75 -12.65
N GLN A 66 32.45 2.14 -11.96
CA GLN A 66 33.52 2.88 -11.30
C GLN A 66 34.85 2.41 -11.85
N LYS A 67 35.76 3.36 -12.07
CA LYS A 67 37.09 3.04 -12.56
C LYS A 67 38.14 3.74 -11.71
N TRP A 68 39.15 2.99 -11.28
CA TRP A 68 40.27 3.56 -10.56
C TRP A 68 41.52 2.69 -10.78
N ASN A 69 42.67 3.19 -10.35
CA ASN A 69 43.91 2.43 -10.45
C ASN A 69 44.38 1.87 -9.11
N ASP A 70 44.71 0.59 -9.11
CA ASP A 70 45.31 -0.06 -7.96
C ASP A 70 46.62 -0.70 -8.40
N PRO A 71 47.75 -0.02 -8.15
CA PRO A 71 49.05 -0.57 -8.55
C PRO A 71 49.28 -1.99 -8.07
N ARG A 72 48.73 -2.36 -6.91
CA ARG A 72 48.87 -3.73 -6.41
C ARG A 72 48.29 -4.79 -7.34
N LEU A 73 47.35 -4.41 -8.20
CA LEU A 73 46.65 -5.35 -9.06
C LEU A 73 47.20 -5.42 -10.46
N ALA A 74 48.29 -4.69 -10.72
CA ALA A 74 48.95 -4.78 -12.01
C ALA A 74 49.51 -6.19 -12.16
N TYR A 75 49.56 -6.67 -13.41
CA TYR A 75 50.01 -8.02 -13.70
C TYR A 75 50.82 -8.07 -14.99
N SER A 76 51.67 -9.08 -15.09
CA SER A 76 52.48 -9.33 -16.27
C SER A 76 52.48 -10.79 -16.73
N GLU A 77 51.71 -11.65 -16.05
CA GLU A 77 51.80 -13.09 -16.27
C GLU A 77 51.02 -13.52 -17.50
N TYR A 78 50.17 -12.65 -18.00
CA TYR A 78 49.40 -12.94 -19.21
C TYR A 78 49.53 -11.75 -20.16
N PRO A 79 49.47 -12.02 -21.47
CA PRO A 79 49.55 -10.96 -22.48
C PRO A 79 48.25 -10.15 -22.62
N ASP A 80 47.17 -10.64 -22.01
CA ASP A 80 45.85 -10.06 -22.20
C ASP A 80 45.84 -8.65 -21.66
N ASP A 81 45.24 -7.71 -22.40
CA ASP A 81 45.15 -6.31 -21.96
C ASP A 81 44.39 -6.19 -20.66
N SER A 82 43.40 -7.07 -20.49
CA SER A 82 42.61 -7.11 -19.27
C SER A 82 42.10 -8.52 -19.00
N LEU A 83 41.68 -8.74 -17.75
CA LEU A 83 41.15 -10.02 -17.32
C LEU A 83 39.77 -9.81 -16.70
N ASP A 84 38.81 -10.60 -17.15
CA ASP A 84 37.47 -10.60 -16.57
C ASP A 84 37.44 -11.57 -15.39
N LEU A 85 37.43 -11.05 -14.17
CA LEU A 85 37.43 -11.87 -12.97
C LEU A 85 36.01 -12.16 -12.45
N ASP A 86 35.85 -13.31 -11.79
CA ASP A 86 34.61 -13.65 -11.09
C ASP A 86 34.39 -12.64 -9.98
N PRO A 87 33.13 -12.14 -9.82
CA PRO A 87 32.87 -11.08 -8.85
C PRO A 87 33.10 -11.46 -7.40
N SER A 88 33.17 -12.75 -7.08
CA SER A 88 33.54 -13.17 -5.74
C SER A 88 34.84 -12.50 -5.30
N MET A 89 35.70 -12.22 -6.26
CA MET A 89 36.97 -11.57 -5.99
C MET A 89 36.83 -10.10 -5.62
N LEU A 90 35.65 -9.52 -5.79
CA LEU A 90 35.44 -8.14 -5.34
C LEU A 90 35.56 -7.98 -3.83
N ASP A 91 35.26 -9.02 -3.07
CA ASP A 91 35.40 -8.94 -1.62
C ASP A 91 36.87 -8.92 -1.21
N SER A 92 37.73 -9.50 -2.05
CA SER A 92 39.16 -9.56 -1.76
C SER A 92 39.93 -8.27 -2.04
N ILE A 93 39.33 -7.32 -2.75
CA ILE A 93 40.06 -6.08 -3.12
C ILE A 93 39.47 -4.81 -2.52
N TRP A 94 40.30 -3.79 -2.37
CA TRP A 94 39.83 -2.47 -1.95
C TRP A 94 38.94 -1.91 -3.05
N LYS A 95 37.93 -1.12 -2.65
CA LYS A 95 37.08 -0.42 -3.61
C LYS A 95 36.34 0.76 -2.96
N PRO A 96 36.06 1.83 -3.74
CA PRO A 96 35.50 3.05 -3.17
C PRO A 96 34.20 2.82 -2.41
N ASP A 97 33.88 3.72 -1.48
CA ASP A 97 32.69 3.55 -0.62
C ASP A 97 31.54 4.44 -1.09
N LEU A 98 31.35 4.49 -2.40
CA LEU A 98 30.36 5.36 -3.03
C LEU A 98 28.96 5.07 -2.51
N PHE A 99 28.27 6.12 -2.10
CA PHE A 99 26.85 6.04 -1.75
C PHE A 99 26.10 7.20 -2.37
N PHE A 100 24.79 7.03 -2.52
CA PHE A 100 23.96 8.06 -3.15
C PHE A 100 23.36 8.97 -2.09
N ALA A 101 23.85 10.20 -2.03
CA ALA A 101 23.55 11.09 -0.91
C ALA A 101 22.06 11.32 -0.75
N ASN A 102 21.33 11.38 -1.87
CA ASN A 102 19.89 11.65 -1.84
C ASN A 102 19.02 10.41 -2.04
N GLU A 103 19.58 9.24 -1.75
CA GLU A 103 18.85 7.99 -1.88
C GLU A 103 17.93 7.76 -0.69
N LYS A 104 16.65 7.53 -0.98
CA LYS A 104 15.65 7.20 0.04
C LYS A 104 15.55 5.71 0.22
N GLY A 105 15.90 4.96 -0.82
CA GLY A 105 16.02 3.51 -0.74
C GLY A 105 16.83 2.97 -1.90
N ALA A 106 17.50 1.84 -1.69
CA ALA A 106 18.40 1.28 -2.70
C ALA A 106 18.62 -0.19 -2.46
N ASN A 107 18.81 -0.95 -3.53
CA ASN A 107 19.13 -2.36 -3.37
C ASN A 107 20.01 -2.88 -4.48
N PHE A 108 20.77 -3.91 -4.16
CA PHE A 108 21.57 -4.64 -5.14
C PHE A 108 20.67 -5.68 -5.84
N HIS A 109 21.21 -6.36 -6.83
CA HIS A 109 20.47 -7.43 -7.53
C HIS A 109 21.22 -8.74 -7.49
N GLU A 110 20.57 -9.79 -6.99
CA GLU A 110 21.23 -11.05 -6.72
C GLU A 110 20.72 -12.23 -7.52
N VAL A 111 19.70 -12.01 -8.36
CA VAL A 111 19.13 -13.08 -9.18
C VAL A 111 19.69 -12.99 -10.60
N THR A 112 20.21 -14.08 -11.16
CA THR A 112 20.31 -15.39 -10.49
C THR A 112 21.63 -15.49 -9.75
N THR A 113 22.49 -14.49 -9.94
CA THR A 113 23.72 -14.32 -9.19
C THR A 113 23.95 -12.82 -9.00
N ASP A 114 24.94 -12.44 -8.20
CA ASP A 114 25.20 -11.02 -7.95
C ASP A 114 25.45 -10.35 -9.28
N ASN A 115 24.66 -9.33 -9.58
CA ASN A 115 24.73 -8.59 -10.83
C ASN A 115 25.93 -7.65 -10.71
N LYS A 116 27.13 -8.20 -10.81
CA LYS A 116 28.37 -7.45 -10.63
C LYS A 116 29.40 -7.83 -11.66
N LEU A 117 30.30 -6.91 -11.93
CA LEU A 117 31.31 -7.11 -12.95
C LEU A 117 32.64 -6.60 -12.44
N LEU A 118 33.68 -7.40 -12.58
CA LEU A 118 35.03 -7.00 -12.17
C LEU A 118 36.02 -7.28 -13.26
N ARG A 119 36.73 -6.24 -13.70
CA ARG A 119 37.68 -6.37 -14.79
C ARG A 119 38.93 -5.61 -14.40
N ILE A 120 40.09 -6.29 -14.46
CA ILE A 120 41.37 -5.66 -14.12
C ILE A 120 42.28 -5.64 -15.34
N PHE A 121 43.14 -4.62 -15.40
CA PHE A 121 43.99 -4.37 -16.55
C PHE A 121 45.45 -4.54 -16.18
N LYS A 122 46.29 -4.83 -17.16
CA LYS A 122 47.73 -5.00 -16.97
C LYS A 122 48.30 -4.00 -15.97
N ASN A 123 47.97 -2.73 -16.16
CA ASN A 123 48.54 -1.66 -15.36
C ASN A 123 47.85 -1.44 -14.01
N GLY A 124 46.96 -2.35 -13.63
CA GLY A 124 46.32 -2.29 -12.33
C GLY A 124 45.06 -1.45 -12.29
N ASN A 125 44.61 -0.98 -13.45
CA ASN A 125 43.32 -0.30 -13.51
C ASN A 125 42.20 -1.29 -13.25
N VAL A 126 41.13 -0.79 -12.65
CA VAL A 126 39.98 -1.61 -12.31
C VAL A 126 38.73 -1.04 -12.97
N LEU A 127 37.88 -1.94 -13.45
CA LEU A 127 36.54 -1.58 -13.87
C LEU A 127 35.61 -2.38 -12.99
N TYR A 128 34.65 -1.70 -12.37
CA TYR A 128 33.74 -2.34 -11.44
C TYR A 128 32.34 -1.84 -11.71
N SER A 129 31.53 -2.69 -12.35
CA SER A 129 30.14 -2.35 -12.63
C SER A 129 29.19 -3.14 -11.74
N ILE A 130 28.20 -2.42 -11.20
CA ILE A 130 27.23 -3.02 -10.30
C ILE A 130 25.86 -2.50 -10.63
N ARG A 131 24.89 -3.40 -10.66
CA ARG A 131 23.51 -3.02 -10.93
C ARG A 131 22.83 -2.65 -9.63
N LEU A 132 22.14 -1.52 -9.66
CA LEU A 132 21.47 -0.98 -8.49
C LEU A 132 20.09 -0.48 -8.88
N THR A 133 19.15 -0.59 -7.94
CA THR A 133 17.89 0.11 -8.03
C THR A 133 17.90 1.16 -6.94
N LEU A 134 17.69 2.41 -7.32
CA LEU A 134 17.71 3.52 -6.38
C LEU A 134 16.41 4.29 -6.44
N THR A 135 15.89 4.63 -5.27
CA THR A 135 14.83 5.62 -5.15
C THR A 135 15.48 6.88 -4.60
N LEU A 136 15.38 7.96 -5.36
CA LEU A 136 16.09 9.20 -5.07
C LEU A 136 15.11 10.31 -4.83
N SER A 137 15.42 11.17 -3.86
CA SER A 137 14.54 12.31 -3.57
C SER A 137 14.71 13.38 -4.64
N CYS A 138 13.59 13.96 -5.03
CA CYS A 138 13.55 14.99 -6.06
C CYS A 138 12.52 16.01 -5.60
N PRO A 139 12.95 17.00 -4.80
CA PRO A 139 12.08 18.10 -4.39
C PRO A 139 11.56 18.85 -5.60
N MET A 140 10.27 19.15 -5.61
CA MET A 140 9.62 19.68 -6.79
C MET A 140 9.01 21.04 -6.53
N ASP A 141 9.14 21.92 -7.53
CA ASP A 141 8.45 23.19 -7.51
C ASP A 141 7.26 23.01 -8.43
N LEU A 142 6.06 23.11 -7.86
CA LEU A 142 4.84 22.89 -8.63
C LEU A 142 4.11 24.18 -9.00
N LYS A 143 4.80 25.31 -8.90
CA LYS A 143 4.21 26.62 -9.24
C LYS A 143 3.46 26.58 -10.57
N ASN A 144 4.10 26.04 -11.61
CA ASN A 144 3.50 26.03 -12.95
C ASN A 144 2.83 24.71 -13.35
N PHE A 145 2.44 23.92 -12.37
CA PHE A 145 1.81 22.62 -12.63
C PHE A 145 0.43 22.83 -13.27
N PRO A 146 0.09 22.12 -14.34
CA PRO A 146 0.85 21.00 -14.89
C PRO A 146 1.63 21.35 -16.17
N MET A 147 2.11 22.59 -16.26
CA MET A 147 3.01 22.98 -17.35
C MET A 147 4.40 23.20 -16.78
N ASP A 148 4.75 22.37 -15.81
CA ASP A 148 5.98 22.53 -15.03
C ASP A 148 7.09 21.69 -15.60
N VAL A 149 8.30 21.98 -15.17
CA VAL A 149 9.48 21.21 -15.56
C VAL A 149 10.34 21.00 -14.30
N GLN A 150 10.70 19.76 -14.03
CA GLN A 150 11.38 19.43 -12.78
C GLN A 150 12.81 19.05 -13.05
N THR A 151 13.67 19.36 -12.08
CA THR A 151 15.06 18.95 -12.14
C THR A 151 15.30 17.96 -11.02
N CYS A 152 15.43 16.69 -11.39
CA CYS A 152 15.74 15.64 -10.42
C CYS A 152 17.23 15.34 -10.45
N ILE A 153 17.82 15.19 -9.26
CA ILE A 153 19.27 15.00 -9.17
C ILE A 153 19.69 13.63 -8.64
N MET A 154 20.98 13.38 -8.67
CA MET A 154 21.56 12.13 -8.22
C MET A 154 22.98 12.42 -7.81
N GLN A 155 23.27 12.24 -6.52
CA GLN A 155 24.56 12.59 -5.96
C GLN A 155 25.37 11.36 -5.58
N LEU A 156 26.56 11.25 -6.16
CA LEU A 156 27.50 10.17 -5.85
C LEU A 156 28.54 10.72 -4.89
N GLU A 157 28.64 10.12 -3.70
CA GLU A 157 29.43 10.68 -2.61
C GLU A 157 30.22 9.59 -1.89
N SER A 158 31.35 9.97 -1.30
CA SER A 158 32.06 9.08 -0.39
C SER A 158 31.58 9.27 1.05
N PHE A 159 31.42 8.17 1.77
CA PHE A 159 30.96 8.25 3.14
C PHE A 159 32.08 8.43 4.16
N GLY A 160 33.20 7.77 3.93
CA GLY A 160 34.29 7.74 4.90
C GLY A 160 35.59 8.36 4.46
N TYR A 161 35.80 8.53 3.16
CA TYR A 161 37.05 9.07 2.65
C TYR A 161 36.95 10.58 2.40
N THR A 162 37.83 11.33 3.06
CA THR A 162 37.96 12.76 2.82
C THR A 162 38.66 13.02 1.48
N MET A 163 38.56 14.26 1.01
CA MET A 163 39.06 14.66 -0.32
C MET A 163 40.53 14.38 -0.58
N ASN A 164 41.33 14.28 0.49
CA ASN A 164 42.75 13.97 0.34
C ASN A 164 43.04 12.48 0.10
N ASP A 165 42.06 11.63 0.38
CA ASP A 165 42.22 10.18 0.17
C ASP A 165 41.43 9.64 -1.03
N LEU A 166 40.29 10.24 -1.34
CA LEU A 166 39.41 9.74 -2.40
C LEU A 166 38.65 10.87 -3.07
N ILE A 167 38.69 10.89 -4.41
CA ILE A 167 38.05 11.91 -5.21
C ILE A 167 37.23 11.25 -6.33
N PHE A 168 35.97 11.69 -6.48
CA PHE A 168 35.15 11.25 -7.60
C PHE A 168 35.15 12.27 -8.73
N GLU A 169 34.86 11.77 -9.93
CA GLU A 169 34.89 12.55 -11.15
C GLU A 169 34.06 11.81 -12.21
N TRP A 170 33.33 12.55 -13.05
CA TRP A 170 32.57 11.92 -14.14
C TRP A 170 33.51 11.61 -15.29
N GLN A 171 33.17 10.59 -16.07
CA GLN A 171 33.86 10.33 -17.33
C GLN A 171 33.78 11.54 -18.26
N ASP A 172 34.83 11.79 -19.04
CA ASP A 172 34.78 12.86 -20.04
C ASP A 172 33.81 12.49 -21.13
N GLU A 173 34.01 11.31 -21.74
CA GLU A 173 33.14 10.85 -22.83
C GLU A 173 31.97 10.03 -22.28
N ALA A 174 30.75 10.49 -22.56
CA ALA A 174 29.53 9.72 -22.30
C ALA A 174 29.39 9.22 -20.86
N PRO A 175 29.32 10.15 -19.89
CA PRO A 175 29.18 9.76 -18.48
C PRO A 175 27.83 9.13 -18.14
N VAL A 176 26.75 9.65 -18.73
CA VAL A 176 25.42 9.14 -18.44
C VAL A 176 24.75 8.65 -19.73
N GLN A 177 24.65 7.34 -19.88
CA GLN A 177 23.99 6.74 -21.03
C GLN A 177 22.61 6.27 -20.64
N VAL A 178 21.66 6.34 -21.57
CA VAL A 178 20.28 5.94 -21.33
C VAL A 178 19.90 4.88 -22.34
N ALA A 179 19.18 3.85 -21.88
CA ALA A 179 18.81 2.74 -22.74
C ALA A 179 17.95 3.22 -23.89
N GLU A 180 18.11 2.57 -25.05
CA GLU A 180 17.39 2.97 -26.27
C GLU A 180 15.88 2.74 -26.11
N GLY A 181 15.10 3.70 -26.56
CA GLY A 181 13.63 3.61 -26.51
C GLY A 181 13.02 3.69 -25.12
N LEU A 182 13.76 4.24 -24.17
CA LEU A 182 13.27 4.40 -22.81
C LEU A 182 12.31 5.57 -22.78
N THR A 183 11.05 5.32 -22.42
CA THR A 183 10.05 6.38 -22.36
C THR A 183 9.40 6.49 -20.98
N LEU A 184 8.95 7.69 -20.66
CA LEU A 184 8.19 7.96 -19.45
C LEU A 184 6.81 8.40 -19.90
N PRO A 185 5.75 7.90 -19.24
CA PRO A 185 4.40 8.22 -19.74
C PRO A 185 3.91 9.64 -19.41
N GLN A 186 4.45 10.23 -18.35
CA GLN A 186 4.04 11.56 -17.89
C GLN A 186 4.99 12.68 -18.31
N PHE A 187 6.25 12.34 -18.56
CA PHE A 187 7.30 13.33 -18.79
C PHE A 187 8.10 13.03 -20.05
N LEU A 188 8.92 14.00 -20.43
CA LEU A 188 9.97 13.80 -21.43
C LEU A 188 11.28 13.95 -20.71
N LEU A 189 12.19 12.99 -20.90
CA LEU A 189 13.53 13.09 -20.32
C LEU A 189 14.43 13.84 -21.30
N LYS A 190 14.84 15.05 -20.92
CA LYS A 190 15.62 15.88 -21.83
C LYS A 190 17.03 15.31 -22.01
N GLU A 191 17.51 15.38 -23.26
CA GLU A 191 18.81 14.84 -23.66
C GLU A 191 19.96 15.43 -22.85
N GLU A 192 19.89 16.72 -22.54
CA GLU A 192 20.95 17.40 -21.79
C GLU A 192 20.87 17.05 -20.30
N LYS A 193 21.96 16.49 -19.78
CA LYS A 193 22.09 16.26 -18.34
C LYS A 193 23.20 17.16 -17.82
N ASP A 194 22.93 17.93 -16.77
CA ASP A 194 23.97 18.77 -16.18
C ASP A 194 24.81 17.90 -15.26
N LEU A 195 26.12 18.07 -15.33
CA LEU A 195 27.04 17.43 -14.40
C LEU A 195 27.67 18.52 -13.56
N ARG A 196 27.81 18.30 -12.27
CA ARG A 196 28.51 19.26 -11.41
C ARG A 196 29.04 18.62 -10.15
N TYR A 197 29.82 19.38 -9.39
CA TYR A 197 30.33 18.95 -8.10
C TYR A 197 29.43 19.39 -6.94
N CYS A 198 29.13 18.47 -6.04
CA CYS A 198 28.31 18.74 -4.86
C CYS A 198 29.13 18.72 -3.56
N THR A 199 30.45 18.84 -3.69
CA THR A 199 31.38 18.60 -2.58
C THR A 199 30.88 19.06 -1.22
N LYS A 200 30.76 18.11 -0.29
CA LYS A 200 30.14 18.35 1.00
C LYS A 200 31.17 18.69 2.05
N HIS A 201 30.81 19.59 2.96
CA HIS A 201 31.59 19.86 4.16
C HIS A 201 30.70 19.59 5.36
N TYR A 202 31.04 18.60 6.17
CA TYR A 202 30.34 18.33 7.42
C TYR A 202 31.31 18.57 8.56
N ASN A 203 30.88 18.41 9.82
CA ASN A 203 31.81 18.51 10.94
C ASN A 203 32.84 17.38 10.97
N THR A 204 32.55 16.31 10.23
CA THR A 204 33.46 15.19 10.11
C THR A 204 34.49 15.38 9.00
N GLY A 205 34.33 16.40 8.17
CA GLY A 205 35.32 16.71 7.15
C GLY A 205 34.73 17.12 5.82
N LYS A 206 35.59 17.15 4.81
CA LYS A 206 35.23 17.54 3.45
C LYS A 206 35.24 16.29 2.59
N PHE A 207 34.10 15.95 2.00
CA PHE A 207 33.93 14.69 1.31
C PHE A 207 33.59 14.91 -0.16
N THR A 208 34.22 14.14 -1.05
CA THR A 208 33.95 14.21 -2.48
C THR A 208 32.49 13.89 -2.82
N CYS A 209 31.96 14.59 -3.81
CA CYS A 209 30.59 14.39 -4.25
C CYS A 209 30.44 14.96 -5.65
N ILE A 210 29.88 14.17 -6.56
CA ILE A 210 29.58 14.62 -7.91
C ILE A 210 28.13 14.32 -8.19
N GLU A 211 27.56 15.11 -9.09
CA GLU A 211 26.11 15.20 -9.24
C GLU A 211 25.74 15.14 -10.71
N VAL A 212 24.57 14.59 -11.01
CA VAL A 212 24.00 14.68 -12.35
C VAL A 212 22.55 15.13 -12.20
N ARG A 213 22.16 16.12 -12.99
CA ARG A 213 20.82 16.67 -12.95
C ARG A 213 20.06 16.29 -14.20
N PHE A 214 18.95 15.58 -14.02
CA PHE A 214 18.05 15.25 -15.13
C PHE A 214 16.98 16.32 -15.22
N HIS A 215 16.58 16.66 -16.44
CA HIS A 215 15.49 17.62 -16.65
C HIS A 215 14.25 16.91 -17.18
N LEU A 216 13.16 16.99 -16.40
CA LEU A 216 11.91 16.30 -16.72
C LEU A 216 10.82 17.31 -17.02
N GLU A 217 10.43 17.37 -18.29
CA GLU A 217 9.38 18.27 -18.74
C GLU A 217 8.09 17.46 -18.76
N ARG A 218 7.08 17.95 -18.04
CA ARG A 218 5.80 17.23 -17.92
C ARG A 218 4.99 17.38 -19.20
N GLN A 219 4.43 16.27 -19.66
CA GLN A 219 3.59 16.26 -20.85
C GLN A 219 2.20 16.81 -20.53
N MET A 220 1.74 17.73 -21.38
CA MET A 220 0.52 18.49 -21.15
C MET A 220 -0.77 17.71 -21.47
N GLY A 221 -0.67 16.75 -22.38
CA GLY A 221 -1.85 16.12 -23.01
C GLY A 221 -2.92 15.59 -22.08
N TYR A 222 -2.52 14.80 -21.10
CA TYR A 222 -3.45 14.21 -20.12
C TYR A 222 -4.34 15.28 -19.48
N TYR A 223 -3.73 16.42 -19.14
CA TYR A 223 -4.41 17.45 -18.37
C TYR A 223 -5.44 18.21 -19.20
N LEU A 224 -5.27 18.24 -20.52
CA LEU A 224 -6.34 18.73 -21.40
C LEU A 224 -7.50 17.76 -21.31
N ILE A 225 -7.21 16.49 -21.54
CA ILE A 225 -8.22 15.41 -21.52
C ILE A 225 -8.97 15.32 -20.18
N GLN A 226 -8.26 15.48 -19.08
CA GLN A 226 -8.81 15.19 -17.77
C GLN A 226 -9.26 16.44 -17.00
N MET A 227 -8.67 17.58 -17.30
CA MET A 227 -8.76 18.75 -16.43
C MET A 227 -9.25 20.01 -17.17
N TYR A 228 -8.56 20.37 -18.26
CA TYR A 228 -8.83 21.62 -18.97
C TYR A 228 -10.06 21.59 -19.88
N ILE A 229 -10.23 20.52 -20.66
CA ILE A 229 -11.41 20.36 -21.54
C ILE A 229 -12.71 20.15 -20.76
N PRO A 230 -12.73 19.20 -19.80
CA PRO A 230 -13.94 19.05 -19.00
C PRO A 230 -14.31 20.25 -18.11
N SER A 231 -13.40 21.20 -17.95
CA SER A 231 -13.72 22.48 -17.26
C SER A 231 -14.28 23.53 -18.22
N LEU A 232 -13.75 23.58 -19.45
CA LEU A 232 -14.33 24.43 -20.52
C LEU A 232 -15.78 24.05 -20.74
N LEU A 233 -16.02 22.74 -20.69
CA LEU A 233 -17.33 22.16 -20.90
C LEU A 233 -18.33 22.56 -19.81
N ILE A 234 -17.86 22.77 -18.58
CA ILE A 234 -18.71 23.24 -17.48
C ILE A 234 -18.96 24.75 -17.58
N VAL A 235 -17.95 25.49 -18.05
CA VAL A 235 -18.09 26.94 -18.28
C VAL A 235 -19.04 27.22 -19.45
N ILE A 236 -18.91 26.45 -20.52
CA ILE A 236 -19.83 26.57 -21.68
C ILE A 236 -21.26 26.17 -21.28
N LEU A 237 -21.39 25.21 -20.37
CA LEU A 237 -22.70 24.80 -19.86
C LEU A 237 -23.37 25.94 -19.07
N SER A 238 -22.58 26.68 -18.29
CA SER A 238 -23.12 27.82 -17.54
C SER A 238 -23.74 28.90 -18.46
N TRP A 239 -23.24 28.99 -19.68
CA TRP A 239 -23.69 29.99 -20.65
C TRP A 239 -25.04 29.67 -21.31
N VAL A 240 -25.49 28.42 -21.26
CA VAL A 240 -26.77 28.06 -21.89
C VAL A 240 -27.95 28.60 -21.09
N SER A 241 -27.70 28.99 -19.83
CA SER A 241 -28.68 29.68 -19.00
C SER A 241 -29.22 30.98 -19.63
N PHE A 242 -28.38 31.67 -20.40
CA PHE A 242 -28.76 32.98 -20.97
C PHE A 242 -29.72 32.89 -22.15
N TRP A 243 -29.77 31.72 -22.80
CA TRP A 243 -30.71 31.47 -23.88
C TRP A 243 -32.03 30.88 -23.34
N ILE A 244 -32.06 30.60 -22.04
CA ILE A 244 -33.26 30.06 -21.38
C ILE A 244 -34.13 31.19 -20.85
N ASN A 245 -35.45 30.99 -20.99
CA ASN A 245 -36.49 31.93 -20.56
C ASN A 245 -36.30 32.38 -19.10
N MET A 246 -36.44 33.66 -18.85
CA MET A 246 -36.19 34.22 -17.50
C MET A 246 -37.23 33.77 -16.46
N ASP A 247 -38.45 33.47 -16.91
CA ASP A 247 -39.52 33.00 -16.02
C ASP A 247 -39.19 31.65 -15.36
N ALA A 248 -38.43 30.81 -16.06
CA ALA A 248 -38.04 29.49 -15.55
C ALA A 248 -36.92 29.60 -14.50
N ALA A 249 -37.30 29.98 -13.28
CA ALA A 249 -36.35 30.15 -12.18
C ALA A 249 -35.66 28.85 -11.76
N PRO A 250 -36.45 27.79 -11.49
CA PRO A 250 -35.80 26.55 -11.03
C PRO A 250 -34.77 25.99 -12.03
N ALA A 251 -35.06 26.11 -13.32
CA ALA A 251 -34.19 25.62 -14.38
C ALA A 251 -32.86 26.38 -14.44
N ARG A 252 -32.95 27.71 -14.50
CA ARG A 252 -31.77 28.57 -14.57
C ARG A 252 -30.94 28.50 -13.29
N VAL A 253 -31.61 28.41 -12.14
CA VAL A 253 -30.94 28.32 -10.84
C VAL A 253 -30.25 26.97 -10.68
N ALA A 254 -31.00 25.88 -10.90
CA ALA A 254 -30.44 24.53 -10.85
C ALA A 254 -29.21 24.41 -11.76
N LEU A 255 -29.34 24.92 -12.98
CA LEU A 255 -28.26 24.96 -13.97
C LEU A 255 -27.09 25.81 -13.45
N GLY A 256 -27.40 26.89 -12.75
CA GLY A 256 -26.38 27.73 -12.13
C GLY A 256 -25.71 27.08 -10.94
N ILE A 257 -26.47 26.33 -10.14
CA ILE A 257 -25.93 25.65 -8.96
C ILE A 257 -25.04 24.47 -9.33
N THR A 258 -25.61 23.55 -10.10
CA THR A 258 -24.93 22.32 -10.51
C THR A 258 -23.57 22.62 -11.11
N THR A 259 -23.50 23.65 -11.96
CA THR A 259 -22.23 24.05 -12.58
C THR A 259 -21.22 24.57 -11.56
N VAL A 260 -21.68 25.23 -10.50
CA VAL A 260 -20.78 25.73 -9.45
C VAL A 260 -20.23 24.59 -8.57
N LEU A 261 -21.09 23.63 -8.23
CA LEU A 261 -20.68 22.50 -7.38
C LEU A 261 -19.79 21.51 -8.12
N THR A 262 -20.10 21.26 -9.39
CA THR A 262 -19.24 20.48 -10.26
C THR A 262 -17.87 21.16 -10.35
N MET A 263 -17.86 22.48 -10.41
CA MET A 263 -16.61 23.23 -10.54
C MET A 263 -15.80 23.28 -9.25
N THR A 264 -16.41 23.02 -8.09
CA THR A 264 -15.67 22.93 -6.81
C THR A 264 -15.05 21.55 -6.61
N THR A 265 -15.77 20.50 -6.99
CA THR A 265 -15.23 19.14 -6.96
C THR A 265 -14.16 18.97 -8.04
N GLN A 266 -14.41 19.57 -9.21
CA GLN A 266 -13.43 19.64 -10.29
C GLN A 266 -12.13 20.30 -9.81
N SER A 267 -12.27 21.34 -8.98
CA SER A 267 -11.14 22.10 -8.45
C SER A 267 -10.35 21.33 -7.40
N SER A 268 -11.05 20.70 -6.46
CA SER A 268 -10.38 19.90 -5.41
C SER A 268 -9.83 18.59 -5.97
N GLY A 269 -10.50 18.03 -6.97
CA GLY A 269 -10.04 16.82 -7.64
C GLY A 269 -8.77 16.99 -8.47
N SER A 270 -8.43 18.24 -8.82
CA SER A 270 -7.22 18.53 -9.59
C SER A 270 -5.95 18.52 -8.75
N ARG A 271 -6.10 18.69 -7.43
CA ARG A 271 -4.98 18.60 -6.49
C ARG A 271 -4.85 17.23 -5.81
N ALA A 272 -5.71 16.28 -6.18
CA ALA A 272 -5.88 15.04 -5.42
C ALA A 272 -4.71 14.06 -5.52
N SER A 273 -3.85 14.22 -6.52
CA SER A 273 -2.67 13.38 -6.67
C SER A 273 -1.35 14.14 -6.42
N LEU A 274 -1.42 15.18 -5.60
CA LEU A 274 -0.30 16.09 -5.38
C LEU A 274 -0.07 16.22 -3.89
N PRO A 275 1.16 16.63 -3.50
CA PRO A 275 1.39 16.92 -2.10
C PRO A 275 0.66 18.20 -1.69
N LYS A 276 0.42 18.37 -0.40
CA LYS A 276 -0.38 19.51 0.07
C LYS A 276 0.50 20.74 0.26
N VAL A 277 1.08 21.20 -0.84
CA VAL A 277 1.91 22.39 -0.84
C VAL A 277 1.01 23.57 -0.53
N SER A 278 1.60 24.59 0.10
CA SER A 278 0.84 25.73 0.58
C SER A 278 1.06 26.97 -0.30
N TYR A 279 1.12 26.77 -1.61
CA TYR A 279 1.26 27.87 -2.57
C TYR A 279 0.35 27.65 -3.79
N VAL A 280 0.10 28.73 -4.53
CA VAL A 280 -0.83 28.69 -5.65
C VAL A 280 -0.19 28.13 -6.91
N LYS A 281 -0.79 27.10 -7.47
CA LYS A 281 -0.30 26.48 -8.70
C LYS A 281 -1.06 27.01 -9.92
N ALA A 282 -0.51 26.78 -11.11
CA ALA A 282 -1.12 27.25 -12.36
C ALA A 282 -2.50 26.65 -12.61
N ILE A 283 -2.71 25.42 -12.14
CA ILE A 283 -4.00 24.76 -12.25
C ILE A 283 -5.01 25.36 -11.24
N ASP A 284 -4.52 25.85 -10.11
CA ASP A 284 -5.36 26.51 -9.11
C ASP A 284 -5.92 27.83 -9.65
N ILE A 285 -5.09 28.56 -10.39
CA ILE A 285 -5.51 29.80 -11.04
C ILE A 285 -6.66 29.49 -11.99
N TRP A 286 -6.43 28.57 -12.92
CA TRP A 286 -7.44 28.19 -13.92
C TRP A 286 -8.77 27.76 -13.31
N MET A 287 -8.70 26.94 -12.27
CA MET A 287 -9.92 26.46 -11.60
C MET A 287 -10.62 27.57 -10.83
N ALA A 288 -9.86 28.53 -10.33
CA ALA A 288 -10.43 29.69 -9.63
C ALA A 288 -11.08 30.68 -10.60
N VAL A 289 -10.43 30.95 -11.73
CA VAL A 289 -10.99 31.79 -12.75
C VAL A 289 -12.21 31.10 -13.37
N CYS A 290 -12.13 29.78 -13.59
CA CYS A 290 -13.28 29.01 -14.07
C CYS A 290 -14.42 28.96 -13.06
N LEU A 291 -14.09 29.14 -11.78
CA LEU A 291 -15.11 29.19 -10.75
C LEU A 291 -15.86 30.51 -10.76
N LEU A 292 -15.15 31.60 -11.05
CA LEU A 292 -15.78 32.93 -11.18
C LEU A 292 -16.72 33.02 -12.38
N PHE A 293 -16.26 32.56 -13.55
CA PHE A 293 -17.07 32.64 -14.78
C PHE A 293 -18.36 31.82 -14.71
N VAL A 294 -18.37 30.80 -13.86
CA VAL A 294 -19.56 29.98 -13.60
C VAL A 294 -20.41 30.60 -12.47
N PHE A 295 -19.74 31.11 -11.45
CA PHE A 295 -20.39 31.71 -10.29
C PHE A 295 -21.02 33.07 -10.65
N SER A 296 -20.40 33.78 -11.59
CA SER A 296 -20.95 35.04 -12.10
C SER A 296 -22.21 34.79 -12.91
N ALA A 297 -22.25 33.68 -13.64
CA ALA A 297 -23.43 33.30 -14.43
C ALA A 297 -24.68 33.14 -13.56
N LEU A 298 -24.51 32.66 -12.32
CA LEU A 298 -25.63 32.54 -11.39
C LEU A 298 -26.00 33.89 -10.79
N LEU A 299 -24.98 34.69 -10.43
CA LEU A 299 -25.19 36.07 -9.99
C LEU A 299 -25.84 36.93 -11.08
N GLU A 300 -25.56 36.58 -12.34
CA GLU A 300 -26.20 37.23 -13.48
C GLU A 300 -27.71 36.99 -13.41
N TYR A 301 -28.13 35.76 -13.11
CA TYR A 301 -29.56 35.48 -12.98
C TYR A 301 -30.18 36.05 -11.71
N ALA A 302 -29.40 36.14 -10.63
CA ALA A 302 -29.85 36.84 -9.42
C ALA A 302 -30.27 38.27 -9.78
N ALA A 303 -29.48 38.92 -10.62
CA ALA A 303 -29.78 40.26 -11.11
C ALA A 303 -31.02 40.28 -12.02
N VAL A 304 -31.09 39.33 -12.95
CA VAL A 304 -32.23 39.23 -13.88
C VAL A 304 -33.52 38.94 -13.15
N ASN A 305 -33.47 38.08 -12.15
CA ASN A 305 -34.64 37.74 -11.35
C ASN A 305 -35.07 38.87 -10.44
N PHE A 306 -34.11 39.64 -9.93
CA PHE A 306 -34.39 40.70 -8.97
C PHE A 306 -34.93 41.99 -9.60
N VAL A 307 -34.37 42.40 -10.74
CA VAL A 307 -34.85 43.62 -11.42
C VAL A 307 -36.20 43.41 -12.11
N SER A 308 -36.57 42.15 -12.35
CA SER A 308 -37.83 41.81 -13.02
C SER A 308 -38.97 41.45 -12.05
N ARG A 309 -38.82 41.77 -10.76
CA ARG A 309 -39.81 41.43 -9.74
C ARG A 309 -41.24 41.77 -10.15
N ALA A 310 -41.53 43.05 -10.35
CA ALA A 310 -42.81 43.49 -10.88
C ALA A 310 -42.88 43.13 -12.36
N GLY A 311 -44.06 42.72 -12.82
CA GLY A 311 -44.22 42.24 -14.20
C GLY A 311 -44.26 43.31 -15.29
N THR A 312 -43.98 44.56 -14.92
CA THR A 312 -44.11 45.68 -15.85
C THR A 312 -43.13 45.59 -17.03
N LYS A 313 -43.57 46.10 -18.18
CA LYS A 313 -42.81 46.01 -19.44
C LYS A 313 -41.40 46.60 -19.34
N VAL A 314 -41.29 47.73 -18.64
CA VAL A 314 -40.00 48.44 -18.50
C VAL A 314 -38.90 47.58 -17.86
N PHE A 315 -39.26 46.79 -16.85
CA PHE A 315 -38.29 45.98 -16.10
C PHE A 315 -38.00 44.62 -16.74
N ILE A 316 -39.01 44.02 -17.36
CA ILE A 316 -38.84 42.75 -18.08
C ILE A 316 -37.89 42.94 -19.26
N ASP A 317 -37.98 44.11 -19.91
CA ASP A 317 -37.06 44.49 -20.99
C ASP A 317 -35.69 44.93 -20.45
N ARG A 318 -35.68 45.55 -19.27
CA ARG A 318 -34.44 45.89 -18.58
C ARG A 318 -33.64 44.63 -18.20
N ALA A 319 -34.36 43.64 -17.66
CA ALA A 319 -33.80 42.33 -17.37
C ALA A 319 -33.39 41.61 -18.66
N LYS A 320 -34.21 41.76 -19.70
CA LYS A 320 -33.90 41.24 -21.03
C LYS A 320 -32.55 41.74 -21.53
N LYS A 321 -32.29 43.03 -21.34
CA LYS A 321 -31.03 43.66 -21.76
C LYS A 321 -29.79 42.92 -21.22
N ILE A 322 -29.86 42.47 -19.98
CA ILE A 322 -28.70 41.85 -19.32
C ILE A 322 -28.25 40.58 -20.03
N ASP A 323 -29.20 39.70 -20.36
CA ASP A 323 -28.90 38.42 -21.01
C ASP A 323 -28.32 38.56 -22.42
N THR A 324 -28.87 39.51 -23.20
CA THR A 324 -28.39 39.77 -24.55
C THR A 324 -26.98 40.36 -24.56
N ILE A 325 -26.61 41.02 -23.46
CA ILE A 325 -25.23 41.46 -23.24
C ILE A 325 -24.36 40.28 -22.76
N SER A 326 -24.87 39.52 -21.80
CA SER A 326 -24.14 38.39 -21.22
C SER A 326 -23.87 37.25 -22.21
N ARG A 327 -24.77 37.07 -23.17
CA ARG A 327 -24.58 36.08 -24.23
C ARG A 327 -23.35 36.35 -25.09
N ALA A 328 -22.99 37.62 -25.25
CA ALA A 328 -21.80 38.02 -25.99
C ALA A 328 -20.60 38.34 -25.08
N CYS A 329 -20.85 38.80 -23.85
CA CYS A 329 -19.78 39.24 -22.95
C CYS A 329 -18.95 38.13 -22.33
N PHE A 330 -19.61 37.10 -21.81
CA PHE A 330 -18.91 36.04 -21.09
C PHE A 330 -18.03 35.18 -22.01
N PRO A 331 -18.60 34.65 -23.13
CA PRO A 331 -17.73 33.96 -24.08
C PRO A 331 -16.55 34.80 -24.56
N LEU A 332 -16.77 36.10 -24.75
CA LEU A 332 -15.71 37.03 -25.12
C LEU A 332 -14.70 37.21 -23.99
N ALA A 333 -15.20 37.41 -22.77
CA ALA A 333 -14.33 37.62 -21.60
C ALA A 333 -13.48 36.39 -21.27
N PHE A 334 -14.07 35.21 -21.47
CA PHE A 334 -13.38 33.93 -21.25
C PHE A 334 -12.32 33.69 -22.33
N LEU A 335 -12.63 34.08 -23.57
CA LEU A 335 -11.67 34.00 -24.67
C LEU A 335 -10.49 34.94 -24.41
N ILE A 336 -10.78 36.13 -23.89
CA ILE A 336 -9.74 37.09 -23.51
C ILE A 336 -8.87 36.55 -22.37
N PHE A 337 -9.46 35.77 -21.45
CA PHE A 337 -8.71 35.18 -20.34
C PHE A 337 -7.74 34.08 -20.82
N ASN A 338 -8.20 33.22 -21.73
CA ASN A 338 -7.37 32.14 -22.27
C ASN A 338 -6.20 32.67 -23.10
N ILE A 339 -6.43 33.74 -23.85
CA ILE A 339 -5.34 34.43 -24.55
C ILE A 339 -4.24 34.74 -23.55
N PHE A 340 -4.60 35.39 -22.44
CA PHE A 340 -3.64 35.74 -21.39
C PHE A 340 -3.01 34.50 -20.77
N TYR A 341 -3.85 33.63 -20.24
CA TYR A 341 -3.42 32.44 -19.48
C TYR A 341 -2.40 31.59 -20.24
N TRP A 342 -2.79 31.11 -21.42
CA TRP A 342 -1.94 30.22 -22.20
C TRP A 342 -0.65 30.90 -22.68
N VAL A 343 -0.74 32.15 -23.09
CA VAL A 343 0.45 32.89 -23.54
C VAL A 343 1.44 33.12 -22.40
N ILE A 344 0.93 33.30 -21.17
CA ILE A 344 1.81 33.46 -20.00
C ILE A 344 2.63 32.20 -19.73
N TYR A 345 2.01 31.04 -19.82
CA TYR A 345 2.69 29.77 -19.49
C TYR A 345 3.38 29.13 -20.70
N MET B 8 25.57 -42.34 28.15
CA MET B 8 26.34 -41.50 27.17
C MET B 8 25.89 -40.04 27.20
N SER B 9 26.84 -39.11 27.21
CA SER B 9 26.50 -37.69 27.29
C SER B 9 25.79 -37.24 26.03
N PRO B 10 24.85 -36.30 26.14
CA PRO B 10 24.18 -35.88 24.93
C PRO B 10 25.16 -35.34 23.88
N SER B 11 26.12 -34.53 24.32
CA SER B 11 27.08 -33.94 23.42
C SER B 11 27.75 -35.02 22.58
N ASP B 12 28.27 -36.05 23.26
CA ASP B 12 28.92 -37.18 22.58
C ASP B 12 27.95 -37.95 21.69
N PHE B 13 26.73 -38.15 22.16
CA PHE B 13 25.72 -38.90 21.40
C PHE B 13 25.37 -38.24 20.07
N LEU B 14 25.21 -36.91 20.08
CA LEU B 14 24.92 -36.17 18.87
C LEU B 14 26.11 -36.20 17.92
N ASP B 15 27.32 -36.14 18.47
CA ASP B 15 28.50 -36.21 17.62
C ASP B 15 28.61 -37.49 16.87
N LYS B 16 28.19 -38.60 17.49
CA LYS B 16 28.34 -39.92 16.91
C LYS B 16 27.17 -40.25 15.98
N LEU B 17 26.06 -39.54 16.12
CA LEU B 17 24.85 -39.83 15.35
C LEU B 17 24.77 -39.02 14.05
N MET B 18 25.14 -37.75 14.14
CA MET B 18 25.07 -36.82 13.01
C MET B 18 26.20 -35.77 12.96
N GLY B 19 27.12 -35.78 13.92
CA GLY B 19 28.17 -34.76 14.01
C GLY B 19 29.51 -35.21 13.43
N ARG B 20 30.59 -34.60 13.91
CA ARG B 20 31.95 -34.83 13.37
C ARG B 20 32.30 -36.32 13.19
N THR B 21 32.25 -37.07 14.29
CA THR B 21 32.65 -38.47 14.29
C THR B 21 31.61 -39.43 13.69
N SER B 22 30.46 -38.91 13.24
CA SER B 22 29.34 -39.74 12.82
C SER B 22 29.51 -40.30 11.42
N GLY B 23 30.13 -39.54 10.54
CA GLY B 23 30.22 -39.90 9.13
C GLY B 23 28.90 -39.74 8.40
N TYR B 24 27.95 -39.05 9.04
CA TYR B 24 26.66 -38.78 8.45
C TYR B 24 26.84 -37.77 7.34
N ASP B 25 26.16 -37.95 6.21
CA ASP B 25 26.22 -36.99 5.10
C ASP B 25 24.81 -36.60 4.69
N ALA B 26 24.41 -35.38 5.03
CA ALA B 26 23.05 -34.93 4.75
C ALA B 26 22.79 -34.68 3.27
N ARG B 27 23.81 -34.84 2.43
CA ARG B 27 23.63 -34.73 0.99
C ARG B 27 23.10 -36.03 0.38
N ILE B 28 22.96 -37.05 1.21
CA ILE B 28 22.54 -38.36 0.77
C ILE B 28 21.25 -38.70 1.47
N ARG B 29 20.23 -39.09 0.70
CA ARG B 29 18.93 -39.41 1.27
C ARG B 29 18.98 -40.73 2.01
N PRO B 30 18.00 -40.99 2.88
CA PRO B 30 17.79 -42.30 3.48
C PRO B 30 17.54 -43.36 2.42
N ASN B 31 18.05 -44.58 2.65
CA ASN B 31 17.86 -45.68 1.71
C ASN B 31 18.22 -45.24 0.30
N PHE B 32 19.40 -44.63 0.20
CA PHE B 32 19.82 -43.92 -1.01
C PHE B 32 19.87 -44.79 -2.27
N LYS B 33 20.43 -45.99 -2.16
CA LYS B 33 20.42 -46.89 -3.30
C LYS B 33 19.12 -47.65 -3.44
N GLY B 34 18.22 -47.50 -2.47
CA GLY B 34 16.99 -48.29 -2.40
C GLY B 34 15.77 -47.62 -2.99
N PRO B 35 14.58 -47.90 -2.41
CA PRO B 35 13.30 -47.33 -2.86
C PRO B 35 13.12 -45.89 -2.34
N PRO B 36 12.03 -45.21 -2.76
CA PRO B 36 11.90 -43.81 -2.42
C PRO B 36 11.62 -43.58 -0.96
N VAL B 37 11.94 -42.39 -0.46
CA VAL B 37 11.67 -42.03 0.91
C VAL B 37 10.21 -41.65 0.99
N ASN B 38 9.49 -42.24 1.94
CA ASN B 38 8.08 -41.93 2.15
C ASN B 38 7.93 -40.85 3.20
N VAL B 39 7.55 -39.66 2.76
CA VAL B 39 7.32 -38.56 3.69
C VAL B 39 5.83 -38.42 3.93
N THR B 40 5.43 -38.51 5.20
CA THR B 40 4.04 -38.41 5.60
C THR B 40 3.81 -37.02 6.15
N CYS B 41 2.93 -36.28 5.49
CA CYS B 41 2.67 -34.88 5.83
C CYS B 41 1.36 -34.71 6.59
N ASN B 42 1.33 -33.71 7.45
CA ASN B 42 0.09 -33.21 8.04
C ASN B 42 0.28 -31.74 8.42
N ILE B 43 -0.78 -30.94 8.30
CA ILE B 43 -0.68 -29.52 8.62
C ILE B 43 -1.67 -29.16 9.72
N PHE B 44 -1.26 -28.26 10.60
CA PHE B 44 -2.15 -27.64 11.57
C PHE B 44 -2.34 -26.21 11.12
N ILE B 45 -3.59 -25.80 10.92
CA ILE B 45 -3.87 -24.45 10.47
C ILE B 45 -4.10 -23.58 11.69
N ASN B 46 -3.09 -22.74 11.96
CA ASN B 46 -3.11 -21.82 13.08
C ASN B 46 -3.98 -20.62 12.78
N SER B 47 -4.10 -20.29 11.49
CA SER B 47 -4.79 -19.08 11.05
C SER B 47 -5.07 -19.16 9.56
N PHE B 48 -6.14 -18.49 9.13
CA PHE B 48 -6.65 -18.62 7.78
C PHE B 48 -7.38 -17.33 7.46
N GLY B 49 -6.92 -16.58 6.47
CA GLY B 49 -7.52 -15.30 6.18
C GLY B 49 -7.01 -14.59 4.93
N SER B 50 -7.11 -13.27 4.95
CA SER B 50 -6.71 -12.42 3.83
C SER B 50 -7.14 -13.01 2.49
N ILE B 51 -8.38 -13.50 2.43
CA ILE B 51 -8.93 -14.05 1.20
C ILE B 51 -9.30 -12.87 0.31
N ALA B 52 -8.58 -12.71 -0.80
CA ALA B 52 -8.74 -11.55 -1.65
C ALA B 52 -9.23 -11.94 -3.03
N GLU B 53 -10.37 -11.41 -3.41
CA GLU B 53 -10.91 -11.65 -4.74
C GLU B 53 -10.07 -10.92 -5.77
N THR B 54 -9.60 -9.72 -5.43
CA THR B 54 -8.90 -8.86 -6.38
C THR B 54 -7.60 -9.50 -6.83
N THR B 55 -6.78 -9.92 -5.87
CA THR B 55 -5.48 -10.55 -6.14
C THR B 55 -5.59 -12.07 -6.23
N MET B 56 -6.78 -12.61 -5.95
CA MET B 56 -7.10 -14.01 -6.27
C MET B 56 -6.17 -14.98 -5.53
N ASP B 57 -6.12 -14.83 -4.21
CA ASP B 57 -5.21 -15.58 -3.33
C ASP B 57 -5.70 -15.55 -1.87
N TYR B 58 -4.97 -16.20 -0.97
CA TYR B 58 -5.35 -16.22 0.44
C TYR B 58 -4.16 -16.58 1.30
N ARG B 59 -4.18 -16.13 2.55
CA ARG B 59 -3.04 -16.28 3.45
C ARG B 59 -3.33 -17.32 4.51
N VAL B 60 -2.28 -17.98 4.98
CA VAL B 60 -2.47 -19.05 5.93
C VAL B 60 -1.22 -19.15 6.81
N ASN B 61 -1.42 -19.44 8.10
CA ASN B 61 -0.29 -19.68 9.01
C ASN B 61 -0.43 -21.09 9.51
N ILE B 62 0.58 -21.92 9.25
CA ILE B 62 0.48 -23.34 9.54
C ILE B 62 1.67 -23.88 10.29
N PHE B 63 1.46 -25.02 10.97
CA PHE B 63 2.56 -25.87 11.34
C PHE B 63 2.58 -26.98 10.31
N LEU B 64 3.69 -27.10 9.59
CA LEU B 64 3.87 -28.15 8.60
C LEU B 64 4.67 -29.27 9.25
N ARG B 65 4.02 -30.40 9.49
CA ARG B 65 4.67 -31.58 10.04
C ARG B 65 5.04 -32.54 8.92
N GLN B 66 6.30 -32.96 8.93
CA GLN B 66 6.78 -34.00 8.01
C GLN B 66 7.34 -35.15 8.80
N LYS B 67 7.06 -36.37 8.34
CA LYS B 67 7.56 -37.57 8.99
C LYS B 67 8.16 -38.52 7.98
N TRP B 68 9.37 -38.99 8.25
CA TRP B 68 10.03 -39.98 7.41
C TRP B 68 11.02 -40.80 8.23
N ASN B 69 11.52 -41.88 7.64
CA ASN B 69 12.50 -42.72 8.32
C ASN B 69 13.91 -42.55 7.79
N ASP B 70 14.84 -42.35 8.71
CA ASP B 70 16.27 -42.29 8.38
C ASP B 70 16.99 -43.33 9.22
N PRO B 71 17.25 -44.51 8.64
CA PRO B 71 17.94 -45.55 9.40
C PRO B 71 19.22 -45.07 10.09
N ARG B 72 19.93 -44.12 9.48
CA ARG B 72 21.14 -43.58 10.08
C ARG B 72 20.91 -42.97 11.46
N LEU B 73 19.69 -42.53 11.73
CA LEU B 73 19.39 -41.81 12.96
C LEU B 73 18.78 -42.69 14.04
N ALA B 74 18.68 -43.98 13.78
CA ALA B 74 18.22 -44.91 14.80
C ALA B 74 19.24 -44.91 15.94
N TYR B 75 18.75 -45.12 17.16
CA TYR B 75 19.58 -45.12 18.34
C TYR B 75 19.17 -46.19 19.36
N SER B 76 20.13 -46.61 20.18
CA SER B 76 19.89 -47.58 21.24
C SER B 76 20.47 -47.17 22.58
N GLU B 77 21.08 -45.98 22.66
CA GLU B 77 21.87 -45.60 23.83
C GLU B 77 20.98 -45.10 24.96
N TYR B 78 19.72 -44.82 24.66
CA TYR B 78 18.76 -44.39 25.67
C TYR B 78 17.48 -45.19 25.52
N PRO B 79 16.76 -45.41 26.63
CA PRO B 79 15.53 -46.18 26.61
C PRO B 79 14.34 -45.39 26.06
N ASP B 80 14.53 -44.09 25.90
CA ASP B 80 13.44 -43.19 25.56
C ASP B 80 12.92 -43.56 24.17
N ASP B 81 11.60 -43.60 24.00
CA ASP B 81 10.99 -43.91 22.70
C ASP B 81 11.38 -42.89 21.64
N SER B 82 11.57 -41.65 22.07
CA SER B 82 12.01 -40.58 21.20
C SER B 82 12.80 -39.53 21.97
N LEU B 83 13.53 -38.71 21.22
CA LEU B 83 14.35 -37.65 21.77
C LEU B 83 13.96 -36.34 21.10
N ASP B 84 13.72 -35.31 21.92
CA ASP B 84 13.45 -33.97 21.41
C ASP B 84 14.78 -33.23 21.26
N LEU B 85 15.25 -33.08 20.04
CA LEU B 85 16.53 -32.41 19.76
C LEU B 85 16.37 -30.91 19.51
N ASP B 86 17.41 -30.15 19.83
CA ASP B 86 17.50 -28.73 19.50
C ASP B 86 17.47 -28.57 17.98
N PRO B 87 16.68 -27.62 17.44
CA PRO B 87 16.53 -27.51 16.00
C PRO B 87 17.80 -27.14 15.25
N SER B 88 18.83 -26.65 15.93
CA SER B 88 20.12 -26.41 15.29
C SER B 88 20.61 -27.66 14.59
N MET B 89 20.23 -28.81 15.13
CA MET B 89 20.60 -30.09 14.56
C MET B 89 19.88 -30.39 13.24
N LEU B 90 18.86 -29.63 12.88
CA LEU B 90 18.20 -29.83 11.60
C LEU B 90 19.12 -29.57 10.43
N ASP B 91 20.11 -28.69 10.60
CA ASP B 91 21.04 -28.40 9.51
C ASP B 91 21.98 -29.57 9.30
N SER B 92 22.19 -30.37 10.34
CA SER B 92 23.09 -31.52 10.27
C SER B 92 22.49 -32.76 9.60
N ILE B 93 21.18 -32.81 9.39
CA ILE B 93 20.54 -34.01 8.85
C ILE B 93 19.86 -33.78 7.49
N TRP B 94 19.72 -34.86 6.72
CA TRP B 94 18.96 -34.82 5.47
C TRP B 94 17.51 -34.57 5.80
N LYS B 95 16.82 -33.86 4.91
CA LYS B 95 15.36 -33.65 5.04
C LYS B 95 14.72 -33.25 3.70
N PRO B 96 13.46 -33.64 3.50
CA PRO B 96 12.80 -33.43 2.20
C PRO B 96 12.82 -31.98 1.74
N ASP B 97 12.70 -31.76 0.45
CA ASP B 97 12.78 -30.40 -0.12
C ASP B 97 11.40 -29.85 -0.47
N LEU B 98 10.44 -30.08 0.42
CA LEU B 98 9.03 -29.72 0.19
C LEU B 98 8.87 -28.24 -0.07
N PHE B 99 8.14 -27.90 -1.13
CA PHE B 99 7.76 -26.53 -1.40
C PHE B 99 6.31 -26.49 -1.83
N PHE B 100 5.70 -25.31 -1.69
CA PHE B 100 4.28 -25.15 -2.00
C PHE B 100 4.10 -24.62 -3.43
N ALA B 101 3.63 -25.50 -4.29
CA ALA B 101 3.66 -25.25 -5.72
C ALA B 101 2.91 -23.98 -6.08
N ASN B 102 1.83 -23.69 -5.37
CA ASN B 102 0.98 -22.51 -5.66
C ASN B 102 1.20 -21.35 -4.69
N GLU B 103 2.36 -21.30 -4.06
CA GLU B 103 2.71 -20.23 -3.14
C GLU B 103 3.15 -18.99 -3.89
N LYS B 104 2.49 -17.88 -3.61
CA LYS B 104 2.88 -16.57 -4.16
C LYS B 104 3.87 -15.87 -3.24
N GLY B 105 3.84 -16.21 -1.96
CA GLY B 105 4.85 -15.75 -1.01
C GLY B 105 4.82 -16.59 0.23
N ALA B 106 5.95 -16.70 0.91
CA ALA B 106 6.08 -17.58 2.08
C ALA B 106 7.24 -17.15 2.95
N ASN B 107 7.12 -17.34 4.26
CA ASN B 107 8.24 -17.06 5.16
C ASN B 107 8.26 -17.96 6.36
N PHE B 108 9.47 -18.16 6.89
CA PHE B 108 9.67 -18.86 8.15
C PHE B 108 9.42 -17.90 9.32
N HIS B 109 9.44 -18.40 10.54
CA HIS B 109 9.31 -17.55 11.74
C HIS B 109 10.51 -17.71 12.66
N GLU B 110 11.15 -16.61 12.98
CA GLU B 110 12.41 -16.63 13.71
C GLU B 110 12.38 -15.97 15.09
N VAL B 111 11.24 -15.39 15.47
CA VAL B 111 11.11 -14.72 16.76
C VAL B 111 10.42 -15.65 17.76
N THR B 112 10.99 -15.86 18.94
CA THR B 112 12.24 -15.26 19.36
C THR B 112 13.40 -16.17 18.98
N THR B 113 13.07 -17.35 18.48
CA THR B 113 14.03 -18.30 17.91
C THR B 113 13.33 -19.02 16.76
N ASP B 114 14.08 -19.81 15.99
CA ASP B 114 13.49 -20.51 14.84
C ASP B 114 12.34 -21.37 15.32
N ASN B 115 11.16 -21.13 14.77
CA ASN B 115 9.95 -21.84 15.17
C ASN B 115 9.99 -23.20 14.51
N LYS B 116 10.84 -24.09 15.03
CA LYS B 116 11.09 -25.40 14.45
C LYS B 116 11.12 -26.46 15.52
N LEU B 117 10.81 -27.69 15.12
CA LEU B 117 10.73 -28.80 16.04
C LEU B 117 11.38 -30.01 15.40
N LEU B 118 12.28 -30.67 16.12
CA LEU B 118 12.94 -31.89 15.63
C LEU B 118 12.86 -32.97 16.67
N ARG B 119 12.29 -34.10 16.30
CA ARG B 119 12.12 -35.22 17.21
C ARG B 119 12.51 -36.49 16.47
N ILE B 120 13.43 -37.26 17.04
CA ILE B 120 13.85 -38.53 16.45
C ILE B 120 13.47 -39.69 17.35
N PHE B 121 13.24 -40.85 16.73
CA PHE B 121 12.75 -42.02 17.44
C PHE B 121 13.78 -43.13 17.38
N LYS B 122 13.72 -44.05 18.35
CA LYS B 122 14.61 -45.21 18.41
C LYS B 122 14.92 -45.80 17.03
N ASN B 123 13.87 -46.05 16.26
CA ASN B 123 14.01 -46.71 14.96
C ASN B 123 14.41 -45.79 13.81
N GLY B 124 14.78 -44.55 14.13
CA GLY B 124 15.29 -43.62 13.12
C GLY B 124 14.20 -42.82 12.42
N ASN B 125 12.96 -42.94 12.88
CA ASN B 125 11.90 -42.08 12.38
C ASN B 125 12.14 -40.65 12.81
N VAL B 126 11.72 -39.71 11.98
CA VAL B 126 11.90 -38.29 12.25
C VAL B 126 10.54 -37.62 12.25
N LEU B 127 10.38 -36.68 13.17
CA LEU B 127 9.27 -35.74 13.14
C LEU B 127 9.88 -34.36 13.03
N TYR B 128 9.41 -33.60 12.05
CA TYR B 128 9.96 -32.28 11.77
C TYR B 128 8.83 -31.31 11.54
N SER B 129 8.56 -30.48 12.54
CA SER B 129 7.53 -29.45 12.42
C SER B 129 8.12 -28.07 12.27
N ILE B 130 7.57 -27.31 11.33
CA ILE B 130 8.05 -25.96 11.05
C ILE B 130 6.88 -25.04 10.85
N ARG B 131 6.95 -23.86 11.45
CA ARG B 131 5.91 -22.88 11.28
C ARG B 131 6.18 -22.04 10.05
N LEU B 132 5.15 -21.86 9.23
CA LEU B 132 5.25 -21.13 8.00
C LEU B 132 4.05 -20.22 7.85
N THR B 133 4.27 -19.07 7.20
CA THR B 133 3.19 -18.26 6.70
C THR B 133 3.23 -18.33 5.18
N LEU B 134 2.13 -18.73 4.58
CA LEU B 134 2.06 -18.87 3.13
C LEU B 134 0.95 -18.03 2.57
N THR B 135 1.22 -17.36 1.46
CA THR B 135 0.19 -16.78 0.63
C THR B 135 0.07 -17.65 -0.60
N LEU B 136 -1.13 -18.19 -0.82
CA LEU B 136 -1.35 -19.19 -1.84
C LEU B 136 -2.34 -18.67 -2.86
N SER B 137 -2.13 -18.98 -4.14
CA SER B 137 -3.05 -18.57 -5.17
C SER B 137 -4.32 -19.43 -5.13
N CYS B 138 -5.46 -18.77 -5.32
CA CYS B 138 -6.77 -19.42 -5.32
C CYS B 138 -7.61 -18.77 -6.41
N PRO B 139 -7.54 -19.30 -7.65
CA PRO B 139 -8.33 -18.79 -8.75
C PRO B 139 -9.80 -18.97 -8.43
N MET B 140 -10.61 -17.94 -8.72
CA MET B 140 -11.99 -17.91 -8.28
C MET B 140 -12.96 -17.79 -9.44
N ASP B 141 -14.06 -18.51 -9.33
CA ASP B 141 -15.16 -18.39 -10.25
C ASP B 141 -16.19 -17.53 -9.53
N LEU B 142 -16.47 -16.35 -10.06
CA LEU B 142 -17.39 -15.42 -9.43
C LEU B 142 -18.77 -15.36 -10.11
N LYS B 143 -19.08 -16.36 -10.94
CA LYS B 143 -20.37 -16.42 -11.65
C LYS B 143 -21.54 -16.13 -10.70
N ASN B 144 -21.57 -16.80 -9.56
CA ASN B 144 -22.69 -16.69 -8.63
C ASN B 144 -22.46 -15.72 -7.46
N PHE B 145 -21.54 -14.78 -7.63
CA PHE B 145 -21.20 -13.83 -6.56
C PHE B 145 -22.39 -12.90 -6.33
N PRO B 146 -22.81 -12.67 -5.08
CA PRO B 146 -22.10 -13.08 -3.87
C PRO B 146 -22.75 -14.27 -3.18
N MET B 147 -23.34 -15.18 -3.94
CA MET B 147 -23.86 -16.44 -3.40
C MET B 147 -22.96 -17.58 -3.88
N ASP B 148 -21.66 -17.29 -3.97
CA ASP B 148 -20.70 -18.20 -4.58
C ASP B 148 -20.02 -19.04 -3.51
N VAL B 149 -19.33 -20.09 -3.96
CA VAL B 149 -18.54 -20.93 -3.09
C VAL B 149 -17.22 -21.26 -3.80
N GLN B 150 -16.10 -21.03 -3.11
CA GLN B 150 -14.79 -21.14 -3.72
C GLN B 150 -14.03 -22.34 -3.21
N THR B 151 -13.19 -22.92 -4.06
CA THR B 151 -12.32 -24.01 -3.66
C THR B 151 -10.89 -23.53 -3.76
N CYS B 152 -10.27 -23.29 -2.60
CA CYS B 152 -8.87 -22.88 -2.55
C CYS B 152 -8.00 -24.09 -2.25
N ILE B 153 -6.88 -24.21 -2.96
CA ILE B 153 -6.01 -25.38 -2.80
C ILE B 153 -4.64 -25.08 -2.21
N MET B 154 -3.89 -26.14 -1.95
CA MET B 154 -2.57 -26.04 -1.37
C MET B 154 -1.80 -27.28 -1.77
N GLN B 155 -0.74 -27.10 -2.55
CA GLN B 155 0.02 -28.20 -3.13
C GLN B 155 1.39 -28.33 -2.50
N LEU B 156 1.65 -29.50 -1.93
CA LEU B 156 2.93 -29.83 -1.34
C LEU B 156 3.71 -30.67 -2.35
N GLU B 157 4.89 -30.19 -2.75
CA GLU B 157 5.62 -30.77 -3.88
C GLU B 157 7.12 -30.85 -3.60
N SER B 158 7.80 -31.82 -4.21
CA SER B 158 9.26 -31.84 -4.18
C SER B 158 9.84 -31.09 -5.38
N PHE B 159 10.90 -30.33 -5.13
CA PHE B 159 11.49 -29.53 -6.19
C PHE B 159 12.54 -30.28 -6.98
N GLY B 160 13.33 -31.09 -6.28
CA GLY B 160 14.49 -31.75 -6.89
C GLY B 160 14.44 -33.26 -6.95
N TYR B 161 13.60 -33.88 -6.13
CA TYR B 161 13.55 -35.33 -6.06
C TYR B 161 12.43 -35.88 -6.95
N THR B 162 12.80 -36.74 -7.88
CA THR B 162 11.84 -37.45 -8.70
C THR B 162 11.16 -38.56 -7.89
N MET B 163 10.07 -39.08 -8.43
CA MET B 163 9.20 -40.07 -7.74
C MET B 163 9.92 -41.33 -7.26
N ASN B 164 11.03 -41.68 -7.89
CA ASN B 164 11.80 -42.86 -7.49
C ASN B 164 12.67 -42.62 -6.27
N ASP B 165 12.91 -41.36 -5.92
CA ASP B 165 13.73 -41.03 -4.75
C ASP B 165 12.92 -40.51 -3.57
N LEU B 166 11.82 -39.83 -3.84
CA LEU B 166 11.04 -39.15 -2.79
C LEU B 166 9.56 -39.10 -3.15
N ILE B 167 8.72 -39.54 -2.21
CA ILE B 167 7.27 -39.58 -2.39
C ILE B 167 6.57 -38.97 -1.19
N PHE B 168 5.62 -38.06 -1.45
CA PHE B 168 4.79 -37.49 -0.38
C PHE B 168 3.44 -38.19 -0.30
N GLU B 169 2.85 -38.10 0.88
CA GLU B 169 1.60 -38.78 1.22
C GLU B 169 0.99 -38.08 2.44
N TRP B 170 -0.33 -37.97 2.47
CA TRP B 170 -0.99 -37.38 3.64
C TRP B 170 -1.11 -38.41 4.73
N GLN B 171 -1.15 -37.96 5.99
CA GLN B 171 -1.47 -38.84 7.11
C GLN B 171 -2.83 -39.48 6.91
N ASP B 172 -2.99 -40.72 7.37
CA ASP B 172 -4.29 -41.37 7.30
C ASP B 172 -5.24 -40.70 8.29
N GLU B 173 -4.84 -40.61 9.56
CA GLU B 173 -5.66 -39.99 10.59
C GLU B 173 -5.35 -38.51 10.71
N ALA B 174 -6.37 -37.68 10.51
CA ALA B 174 -6.31 -36.24 10.80
C ALA B 174 -5.17 -35.50 10.13
N PRO B 175 -5.14 -35.49 8.78
CA PRO B 175 -4.05 -34.83 8.05
C PRO B 175 -4.08 -33.32 8.16
N VAL B 176 -5.27 -32.74 8.17
CA VAL B 176 -5.40 -31.30 8.25
C VAL B 176 -6.23 -30.92 9.47
N GLN B 177 -5.56 -30.39 10.49
CA GLN B 177 -6.26 -29.93 11.70
C GLN B 177 -6.36 -28.42 11.68
N VAL B 178 -7.44 -27.90 12.24
CA VAL B 178 -7.69 -26.47 12.26
C VAL B 178 -7.83 -26.06 13.71
N ALA B 179 -7.25 -24.91 14.05
CA ALA B 179 -7.32 -24.40 15.42
C ALA B 179 -8.77 -24.18 15.87
N GLU B 180 -9.03 -24.43 17.15
CA GLU B 180 -10.37 -24.31 17.71
C GLU B 180 -10.85 -22.85 17.67
N GLY B 181 -12.10 -22.64 17.26
CA GLY B 181 -12.70 -21.32 17.22
C GLY B 181 -12.16 -20.39 16.15
N LEU B 182 -11.54 -20.97 15.12
CA LEU B 182 -11.02 -20.18 14.02
C LEU B 182 -12.17 -19.77 13.12
N THR B 183 -12.38 -18.46 12.95
CA THR B 183 -13.48 -17.95 12.12
C THR B 183 -12.98 -17.02 11.04
N LEU B 184 -13.73 -16.96 9.96
CA LEU B 184 -13.49 -16.05 8.85
C LEU B 184 -14.70 -15.12 8.78
N PRO B 185 -14.48 -13.81 8.60
CA PRO B 185 -15.62 -12.88 8.68
C PRO B 185 -16.51 -12.88 7.43
N GLN B 186 -15.94 -13.26 6.28
CA GLN B 186 -16.66 -13.26 5.00
C GLN B 186 -17.16 -14.65 4.58
N PHE B 187 -16.52 -15.70 5.07
CA PHE B 187 -16.77 -17.06 4.60
C PHE B 187 -17.02 -18.02 5.75
N LEU B 188 -17.47 -19.21 5.41
CA LEU B 188 -17.46 -20.35 6.31
C LEU B 188 -16.48 -21.35 5.77
N LEU B 189 -15.57 -21.85 6.60
CA LEU B 189 -14.65 -22.89 6.19
C LEU B 189 -15.29 -24.26 6.41
N LYS B 190 -15.61 -24.96 5.33
CA LYS B 190 -16.31 -26.23 5.44
C LYS B 190 -15.41 -27.30 6.05
N GLU B 191 -16.00 -28.12 6.92
CA GLU B 191 -15.32 -29.18 7.65
C GLU B 191 -14.62 -30.17 6.72
N GLU B 192 -15.25 -30.49 5.59
CA GLU B 192 -14.69 -31.46 4.65
C GLU B 192 -13.58 -30.83 3.82
N LYS B 193 -12.39 -31.41 3.89
CA LYS B 193 -11.28 -31.04 3.03
C LYS B 193 -10.98 -32.20 2.08
N ASP B 194 -10.91 -31.94 0.79
CA ASP B 194 -10.54 -32.98 -0.16
C ASP B 194 -9.04 -33.11 -0.18
N LEU B 195 -8.56 -34.35 -0.18
CA LEU B 195 -7.14 -34.65 -0.33
C LEU B 195 -6.98 -35.37 -1.65
N ARG B 196 -5.94 -35.04 -2.41
CA ARG B 196 -5.65 -35.78 -3.63
C ARG B 196 -4.22 -35.60 -4.09
N TYR B 197 -3.83 -36.36 -5.11
CA TYR B 197 -2.49 -36.27 -5.70
C TYR B 197 -2.46 -35.31 -6.88
N CYS B 198 -1.45 -34.44 -6.91
CA CYS B 198 -1.26 -33.46 -7.98
C CYS B 198 -0.04 -33.80 -8.85
N THR B 199 0.44 -35.04 -8.77
CA THR B 199 1.73 -35.44 -9.34
C THR B 199 2.09 -34.77 -10.65
N LYS B 200 3.19 -34.05 -10.65
CA LYS B 200 3.58 -33.20 -11.77
C LYS B 200 4.54 -33.93 -12.70
N HIS B 201 4.38 -33.68 -14.00
CA HIS B 201 5.36 -34.12 -15.01
C HIS B 201 5.86 -32.87 -15.73
N TYR B 202 7.14 -32.56 -15.58
CA TYR B 202 7.77 -31.47 -16.32
C TYR B 202 8.83 -32.08 -17.23
N ASN B 203 9.50 -31.26 -18.04
CA ASN B 203 10.59 -31.77 -18.86
C ASN B 203 11.79 -32.24 -18.03
N THR B 204 11.82 -31.82 -16.77
CA THR B 204 12.86 -32.24 -15.84
C THR B 204 12.53 -33.55 -15.14
N GLY B 205 11.32 -34.05 -15.29
CA GLY B 205 10.95 -35.33 -14.72
C GLY B 205 9.58 -35.35 -14.07
N LYS B 206 9.33 -36.42 -13.33
CA LYS B 206 8.05 -36.65 -12.66
C LYS B 206 8.27 -36.44 -11.17
N PHE B 207 7.56 -35.48 -10.58
CA PHE B 207 7.80 -35.07 -9.21
C PHE B 207 6.57 -35.28 -8.34
N THR B 208 6.78 -35.82 -7.13
CA THR B 208 5.68 -36.03 -6.17
C THR B 208 4.98 -34.73 -5.80
N CYS B 209 3.68 -34.81 -5.62
CA CYS B 209 2.86 -33.66 -5.24
C CYS B 209 1.55 -34.15 -4.65
N ILE B 210 1.20 -33.65 -3.47
CA ILE B 210 -0.08 -33.94 -2.84
C ILE B 210 -0.77 -32.62 -2.52
N GLU B 211 -2.10 -32.68 -2.47
CA GLU B 211 -2.94 -31.48 -2.52
C GLU B 211 -4.01 -31.57 -1.43
N VAL B 212 -4.42 -30.42 -0.92
CA VAL B 212 -5.60 -30.34 -0.05
C VAL B 212 -6.46 -29.19 -0.55
N ARG B 213 -7.76 -29.45 -0.68
CA ARG B 213 -8.71 -28.46 -1.18
C ARG B 213 -9.64 -28.02 -0.06
N PHE B 214 -9.61 -26.73 0.25
CA PHE B 214 -10.52 -26.15 1.22
C PHE B 214 -11.75 -25.64 0.48
N HIS B 215 -12.93 -25.79 1.10
CA HIS B 215 -14.16 -25.23 0.51
C HIS B 215 -14.66 -24.02 1.32
N LEU B 216 -14.73 -22.87 0.66
CA LEU B 216 -15.10 -21.62 1.29
C LEU B 216 -16.43 -21.12 0.75
N GLU B 217 -17.45 -21.19 1.59
CA GLU B 217 -18.78 -20.72 1.24
C GLU B 217 -18.93 -19.29 1.74
N ARG B 218 -19.24 -18.36 0.84
CA ARG B 218 -19.33 -16.95 1.19
C ARG B 218 -20.61 -16.68 1.96
N GLN B 219 -20.50 -15.90 3.03
CA GLN B 219 -21.66 -15.51 3.83
C GLN B 219 -22.46 -14.40 3.14
N MET B 220 -23.78 -14.60 3.07
CA MET B 220 -24.68 -13.74 2.31
C MET B 220 -25.01 -12.41 3.02
N GLY B 221 -24.96 -12.42 4.35
CA GLY B 221 -25.55 -11.34 5.16
C GLY B 221 -25.15 -9.93 4.82
N TYR B 222 -23.85 -9.70 4.68
CA TYR B 222 -23.32 -8.37 4.37
C TYR B 222 -23.97 -7.79 3.11
N TYR B 223 -24.16 -8.63 2.11
CA TYR B 223 -24.63 -8.19 0.80
C TYR B 223 -26.12 -7.81 0.81
N LEU B 224 -26.88 -8.36 1.74
CA LEU B 224 -28.24 -7.88 1.98
C LEU B 224 -28.15 -6.46 2.55
N ILE B 225 -27.39 -6.33 3.62
CA ILE B 225 -27.21 -5.05 4.30
C ILE B 225 -26.67 -3.95 3.37
N GLN B 226 -25.73 -4.30 2.51
CA GLN B 226 -24.96 -3.30 1.76
C GLN B 226 -25.44 -3.13 0.33
N MET B 227 -26.05 -4.17 -0.24
CA MET B 227 -26.25 -4.25 -1.68
C MET B 227 -27.72 -4.52 -2.06
N TYR B 228 -28.31 -5.57 -1.52
CA TYR B 228 -29.66 -6.01 -1.90
C TYR B 228 -30.80 -5.17 -1.29
N ILE B 229 -30.72 -4.88 0.00
CA ILE B 229 -31.74 -4.06 0.67
C ILE B 229 -31.71 -2.59 0.20
N PRO B 230 -30.54 -1.94 0.20
CA PRO B 230 -30.50 -0.56 -0.33
C PRO B 230 -30.84 -0.41 -1.81
N SER B 231 -30.90 -1.51 -2.57
CA SER B 231 -31.38 -1.48 -3.95
C SER B 231 -32.90 -1.67 -4.04
N LEU B 232 -33.47 -2.52 -3.19
CA LEU B 232 -34.94 -2.63 -3.07
C LEU B 232 -35.52 -1.28 -2.70
N LEU B 233 -34.81 -0.58 -1.83
CA LEU B 233 -35.22 0.73 -1.33
C LEU B 233 -35.23 1.78 -2.43
N ILE B 234 -34.35 1.65 -3.43
CA ILE B 234 -34.33 2.57 -4.58
C ILE B 234 -35.42 2.22 -5.58
N VAL B 235 -35.71 0.93 -5.72
CA VAL B 235 -36.80 0.46 -6.59
C VAL B 235 -38.17 0.85 -6.01
N ILE B 236 -38.33 0.69 -4.69
CA ILE B 236 -39.56 1.11 -4.01
C ILE B 236 -39.74 2.63 -4.07
N LEU B 237 -38.62 3.36 -4.05
CA LEU B 237 -38.67 4.82 -4.18
C LEU B 237 -39.17 5.25 -5.56
N SER B 238 -38.76 4.52 -6.60
CA SER B 238 -39.23 4.82 -7.97
C SER B 238 -40.75 4.69 -8.10
N TRP B 239 -41.36 3.84 -7.28
CA TRP B 239 -42.80 3.60 -7.31
C TRP B 239 -43.66 4.71 -6.69
N VAL B 240 -43.08 5.57 -5.86
CA VAL B 240 -43.86 6.64 -5.22
C VAL B 240 -44.23 7.74 -6.23
N SER B 241 -43.54 7.74 -7.37
CA SER B 241 -43.89 8.61 -8.51
C SER B 241 -45.33 8.42 -8.99
N PHE B 242 -45.86 7.20 -8.90
CA PHE B 242 -47.20 6.89 -9.43
C PHE B 242 -48.36 7.42 -8.56
N TRP B 243 -48.08 7.69 -7.29
CA TRP B 243 -49.04 8.28 -6.39
C TRP B 243 -48.96 9.81 -6.43
N ILE B 244 -47.98 10.35 -7.15
CA ILE B 244 -47.79 11.79 -7.29
C ILE B 244 -48.57 12.32 -8.50
N ASN B 245 -49.15 13.51 -8.32
CA ASN B 245 -49.92 14.21 -9.34
C ASN B 245 -49.18 14.32 -10.68
N MET B 246 -49.88 14.06 -11.78
CA MET B 246 -49.24 14.05 -13.11
C MET B 246 -48.79 15.44 -13.58
N ASP B 247 -49.47 16.49 -13.12
CA ASP B 247 -49.11 17.87 -13.46
C ASP B 247 -47.71 18.27 -12.96
N ALA B 248 -47.29 17.69 -11.83
CA ALA B 248 -45.96 17.98 -11.26
C ALA B 248 -44.84 17.26 -12.02
N ALA B 249 -44.47 17.82 -13.18
CA ALA B 249 -43.42 17.25 -14.03
C ALA B 249 -42.04 17.24 -13.38
N PRO B 250 -41.58 18.40 -12.86
CA PRO B 250 -40.23 18.42 -12.28
C PRO B 250 -40.05 17.41 -11.13
N ALA B 251 -41.08 17.23 -10.31
CA ALA B 251 -41.05 16.32 -9.17
C ALA B 251 -40.94 14.86 -9.60
N ARG B 252 -41.84 14.44 -10.49
CA ARG B 252 -41.85 13.07 -11.00
C ARG B 252 -40.59 12.73 -11.82
N VAL B 253 -40.12 13.71 -12.60
CA VAL B 253 -38.92 13.54 -13.43
C VAL B 253 -37.67 13.47 -12.55
N ALA B 254 -37.49 14.46 -11.67
CA ALA B 254 -36.38 14.46 -10.73
C ALA B 254 -36.30 13.15 -9.94
N LEU B 255 -37.47 12.72 -9.45
CA LEU B 255 -37.62 11.45 -8.73
C LEU B 255 -37.25 10.26 -9.62
N GLY B 256 -37.61 10.35 -10.89
CA GLY B 256 -37.25 9.34 -11.88
C GLY B 256 -35.77 9.33 -12.22
N ILE B 257 -35.16 10.51 -12.30
CA ILE B 257 -33.74 10.65 -12.65
C ILE B 257 -32.83 10.17 -11.51
N THR B 258 -33.04 10.77 -10.34
CA THR B 258 -32.23 10.51 -9.16
C THR B 258 -32.15 9.02 -8.86
N THR B 259 -33.29 8.32 -8.99
CA THR B 259 -33.34 6.87 -8.79
C THR B 259 -32.51 6.09 -9.82
N VAL B 260 -32.47 6.58 -11.06
CA VAL B 260 -31.68 5.92 -12.12
C VAL B 260 -30.17 6.12 -11.90
N LEU B 261 -29.76 7.32 -11.51
CA LEU B 261 -28.34 7.63 -11.30
C LEU B 261 -27.81 6.97 -10.03
N THR B 262 -28.61 6.95 -8.98
CA THR B 262 -28.28 6.20 -7.77
C THR B 262 -28.11 4.73 -8.12
N MET B 263 -28.96 4.22 -9.01
CA MET B 263 -28.91 2.81 -9.38
C MET B 263 -27.73 2.45 -10.31
N THR B 264 -27.13 3.44 -10.96
CA THR B 264 -25.91 3.21 -11.77
C THR B 264 -24.65 3.23 -10.92
N THR B 265 -24.59 4.12 -9.93
CA THR B 265 -23.47 4.15 -8.98
C THR B 265 -23.56 2.94 -8.03
N GLN B 266 -24.79 2.59 -7.65
CA GLN B 266 -25.06 1.37 -6.89
C GLN B 266 -24.55 0.12 -7.63
N SER B 267 -24.71 0.14 -8.95
CA SER B 267 -24.31 -0.99 -9.81
C SER B 267 -22.81 -1.10 -9.97
N SER B 268 -22.15 0.04 -10.23
CA SER B 268 -20.68 0.06 -10.39
C SER B 268 -19.97 -0.13 -9.05
N GLY B 269 -20.59 0.37 -7.98
CA GLY B 269 -20.06 0.20 -6.62
C GLY B 269 -20.10 -1.23 -6.09
N SER B 270 -20.92 -2.09 -6.71
CA SER B 270 -21.02 -3.49 -6.31
C SER B 270 -19.88 -4.36 -6.84
N ARG B 271 -19.21 -3.89 -7.90
CA ARG B 271 -18.04 -4.58 -8.45
C ARG B 271 -16.71 -3.97 -7.96
N ALA B 272 -16.76 -2.98 -7.08
CA ALA B 272 -15.60 -2.15 -6.77
C ALA B 272 -14.50 -2.85 -5.97
N SER B 273 -14.82 -3.97 -5.34
CA SER B 273 -13.82 -4.73 -4.58
C SER B 273 -13.51 -6.09 -5.22
N LEU B 274 -13.69 -6.17 -6.54
CA LEU B 274 -13.58 -7.42 -7.29
C LEU B 274 -12.63 -7.25 -8.45
N PRO B 275 -12.07 -8.36 -8.96
CA PRO B 275 -11.21 -8.26 -10.12
C PRO B 275 -12.07 -7.98 -11.34
N LYS B 276 -11.46 -7.46 -12.39
CA LYS B 276 -12.21 -7.03 -13.55
C LYS B 276 -12.43 -8.21 -14.49
N VAL B 277 -13.16 -9.20 -13.99
CA VAL B 277 -13.54 -10.35 -14.80
C VAL B 277 -14.51 -9.91 -15.90
N SER B 278 -14.46 -10.60 -17.02
CA SER B 278 -15.21 -10.21 -18.21
C SER B 278 -16.42 -11.10 -18.44
N TYR B 279 -17.09 -11.49 -17.35
CA TYR B 279 -18.31 -12.30 -17.42
C TYR B 279 -19.36 -11.78 -16.45
N VAL B 280 -20.61 -12.18 -16.67
CA VAL B 280 -21.74 -11.66 -15.91
C VAL B 280 -21.91 -12.40 -14.59
N LYS B 281 -21.90 -11.66 -13.49
CA LYS B 281 -22.07 -12.22 -12.16
C LYS B 281 -23.52 -12.11 -11.71
N ALA B 282 -23.88 -12.86 -10.67
CA ALA B 282 -25.25 -12.87 -10.15
C ALA B 282 -25.68 -11.51 -9.63
N ILE B 283 -24.73 -10.74 -9.10
CA ILE B 283 -25.02 -9.40 -8.63
C ILE B 283 -25.21 -8.43 -9.81
N ASP B 284 -24.55 -8.70 -10.93
CA ASP B 284 -24.72 -7.89 -12.15
C ASP B 284 -26.13 -8.04 -12.72
N ILE B 285 -26.66 -9.26 -12.67
CA ILE B 285 -28.03 -9.53 -13.09
C ILE B 285 -29.00 -8.69 -12.27
N TRP B 286 -28.92 -8.83 -10.94
CA TRP B 286 -29.80 -8.11 -10.03
C TRP B 286 -29.76 -6.60 -10.22
N MET B 287 -28.57 -6.04 -10.38
CA MET B 287 -28.42 -4.60 -10.56
C MET B 287 -28.94 -4.14 -11.93
N ALA B 288 -28.86 -5.01 -12.93
CA ALA B 288 -29.37 -4.72 -14.27
C ALA B 288 -30.89 -4.79 -14.31
N VAL B 289 -31.46 -5.80 -13.66
CA VAL B 289 -32.91 -5.91 -13.57
C VAL B 289 -33.46 -4.78 -12.70
N CYS B 290 -32.76 -4.44 -11.61
CA CYS B 290 -33.13 -3.28 -10.78
C CYS B 290 -32.99 -1.95 -11.53
N LEU B 291 -32.13 -1.92 -12.54
CA LEU B 291 -31.97 -0.74 -13.36
C LEU B 291 -33.15 -0.55 -14.31
N LEU B 292 -33.66 -1.66 -14.84
CA LEU B 292 -34.85 -1.63 -15.72
C LEU B 292 -36.11 -1.19 -14.98
N PHE B 293 -36.37 -1.77 -13.82
CA PHE B 293 -37.58 -1.46 -13.03
C PHE B 293 -37.64 0.01 -12.57
N VAL B 294 -36.47 0.64 -12.44
CA VAL B 294 -36.36 2.06 -12.11
C VAL B 294 -36.42 2.92 -13.38
N PHE B 295 -35.77 2.45 -14.44
CA PHE B 295 -35.70 3.15 -15.72
C PHE B 295 -37.04 3.13 -16.44
N SER B 296 -37.79 2.04 -16.25
CA SER B 296 -39.15 1.92 -16.80
C SER B 296 -40.10 2.87 -16.11
N ALA B 297 -39.91 3.08 -14.82
CA ALA B 297 -40.73 4.04 -14.05
C ALA B 297 -40.66 5.46 -14.61
N LEU B 298 -39.50 5.86 -15.14
CA LEU B 298 -39.35 7.16 -15.77
C LEU B 298 -39.97 7.18 -17.16
N LEU B 299 -39.76 6.11 -17.92
CA LEU B 299 -40.42 5.93 -19.22
C LEU B 299 -41.95 5.85 -19.08
N GLU B 300 -42.41 5.36 -17.93
CA GLU B 300 -43.83 5.36 -17.61
C GLU B 300 -44.35 6.79 -17.56
N TYR B 301 -43.61 7.70 -16.93
CA TYR B 301 -44.01 9.09 -16.89
C TYR B 301 -43.83 9.82 -18.23
N ALA B 302 -42.84 9.41 -19.01
CA ALA B 302 -42.71 9.93 -20.37
C ALA B 302 -44.00 9.68 -21.15
N ALA B 303 -44.57 8.49 -20.98
CA ALA B 303 -45.84 8.13 -21.59
C ALA B 303 -47.01 8.94 -21.01
N VAL B 304 -47.06 9.07 -19.69
CA VAL B 304 -48.13 9.82 -19.02
C VAL B 304 -48.11 11.30 -19.39
N ASN B 305 -46.90 11.86 -19.49
CA ASN B 305 -46.74 13.26 -19.86
C ASN B 305 -47.05 13.51 -21.33
N PHE B 306 -46.75 12.53 -22.18
CA PHE B 306 -46.91 12.69 -23.62
C PHE B 306 -48.34 12.50 -24.10
N VAL B 307 -49.06 11.52 -23.56
CA VAL B 307 -50.46 11.29 -23.96
C VAL B 307 -51.42 12.34 -23.40
N SER B 308 -50.98 13.06 -22.36
CA SER B 308 -51.79 14.09 -21.71
C SER B 308 -51.49 15.52 -22.19
N ARG B 309 -50.81 15.66 -23.33
CA ARG B 309 -50.39 16.97 -23.87
C ARG B 309 -51.53 17.99 -23.87
N ALA B 310 -52.57 17.71 -24.66
CA ALA B 310 -53.78 18.53 -24.65
C ALA B 310 -54.53 18.27 -23.35
N GLY B 311 -55.14 19.32 -22.80
CA GLY B 311 -55.80 19.22 -21.50
C GLY B 311 -57.16 18.55 -21.49
N THR B 312 -57.56 17.96 -22.61
CA THR B 312 -58.90 17.38 -22.75
C THR B 312 -59.14 16.19 -21.81
N LYS B 313 -60.39 16.05 -21.37
CA LYS B 313 -60.79 15.03 -20.39
C LYS B 313 -60.43 13.61 -20.80
N VAL B 314 -60.61 13.29 -22.09
CA VAL B 314 -60.34 11.95 -22.62
C VAL B 314 -58.90 11.49 -22.42
N PHE B 315 -57.94 12.40 -22.58
CA PHE B 315 -56.51 12.05 -22.49
C PHE B 315 -55.97 12.10 -21.07
N ILE B 316 -56.46 13.03 -20.26
CA ILE B 316 -56.08 13.13 -18.85
C ILE B 316 -56.51 11.86 -18.10
N ASP B 317 -57.66 11.31 -18.47
CA ASP B 317 -58.15 10.05 -17.93
C ASP B 317 -57.45 8.84 -18.55
N ARG B 318 -57.07 8.96 -19.83
CA ARG B 318 -56.25 7.94 -20.50
C ARG B 318 -54.86 7.81 -19.83
N ALA B 319 -54.24 8.97 -19.55
CA ALA B 319 -52.99 9.03 -18.80
C ALA B 319 -53.18 8.55 -17.37
N LYS B 320 -54.32 8.90 -16.77
CA LYS B 320 -54.71 8.43 -15.44
C LYS B 320 -54.70 6.90 -15.37
N LYS B 321 -55.24 6.26 -16.41
CA LYS B 321 -55.30 4.79 -16.50
C LYS B 321 -53.93 4.13 -16.30
N ILE B 322 -52.89 4.73 -16.88
CA ILE B 322 -51.54 4.13 -16.84
C ILE B 322 -51.00 3.98 -15.41
N ASP B 323 -51.14 5.03 -14.61
CA ASP B 323 -50.61 5.04 -13.23
C ASP B 323 -51.34 4.05 -12.32
N THR B 324 -52.67 3.96 -12.45
CA THR B 324 -53.46 3.03 -11.64
C THR B 324 -53.18 1.57 -12.00
N ILE B 325 -52.71 1.34 -13.22
CA ILE B 325 -52.19 0.02 -13.63
C ILE B 325 -50.76 -0.17 -13.09
N SER B 326 -49.91 0.85 -13.27
CA SER B 326 -48.50 0.78 -12.85
C SER B 326 -48.32 0.65 -11.33
N ARG B 327 -49.25 1.23 -10.57
CA ARG B 327 -49.23 1.10 -9.11
C ARG B 327 -49.36 -0.35 -8.63
N ALA B 328 -50.07 -1.17 -9.40
CA ALA B 328 -50.23 -2.59 -9.10
C ALA B 328 -49.29 -3.49 -9.92
N CYS B 329 -48.90 -3.06 -11.13
CA CYS B 329 -48.10 -3.89 -12.03
C CYS B 329 -46.63 -4.03 -11.65
N PHE B 330 -45.98 -2.92 -11.32
CA PHE B 330 -44.54 -2.95 -11.05
C PHE B 330 -44.18 -3.69 -9.75
N PRO B 331 -44.83 -3.33 -8.62
CA PRO B 331 -44.62 -4.14 -7.41
C PRO B 331 -44.88 -5.63 -7.61
N LEU B 332 -45.90 -5.96 -8.41
CA LEU B 332 -46.22 -7.34 -8.75
C LEU B 332 -45.13 -7.96 -9.63
N ALA B 333 -44.71 -7.23 -10.66
CA ALA B 333 -43.68 -7.71 -11.60
C ALA B 333 -42.32 -7.92 -10.91
N PHE B 334 -42.00 -7.04 -9.96
CA PHE B 334 -40.76 -7.12 -9.18
C PHE B 334 -40.81 -8.30 -8.21
N LEU B 335 -41.98 -8.53 -7.63
CA LEU B 335 -42.19 -9.67 -6.74
C LEU B 335 -42.04 -10.98 -7.52
N ILE B 336 -42.57 -11.00 -8.74
CA ILE B 336 -42.42 -12.15 -9.65
C ILE B 336 -40.97 -12.38 -10.02
N PHE B 337 -40.18 -11.31 -10.16
CA PHE B 337 -38.75 -11.42 -10.47
C PHE B 337 -37.94 -12.03 -9.32
N ASN B 338 -38.21 -11.58 -8.10
CA ASN B 338 -37.50 -12.08 -6.91
C ASN B 338 -37.81 -13.55 -6.64
N ILE B 339 -39.05 -13.97 -6.88
CA ILE B 339 -39.41 -15.39 -6.81
C ILE B 339 -38.44 -16.18 -7.69
N PHE B 340 -38.31 -15.77 -8.95
CA PHE B 340 -37.39 -16.42 -9.89
C PHE B 340 -35.94 -16.34 -9.42
N TYR B 341 -35.46 -15.12 -9.21
CA TYR B 341 -34.05 -14.85 -8.89
C TYR B 341 -33.53 -15.65 -7.70
N TRP B 342 -34.18 -15.51 -6.55
CA TRP B 342 -33.73 -16.17 -5.33
C TRP B 342 -33.85 -17.69 -5.41
N VAL B 343 -34.93 -18.18 -6.01
CA VAL B 343 -35.12 -19.63 -6.17
C VAL B 343 -34.07 -20.26 -7.09
N ILE B 344 -33.62 -19.51 -8.10
CA ILE B 344 -32.57 -19.98 -8.99
C ILE B 344 -31.23 -20.17 -8.25
N TYR B 345 -30.86 -19.22 -7.40
CA TYR B 345 -29.57 -19.26 -6.70
C TYR B 345 -29.63 -20.00 -5.35
N ALA C 6 33.38 -53.01 -5.75
CA ALA C 6 32.31 -52.14 -5.15
C ALA C 6 32.44 -50.68 -5.58
N PRO C 7 31.29 -49.98 -5.71
CA PRO C 7 31.33 -48.58 -6.13
C PRO C 7 31.79 -47.61 -5.04
N MET C 8 32.28 -46.46 -5.50
CA MET C 8 32.77 -45.37 -4.68
C MET C 8 31.64 -44.70 -3.89
N SER C 9 31.91 -44.31 -2.65
CA SER C 9 30.87 -43.69 -1.82
C SER C 9 30.51 -42.31 -2.38
N PRO C 10 29.25 -41.88 -2.22
CA PRO C 10 28.91 -40.58 -2.76
C PRO C 10 29.76 -39.46 -2.14
N SER C 11 29.94 -39.53 -0.82
CA SER C 11 30.73 -38.52 -0.11
C SER C 11 32.10 -38.35 -0.74
N ASP C 12 32.80 -39.48 -0.96
CA ASP C 12 34.12 -39.47 -1.61
C ASP C 12 34.07 -38.98 -3.05
N PHE C 13 33.03 -39.42 -3.78
CA PHE C 13 32.88 -39.05 -5.19
C PHE C 13 32.71 -37.54 -5.38
N LEU C 14 31.91 -36.91 -4.53
CA LEU C 14 31.70 -35.47 -4.61
C LEU C 14 32.97 -34.73 -4.24
N ASP C 15 33.70 -35.26 -3.27
CA ASP C 15 34.96 -34.66 -2.83
C ASP C 15 36.02 -34.66 -3.95
N LYS C 16 36.00 -35.67 -4.80
CA LYS C 16 36.97 -35.79 -5.90
C LYS C 16 36.51 -35.05 -7.17
N LEU C 17 35.22 -34.75 -7.29
CA LEU C 17 34.68 -34.14 -8.50
C LEU C 17 34.64 -32.62 -8.42
N MET C 18 34.26 -32.11 -7.25
CA MET C 18 34.11 -30.67 -7.02
C MET C 18 34.50 -30.18 -5.60
N GLY C 19 34.91 -31.10 -4.72
CA GLY C 19 35.22 -30.76 -3.33
C GLY C 19 36.71 -30.58 -3.06
N ARG C 20 37.10 -30.79 -1.80
CA ARG C 20 38.48 -30.53 -1.34
C ARG C 20 39.55 -31.10 -2.26
N THR C 21 39.51 -32.42 -2.45
CA THR C 21 40.54 -33.12 -3.22
C THR C 21 40.40 -32.99 -4.74
N SER C 22 39.38 -32.26 -5.20
CA SER C 22 39.04 -32.21 -6.62
C SER C 22 39.94 -31.27 -7.44
N GLY C 23 40.36 -30.17 -6.81
CA GLY C 23 41.09 -29.13 -7.52
C GLY C 23 40.21 -28.34 -8.46
N TYR C 24 38.89 -28.48 -8.32
CA TYR C 24 37.92 -27.75 -9.09
C TYR C 24 37.94 -26.30 -8.63
N ASP C 25 37.86 -25.36 -9.56
CA ASP C 25 37.80 -23.94 -9.22
C ASP C 25 36.61 -23.30 -9.92
N ALA C 26 35.58 -22.98 -9.16
CA ALA C 26 34.36 -22.42 -9.74
C ALA C 26 34.53 -20.98 -10.24
N ARG C 27 35.71 -20.40 -10.02
CA ARG C 27 36.00 -19.07 -10.55
C ARG C 27 36.45 -19.12 -12.00
N ILE C 28 36.55 -20.34 -12.54
CA ILE C 28 37.00 -20.53 -13.90
C ILE C 28 35.89 -21.21 -14.67
N ARG C 29 35.52 -20.65 -15.81
CA ARG C 29 34.45 -21.22 -16.63
C ARG C 29 34.91 -22.51 -17.28
N PRO C 30 33.96 -23.33 -17.75
CA PRO C 30 34.25 -24.44 -18.64
C PRO C 30 34.94 -24.00 -19.93
N ASN C 31 35.87 -24.81 -20.42
CA ASN C 31 36.58 -24.51 -21.66
C ASN C 31 37.12 -23.08 -21.61
N PHE C 32 37.79 -22.78 -20.50
CA PHE C 32 38.17 -21.41 -20.16
C PHE C 32 39.06 -20.72 -21.19
N LYS C 33 40.08 -21.42 -21.70
CA LYS C 33 40.91 -20.85 -22.74
C LYS C 33 40.29 -21.01 -24.12
N GLY C 34 39.17 -21.73 -24.20
CA GLY C 34 38.58 -22.09 -25.49
C GLY C 34 37.45 -21.19 -25.93
N PRO C 35 36.44 -21.75 -26.65
CA PRO C 35 35.29 -21.00 -27.14
C PRO C 35 34.26 -20.74 -26.04
N PRO C 36 33.20 -19.97 -26.34
CA PRO C 36 32.27 -19.59 -25.30
C PRO C 36 31.45 -20.77 -24.78
N VAL C 37 30.95 -20.65 -23.57
CA VAL C 37 30.08 -21.66 -23.00
C VAL C 37 28.69 -21.45 -23.56
N ASN C 38 28.10 -22.52 -24.09
CA ASN C 38 26.75 -22.47 -24.65
C ASN C 38 25.72 -22.86 -23.61
N VAL C 39 24.97 -21.88 -23.13
CA VAL C 39 23.93 -22.15 -22.14
C VAL C 39 22.58 -22.20 -22.85
N THR C 40 21.89 -23.32 -22.72
CA THR C 40 20.60 -23.54 -23.35
C THR C 40 19.52 -23.34 -22.29
N CYS C 41 18.66 -22.34 -22.51
CA CYS C 41 17.65 -21.98 -21.54
C CYS C 41 16.28 -22.47 -21.94
N ASN C 42 15.45 -22.74 -20.93
CA ASN C 42 14.01 -22.93 -21.11
C ASN C 42 13.30 -22.56 -19.80
N ILE C 43 12.09 -22.02 -19.91
CA ILE C 43 11.35 -21.64 -18.72
C ILE C 43 10.02 -22.37 -18.67
N PHE C 44 9.59 -22.73 -17.46
CA PHE C 44 8.24 -23.22 -17.22
C PHE C 44 7.51 -22.15 -16.44
N ILE C 45 6.39 -21.68 -16.96
CA ILE C 45 5.63 -20.62 -16.32
C ILE C 45 4.61 -21.25 -15.40
N ASN C 46 4.90 -21.16 -14.11
CA ASN C 46 4.06 -21.69 -13.05
C ASN C 46 2.86 -20.80 -12.80
N SER C 47 3.03 -19.50 -13.07
CA SER C 47 2.03 -18.50 -12.75
C SER C 47 2.32 -17.21 -13.50
N PHE C 48 1.28 -16.44 -13.79
CA PHE C 48 1.38 -15.26 -14.66
C PHE C 48 0.27 -14.32 -14.29
N GLY C 49 0.60 -13.13 -13.81
CA GLY C 49 -0.43 -12.21 -13.32
C GLY C 49 0.04 -10.82 -12.95
N SER C 50 -0.70 -10.20 -12.05
CA SER C 50 -0.43 -8.83 -11.58
C SER C 50 -0.02 -7.90 -12.71
N ILE C 51 -0.75 -7.98 -13.82
CA ILE C 51 -0.49 -7.14 -14.98
C ILE C 51 -1.07 -5.77 -14.66
N ALA C 52 -0.21 -4.78 -14.49
CA ALA C 52 -0.63 -3.46 -14.03
C ALA C 52 -0.35 -2.42 -15.07
N GLU C 53 -1.40 -1.72 -15.49
CA GLU C 53 -1.28 -0.64 -16.46
C GLU C 53 -0.62 0.56 -15.78
N THR C 54 -0.95 0.79 -14.51
CA THR C 54 -0.47 1.98 -13.80
C THR C 54 1.03 1.96 -13.67
N THR C 55 1.57 0.86 -13.15
CA THR C 55 3.01 0.71 -12.94
C THR C 55 3.70 0.08 -14.13
N MET C 56 2.92 -0.34 -15.13
CA MET C 56 3.46 -0.72 -16.45
C MET C 56 4.44 -1.89 -16.33
N ASP C 57 3.95 -2.98 -15.73
CA ASP C 57 4.75 -4.17 -15.46
C ASP C 57 3.87 -5.40 -15.22
N TYR C 58 4.47 -6.54 -14.94
CA TYR C 58 3.71 -7.78 -14.70
C TYR C 58 4.55 -8.79 -13.96
N ARG C 59 3.88 -9.67 -13.23
CA ARG C 59 4.57 -10.62 -12.35
C ARG C 59 4.50 -12.01 -12.91
N VAL C 60 5.50 -12.81 -12.59
CA VAL C 60 5.57 -14.14 -13.12
C VAL C 60 6.32 -15.06 -12.14
N ASN C 61 5.88 -16.30 -12.02
CA ASN C 61 6.59 -17.28 -11.23
C ASN C 61 7.03 -18.39 -12.17
N ILE C 62 8.33 -18.62 -12.26
CA ILE C 62 8.86 -19.57 -13.24
C ILE C 62 9.84 -20.57 -12.65
N PHE C 63 10.02 -21.67 -13.36
CA PHE C 63 11.21 -22.50 -13.19
C PHE C 63 12.13 -22.13 -14.34
N LEU C 64 13.32 -21.62 -14.02
CA LEU C 64 14.31 -21.27 -15.02
C LEU C 64 15.31 -22.40 -15.12
N ARG C 65 15.27 -23.11 -16.25
CA ARG C 65 16.19 -24.23 -16.52
C ARG C 65 17.34 -23.74 -17.38
N GLN C 66 18.57 -24.02 -16.92
CA GLN C 66 19.78 -23.73 -17.70
C GLN C 66 20.53 -25.01 -17.92
N LYS C 67 21.07 -25.17 -19.12
CA LYS C 67 21.85 -26.34 -19.46
C LYS C 67 23.16 -25.94 -20.13
N TRP C 68 24.27 -26.50 -19.66
CA TRP C 68 25.57 -26.26 -20.26
C TRP C 68 26.50 -27.44 -19.99
N ASN C 69 27.64 -27.45 -20.65
CA ASN C 69 28.62 -28.52 -20.44
C ASN C 69 29.83 -28.07 -19.65
N ASP C 70 30.18 -28.85 -18.64
CA ASP C 70 31.39 -28.65 -17.86
C ASP C 70 32.19 -29.93 -17.90
N PRO C 71 33.19 -30.01 -18.79
CA PRO C 71 34.02 -31.20 -18.87
C PRO C 71 34.60 -31.66 -17.53
N ARG C 72 34.88 -30.72 -16.63
CA ARG C 72 35.38 -31.08 -15.30
C ARG C 72 34.42 -31.98 -14.50
N LEU C 73 33.14 -31.93 -14.83
CA LEU C 73 32.12 -32.64 -14.05
C LEU C 73 31.72 -33.96 -14.67
N ALA C 74 32.38 -34.35 -15.76
CA ALA C 74 32.15 -35.65 -16.34
C ALA C 74 32.60 -36.73 -15.36
N TYR C 75 31.92 -37.87 -15.38
CA TYR C 75 32.18 -38.96 -14.45
C TYR C 75 32.04 -40.31 -15.10
N SER C 76 32.73 -41.29 -14.53
CA SER C 76 32.67 -42.68 -14.99
C SER C 76 32.47 -43.70 -13.87
N GLU C 77 32.33 -43.24 -12.63
CA GLU C 77 32.36 -44.12 -11.47
C GLU C 77 31.02 -44.81 -11.26
N TYR C 78 29.98 -44.32 -11.92
CA TYR C 78 28.66 -44.93 -11.85
C TYR C 78 28.10 -45.09 -13.26
N PRO C 79 27.28 -46.14 -13.47
CA PRO C 79 26.70 -46.41 -14.78
C PRO C 79 25.55 -45.47 -15.12
N ASP C 80 25.07 -44.72 -14.11
CA ASP C 80 23.87 -43.92 -14.23
C ASP C 80 24.11 -42.85 -15.29
N ASP C 81 23.13 -42.63 -16.17
CA ASP C 81 23.23 -41.60 -17.21
C ASP C 81 23.39 -40.22 -16.61
N SER C 82 22.77 -40.02 -15.46
CA SER C 82 22.86 -38.77 -14.73
C SER C 82 22.71 -38.99 -13.24
N LEU C 83 23.14 -38.00 -12.47
CA LEU C 83 23.07 -38.02 -11.03
C LEU C 83 22.31 -36.78 -10.54
N ASP C 84 21.33 -37.00 -9.68
CA ASP C 84 20.62 -35.90 -9.03
C ASP C 84 21.36 -35.50 -7.76
N LEU C 85 22.07 -34.38 -7.79
CA LEU C 85 22.85 -33.90 -6.63
C LEU C 85 22.06 -32.94 -5.73
N ASP C 86 22.39 -32.95 -4.44
CA ASP C 86 21.85 -31.97 -3.49
C ASP C 86 22.26 -30.56 -3.90
N PRO C 87 21.33 -29.60 -3.87
CA PRO C 87 21.62 -28.27 -4.39
C PRO C 87 22.70 -27.50 -3.61
N SER C 88 23.03 -27.93 -2.40
CA SER C 88 24.17 -27.35 -1.70
C SER C 88 25.43 -27.38 -2.55
N MET C 89 25.53 -28.38 -3.42
CA MET C 89 26.65 -28.51 -4.33
C MET C 89 26.67 -27.47 -5.44
N LEU C 90 25.60 -26.72 -5.62
CA LEU C 90 25.60 -25.65 -6.59
C LEU C 90 26.60 -24.55 -6.26
N ASP C 91 26.90 -24.35 -4.98
CA ASP C 91 27.85 -23.32 -4.59
C ASP C 91 29.26 -23.76 -4.95
N SER C 92 29.48 -25.06 -5.05
CA SER C 92 30.80 -25.60 -5.36
C SER C 92 31.17 -25.57 -6.83
N ILE C 93 30.22 -25.31 -7.71
CA ILE C 93 30.50 -25.38 -9.15
C ILE C 93 30.31 -24.04 -9.86
N TRP C 94 31.00 -23.86 -10.98
CA TRP C 94 30.78 -22.70 -11.84
C TRP C 94 29.37 -22.77 -12.42
N LYS C 95 28.75 -21.61 -12.64
CA LYS C 95 27.45 -21.52 -13.32
C LYS C 95 27.15 -20.12 -13.86
N PRO C 96 26.39 -20.04 -14.96
CA PRO C 96 26.21 -18.77 -15.67
C PRO C 96 25.66 -17.69 -14.77
N ASP C 97 25.89 -16.44 -15.13
CA ASP C 97 25.46 -15.31 -14.31
C ASP C 97 24.20 -14.64 -14.87
N LEU C 98 23.25 -15.46 -15.30
CA LEU C 98 22.03 -15.00 -15.95
C LEU C 98 21.25 -14.06 -15.06
N PHE C 99 20.85 -12.92 -15.61
CA PHE C 99 19.95 -11.99 -14.94
C PHE C 99 18.90 -11.50 -15.93
N PHE C 100 17.78 -11.02 -15.39
CA PHE C 100 16.68 -10.58 -16.23
C PHE C 100 16.77 -9.08 -16.46
N ALA C 101 17.10 -8.70 -17.68
CA ALA C 101 17.46 -7.32 -17.98
C ALA C 101 16.35 -6.34 -17.64
N ASN C 102 15.11 -6.76 -17.81
CA ASN C 102 13.95 -5.88 -17.57
C ASN C 102 13.21 -6.21 -16.28
N GLU C 103 13.90 -6.83 -15.35
CA GLU C 103 13.33 -7.13 -14.04
C GLU C 103 13.31 -5.89 -13.14
N LYS C 104 12.14 -5.56 -12.62
CA LYS C 104 11.99 -4.49 -11.64
C LYS C 104 12.12 -5.02 -10.23
N GLY C 105 11.81 -6.31 -10.04
CA GLY C 105 12.07 -6.99 -8.78
C GLY C 105 12.06 -8.49 -8.99
N ALA C 106 12.80 -9.21 -8.15
CA ALA C 106 12.94 -10.66 -8.30
C ALA C 106 13.34 -11.28 -6.99
N ASN C 107 12.91 -12.51 -6.73
CA ASN C 107 13.35 -13.24 -5.56
C ASN C 107 13.42 -14.74 -5.78
N PHE C 108 14.29 -15.37 -5.02
CA PHE C 108 14.40 -16.82 -4.99
C PHE C 108 13.35 -17.37 -4.03
N HIS C 109 13.22 -18.68 -3.94
CA HIS C 109 12.29 -19.32 -3.00
C HIS C 109 13.03 -20.29 -2.08
N GLU C 110 12.89 -20.09 -0.78
CA GLU C 110 13.67 -20.82 0.20
C GLU C 110 12.86 -21.69 1.15
N VAL C 111 11.53 -21.68 1.02
CA VAL C 111 10.66 -22.49 1.87
C VAL C 111 10.25 -23.75 1.12
N THR C 112 10.40 -24.93 1.71
CA THR C 112 10.98 -25.11 3.03
C THR C 112 12.48 -25.27 2.94
N THR C 113 12.98 -25.36 1.70
CA THR C 113 14.40 -25.39 1.40
C THR C 113 14.58 -24.67 0.07
N ASP C 114 15.82 -24.42 -0.32
CA ASP C 114 16.08 -23.70 -1.57
C ASP C 114 15.42 -24.48 -2.69
N ASN C 115 14.54 -23.81 -3.43
CA ASN C 115 13.81 -24.40 -4.53
C ASN C 115 14.77 -24.45 -5.71
N LYS C 116 15.71 -25.40 -5.66
CA LYS C 116 16.76 -25.53 -6.68
C LYS C 116 16.97 -26.98 -7.05
N LEU C 117 17.49 -27.20 -8.25
CA LEU C 117 17.66 -28.54 -8.78
C LEU C 117 18.99 -28.62 -9.50
N LEU C 118 19.80 -29.62 -9.18
CA LEU C 118 21.10 -29.80 -9.84
C LEU C 118 21.26 -31.22 -10.30
N ARG C 119 21.49 -31.40 -11.59
CA ARG C 119 21.60 -32.72 -12.18
C ARG C 119 22.78 -32.71 -13.13
N ILE C 120 23.71 -33.64 -12.93
CA ILE C 120 24.89 -33.75 -13.80
C ILE C 120 24.87 -35.08 -14.55
N PHE C 121 25.47 -35.07 -15.73
CA PHE C 121 25.43 -36.20 -16.63
C PHE C 121 26.84 -36.75 -16.84
N LYS C 122 26.93 -38.03 -17.20
CA LYS C 122 28.21 -38.71 -17.47
C LYS C 122 29.21 -37.81 -18.20
N ASN C 123 28.75 -37.18 -19.27
CA ASN C 123 29.60 -36.36 -20.12
C ASN C 123 29.84 -34.94 -19.61
N GLY C 124 29.42 -34.65 -18.38
CA GLY C 124 29.69 -33.35 -17.76
C GLY C 124 28.66 -32.29 -18.07
N ASN C 125 27.57 -32.66 -18.74
CA ASN C 125 26.47 -31.74 -18.93
C ASN C 125 25.80 -31.46 -17.60
N VAL C 126 25.28 -30.24 -17.46
CA VAL C 126 24.62 -29.81 -16.25
C VAL C 126 23.19 -29.41 -16.57
N LEU C 127 22.28 -29.76 -15.68
CA LEU C 127 20.93 -29.21 -15.68
C LEU C 127 20.77 -28.49 -14.35
N TYR C 128 20.34 -27.23 -14.42
CA TYR C 128 20.21 -26.40 -13.24
C TYR C 128 18.89 -25.65 -13.29
N SER C 129 17.92 -26.11 -12.51
CA SER C 129 16.63 -25.45 -12.44
C SER C 129 16.47 -24.70 -11.14
N ILE C 130 15.96 -23.48 -11.23
CA ILE C 130 15.74 -22.63 -10.07
C ILE C 130 14.40 -21.94 -10.18
N ARG C 131 13.67 -21.90 -9.09
CA ARG C 131 12.38 -21.22 -9.06
C ARG C 131 12.59 -19.77 -8.71
N LEU C 132 11.95 -18.90 -9.46
CA LEU C 132 12.07 -17.48 -9.31
C LEU C 132 10.71 -16.83 -9.41
N THR C 133 10.52 -15.74 -8.68
CA THR C 133 9.41 -14.84 -8.92
C THR C 133 10.01 -13.54 -9.47
N LEU C 134 9.53 -13.12 -10.64
CA LEU C 134 10.04 -11.92 -11.29
C LEU C 134 8.92 -10.96 -11.53
N THR C 135 9.16 -9.68 -11.26
CA THR C 135 8.33 -8.60 -11.74
C THR C 135 9.07 -7.92 -12.87
N LEU C 136 8.47 -7.91 -14.05
CA LEU C 136 9.14 -7.48 -15.26
C LEU C 136 8.43 -6.26 -15.83
N SER C 137 9.19 -5.32 -16.36
CA SER C 137 8.59 -4.13 -16.98
C SER C 137 8.00 -4.48 -18.34
N CYS C 138 6.83 -3.92 -18.60
CA CYS C 138 6.10 -4.15 -19.84
C CYS C 138 5.47 -2.83 -20.23
N PRO C 139 6.20 -1.98 -20.98
CA PRO C 139 5.67 -0.73 -21.48
C PRO C 139 4.48 -1.00 -22.37
N MET C 140 3.44 -0.20 -22.21
CA MET C 140 2.17 -0.46 -22.86
C MET C 140 1.73 0.69 -23.75
N ASP C 141 1.17 0.34 -24.91
CA ASP C 141 0.53 1.30 -25.78
C ASP C 141 -0.96 1.15 -25.52
N LEU C 142 -1.59 2.20 -25.01
CA LEU C 142 -3.00 2.15 -24.64
C LEU C 142 -3.91 2.88 -25.65
N LYS C 143 -3.39 3.14 -26.84
CA LYS C 143 -4.15 3.82 -27.89
C LYS C 143 -5.54 3.22 -28.05
N ASN C 144 -5.62 1.90 -28.15
CA ASN C 144 -6.89 1.23 -28.41
C ASN C 144 -7.58 0.64 -27.17
N PHE C 145 -7.23 1.16 -26.00
CA PHE C 145 -7.80 0.66 -24.75
C PHE C 145 -9.29 0.99 -24.69
N PRO C 146 -10.15 0.04 -24.32
CA PRO C 146 -9.80 -1.27 -23.79
C PRO C 146 -9.94 -2.41 -24.79
N MET C 147 -9.71 -2.13 -26.07
CA MET C 147 -9.70 -3.17 -27.10
C MET C 147 -8.27 -3.35 -27.58
N ASP C 148 -7.33 -3.22 -26.64
CA ASP C 148 -5.90 -3.20 -26.94
C ASP C 148 -5.29 -4.59 -26.76
N VAL C 149 -4.08 -4.74 -27.29
CA VAL C 149 -3.31 -5.96 -27.15
C VAL C 149 -1.87 -5.59 -26.84
N GLN C 150 -1.30 -6.17 -25.80
CA GLN C 150 0.02 -5.79 -25.31
C GLN C 150 1.05 -6.88 -25.54
N THR C 151 2.29 -6.47 -25.75
CA THR C 151 3.39 -7.40 -25.89
C THR C 151 4.33 -7.19 -24.72
N CYS C 152 4.32 -8.13 -23.78
CA CYS C 152 5.22 -8.10 -22.63
C CYS C 152 6.41 -9.01 -22.87
N ILE C 153 7.61 -8.53 -22.54
CA ILE C 153 8.84 -9.28 -22.84
C ILE C 153 9.58 -9.75 -21.59
N MET C 154 10.62 -10.54 -21.82
CA MET C 154 11.42 -11.10 -20.75
C MET C 154 12.80 -11.38 -21.34
N GLN C 155 13.80 -10.68 -20.83
CA GLN C 155 15.16 -10.75 -21.38
C GLN C 155 16.10 -11.47 -20.44
N LEU C 156 16.72 -12.54 -20.94
CA LEU C 156 17.72 -13.30 -20.20
C LEU C 156 19.10 -12.87 -20.69
N GLU C 157 19.95 -12.37 -19.77
CA GLU C 157 21.19 -11.69 -20.15
C GLU C 157 22.33 -12.07 -19.21
N SER C 158 23.55 -12.03 -19.71
CA SER C 158 24.73 -12.17 -18.85
C SER C 158 25.19 -10.81 -18.37
N PHE C 159 25.57 -10.73 -17.09
CA PHE C 159 26.02 -9.47 -16.53
C PHE C 159 27.50 -9.22 -16.71
N GLY C 160 28.31 -10.27 -16.59
CA GLY C 160 29.76 -10.14 -16.58
C GLY C 160 30.51 -10.80 -17.72
N TYR C 161 29.87 -11.76 -18.38
CA TYR C 161 30.53 -12.49 -19.45
C TYR C 161 30.21 -11.91 -20.83
N THR C 162 31.26 -11.52 -21.54
CA THR C 162 31.12 -11.07 -22.92
C THR C 162 30.86 -12.26 -23.84
N MET C 163 30.43 -11.97 -25.06
CA MET C 163 29.99 -12.97 -26.04
C MET C 163 31.05 -14.05 -26.37
N ASN C 164 32.32 -13.73 -26.18
CA ASN C 164 33.39 -14.68 -26.43
C ASN C 164 33.58 -15.71 -25.30
N ASP C 165 33.03 -15.43 -24.13
CA ASP C 165 33.11 -16.36 -23.00
C ASP C 165 31.81 -17.09 -22.69
N LEU C 166 30.67 -16.45 -22.95
CA LEU C 166 29.36 -17.00 -22.58
C LEU C 166 28.28 -16.56 -23.55
N ILE C 167 27.52 -17.54 -24.04
CA ILE C 167 26.44 -17.31 -25.00
C ILE C 167 25.16 -18.01 -24.56
N PHE C 168 24.04 -17.29 -24.58
CA PHE C 168 22.73 -17.90 -24.29
C PHE C 168 21.98 -18.23 -25.57
N GLU C 169 21.05 -19.18 -25.45
CA GLU C 169 20.30 -19.71 -26.58
C GLU C 169 19.05 -20.40 -26.03
N TRP C 170 17.93 -20.29 -26.72
CA TRP C 170 16.71 -20.99 -26.29
C TRP C 170 16.79 -22.44 -26.73
N GLN C 171 16.10 -23.33 -26.00
CA GLN C 171 15.92 -24.71 -26.44
C GLN C 171 15.22 -24.75 -27.79
N ASP C 172 15.56 -25.73 -28.61
CA ASP C 172 14.86 -25.90 -29.89
C ASP C 172 13.44 -26.38 -29.63
N GLU C 173 13.30 -27.48 -28.88
CA GLU C 173 11.99 -28.06 -28.55
C GLU C 173 11.45 -27.47 -27.25
N ALA C 174 10.28 -26.83 -27.33
CA ALA C 174 9.51 -26.40 -26.16
C ALA C 174 10.30 -25.53 -25.19
N PRO C 175 10.77 -24.35 -25.63
CA PRO C 175 11.52 -23.46 -24.76
C PRO C 175 10.69 -22.85 -23.63
N VAL C 176 9.45 -22.48 -23.93
CA VAL C 176 8.59 -21.84 -22.95
C VAL C 176 7.33 -22.67 -22.77
N GLN C 177 7.25 -23.35 -21.63
CA GLN C 177 6.06 -24.13 -21.28
C GLN C 177 5.23 -23.37 -20.25
N VAL C 178 3.91 -23.55 -20.33
CA VAL C 178 2.99 -22.87 -19.44
C VAL C 178 2.15 -23.91 -18.73
N ALA C 179 1.92 -23.71 -17.44
CA ALA C 179 1.17 -24.67 -16.64
C ALA C 179 -0.23 -24.85 -17.19
N GLU C 180 -0.76 -26.07 -17.08
CA GLU C 180 -2.09 -26.40 -17.61
C GLU C 180 -3.17 -25.65 -16.84
N GLY C 181 -4.14 -25.10 -17.57
CA GLY C 181 -5.26 -24.40 -16.97
C GLY C 181 -4.92 -23.05 -16.34
N LEU C 182 -3.81 -22.47 -16.74
CA LEU C 182 -3.40 -21.17 -16.25
C LEU C 182 -4.24 -20.10 -16.94
N THR C 183 -5.00 -19.33 -16.18
CA THR C 183 -5.85 -18.28 -16.76
C THR C 183 -5.55 -16.91 -16.15
N LEU C 184 -5.81 -15.87 -16.93
CA LEU C 184 -5.70 -14.50 -16.49
C LEU C 184 -7.10 -13.91 -16.57
N PRO C 185 -7.51 -13.15 -15.54
CA PRO C 185 -8.90 -12.70 -15.53
C PRO C 185 -9.20 -11.53 -16.48
N GLN C 186 -8.17 -10.76 -16.82
CA GLN C 186 -8.32 -9.57 -17.68
C GLN C 186 -7.91 -9.82 -19.13
N PHE C 187 -7.03 -10.79 -19.36
CA PHE C 187 -6.40 -11.00 -20.66
C PHE C 187 -6.51 -12.45 -21.10
N LEU C 188 -6.13 -12.68 -22.35
CA LEU C 188 -5.89 -14.02 -22.87
C LEU C 188 -4.42 -14.09 -23.21
N LEU C 189 -3.73 -15.14 -22.75
CA LEU C 189 -2.32 -15.33 -23.09
C LEU C 189 -2.24 -16.12 -24.37
N LYS C 190 -1.77 -15.50 -25.45
CA LYS C 190 -1.75 -16.15 -26.74
C LYS C 190 -0.69 -17.25 -26.78
N GLU C 191 -1.06 -18.36 -27.41
CA GLU C 191 -0.22 -19.56 -27.54
C GLU C 191 1.14 -19.28 -28.17
N GLU C 192 1.19 -18.39 -29.17
CA GLU C 192 2.43 -18.07 -29.85
C GLU C 192 3.28 -17.12 -29.02
N LYS C 193 4.51 -17.55 -28.71
CA LYS C 193 5.51 -16.71 -28.05
C LYS C 193 6.64 -16.47 -29.03
N ASP C 194 6.99 -15.20 -29.26
CA ASP C 194 8.12 -14.89 -30.13
C ASP C 194 9.40 -15.07 -29.32
N LEU C 195 10.41 -15.69 -29.93
CA LEU C 195 11.74 -15.78 -29.36
C LEU C 195 12.66 -14.96 -30.23
N ARG C 196 13.57 -14.20 -29.63
CA ARG C 196 14.56 -13.47 -30.41
C ARG C 196 15.81 -13.13 -29.58
N TYR C 197 16.84 -12.62 -30.25
CA TYR C 197 18.05 -12.16 -29.60
C TYR C 197 17.99 -10.66 -29.28
N CYS C 198 18.36 -10.29 -28.05
CA CYS C 198 18.40 -8.90 -27.62
C CYS C 198 19.84 -8.41 -27.42
N THR C 199 20.81 -9.10 -28.01
CA THR C 199 22.24 -8.88 -27.72
C THR C 199 22.62 -7.42 -27.48
N LYS C 200 23.15 -7.14 -26.30
CA LYS C 200 23.42 -5.79 -25.85
C LYS C 200 24.86 -5.39 -26.12
N HIS C 201 25.06 -4.14 -26.48
CA HIS C 201 26.39 -3.53 -26.56
C HIS C 201 26.42 -2.34 -25.62
N TYR C 202 27.24 -2.41 -24.57
CA TYR C 202 27.44 -1.28 -23.67
C TYR C 202 28.88 -0.85 -23.80
N ASN C 203 29.28 0.21 -23.09
CA ASN C 203 30.70 0.61 -23.10
C ASN C 203 31.59 -0.42 -22.40
N THR C 204 30.98 -1.31 -21.64
CA THR C 204 31.71 -2.39 -20.99
C THR C 204 31.88 -3.61 -21.90
N GLY C 205 31.19 -3.64 -23.03
CA GLY C 205 31.35 -4.73 -23.99
C GLY C 205 30.06 -5.20 -24.62
N LYS C 206 30.14 -6.35 -25.29
CA LYS C 206 29.01 -6.96 -25.98
C LYS C 206 28.59 -8.19 -25.18
N PHE C 207 27.34 -8.20 -24.71
CA PHE C 207 26.87 -9.23 -23.79
C PHE C 207 25.70 -10.01 -24.37
N THR C 208 25.73 -11.33 -24.22
CA THR C 208 24.65 -12.19 -24.70
C THR C 208 23.30 -11.85 -24.05
N CYS C 209 22.24 -11.96 -24.83
CA CYS C 209 20.89 -11.69 -24.35
C CYS C 209 19.89 -12.36 -25.29
N ILE C 210 18.96 -13.11 -24.72
CA ILE C 210 17.87 -13.72 -25.49
C ILE C 210 16.55 -13.35 -24.84
N GLU C 211 15.49 -13.33 -25.65
CA GLU C 211 14.24 -12.66 -25.31
C GLU C 211 13.08 -13.57 -25.64
N VAL C 212 12.01 -13.45 -24.87
CA VAL C 212 10.73 -14.08 -25.21
C VAL C 212 9.63 -13.04 -25.07
N ARG C 213 8.76 -12.95 -26.09
CA ARG C 213 7.68 -11.97 -26.11
C ARG C 213 6.33 -12.68 -25.96
N PHE C 214 5.60 -12.32 -24.90
CA PHE C 214 4.25 -12.83 -24.70
C PHE C 214 3.26 -11.86 -25.30
N HIS C 215 2.19 -12.37 -25.89
CA HIS C 215 1.13 -11.50 -26.42
C HIS C 215 -0.14 -11.60 -25.57
N LEU C 216 -0.55 -10.46 -25.02
CA LEU C 216 -1.69 -10.40 -24.12
C LEU C 216 -2.81 -9.59 -24.72
N GLU C 217 -3.89 -10.27 -25.09
CA GLU C 217 -5.07 -9.65 -25.65
C GLU C 217 -6.07 -9.40 -24.53
N ARG C 218 -6.48 -8.15 -24.36
CA ARG C 218 -7.37 -7.77 -23.25
C ARG C 218 -8.80 -8.19 -23.54
N GLN C 219 -9.46 -8.77 -22.54
CA GLN C 219 -10.84 -9.21 -22.67
C GLN C 219 -11.79 -8.02 -22.55
N MET C 220 -12.75 -7.95 -23.47
CA MET C 220 -13.64 -6.81 -23.64
C MET C 220 -14.78 -6.76 -22.61
N GLY C 221 -15.18 -7.94 -22.12
CA GLY C 221 -16.45 -8.08 -21.39
C GLY C 221 -16.72 -7.13 -20.23
N TYR C 222 -15.73 -7.00 -19.35
CA TYR C 222 -15.85 -6.12 -18.18
C TYR C 222 -16.24 -4.71 -18.57
N TYR C 223 -15.64 -4.22 -19.66
CA TYR C 223 -15.81 -2.83 -20.06
C TYR C 223 -17.19 -2.54 -20.66
N LEU C 224 -17.85 -3.56 -21.19
CA LEU C 224 -19.26 -3.42 -21.55
C LEU C 224 -20.05 -3.25 -20.28
N ILE C 225 -19.87 -4.18 -19.35
CA ILE C 225 -20.58 -4.17 -18.06
C ILE C 225 -20.37 -2.87 -17.26
N GLN C 226 -19.14 -2.36 -17.26
CA GLN C 226 -18.76 -1.28 -16.36
C GLN C 226 -18.74 0.10 -17.03
N MET C 227 -18.53 0.13 -18.34
CA MET C 227 -18.20 1.38 -19.03
C MET C 227 -19.12 1.69 -20.23
N TYR C 228 -19.26 0.74 -21.15
CA TYR C 228 -20.01 0.97 -22.39
C TYR C 228 -21.54 0.91 -22.24
N ILE C 229 -22.05 -0.08 -21.52
CA ILE C 229 -23.50 -0.20 -21.29
C ILE C 229 -24.04 0.92 -20.39
N PRO C 230 -23.41 1.17 -19.23
CA PRO C 230 -23.89 2.26 -18.40
C PRO C 230 -23.75 3.67 -19.01
N SER C 231 -23.00 3.80 -20.10
CA SER C 231 -22.93 5.06 -20.85
C SER C 231 -24.05 5.16 -21.92
N LEU C 232 -24.37 4.04 -22.57
CA LEU C 232 -25.53 3.97 -23.48
C LEU C 232 -26.79 4.34 -22.73
N LEU C 233 -26.86 3.87 -21.49
CA LEU C 233 -27.98 4.10 -20.61
C LEU C 233 -28.16 5.58 -20.24
N ILE C 234 -27.06 6.33 -20.16
CA ILE C 234 -27.12 7.77 -19.90
C ILE C 234 -27.48 8.56 -21.17
N VAL C 235 -27.02 8.08 -22.32
CA VAL C 235 -27.37 8.68 -23.61
C VAL C 235 -28.85 8.46 -23.94
N ILE C 236 -29.34 7.24 -23.68
CA ILE C 236 -30.77 6.93 -23.86
C ILE C 236 -31.64 7.73 -22.90
N LEU C 237 -31.13 7.99 -21.70
CA LEU C 237 -31.84 8.82 -20.72
C LEU C 237 -31.98 10.26 -21.20
N SER C 238 -30.94 10.79 -21.85
CA SER C 238 -30.99 12.16 -22.40
C SER C 238 -32.11 12.33 -23.45
N TRP C 239 -32.46 11.24 -24.13
CA TRP C 239 -33.48 11.26 -25.18
C TRP C 239 -34.92 11.32 -24.67
N VAL C 240 -35.17 10.97 -23.40
CA VAL C 240 -36.55 10.99 -22.88
C VAL C 240 -37.04 12.41 -22.67
N SER C 241 -36.11 13.37 -22.65
CA SER C 241 -36.44 14.80 -22.62
C SER C 241 -37.33 15.25 -23.79
N PHE C 242 -37.18 14.62 -24.96
CA PHE C 242 -37.92 15.03 -26.16
C PHE C 242 -39.39 14.61 -26.17
N TRP C 243 -39.73 13.61 -25.36
CA TRP C 243 -41.12 13.18 -25.20
C TRP C 243 -41.79 13.93 -24.05
N ILE C 244 -41.03 14.75 -23.34
CA ILE C 244 -41.55 15.56 -22.23
C ILE C 244 -42.02 16.93 -22.74
N ASN C 245 -43.12 17.39 -22.16
CA ASN C 245 -43.74 18.68 -22.48
C ASN C 245 -42.75 19.84 -22.41
N MET C 246 -42.79 20.73 -23.42
CA MET C 246 -41.83 21.83 -23.50
C MET C 246 -41.99 22.89 -22.40
N ASP C 247 -43.22 23.04 -21.88
CA ASP C 247 -43.50 23.98 -20.78
C ASP C 247 -42.75 23.63 -19.48
N ALA C 248 -42.51 22.34 -19.25
CA ALA C 248 -41.78 21.87 -18.06
C ALA C 248 -40.26 22.11 -18.18
N ALA C 249 -39.86 23.37 -17.95
CA ALA C 249 -38.45 23.76 -18.05
C ALA C 249 -37.56 23.09 -17.00
N PRO C 250 -37.95 23.17 -15.71
CA PRO C 250 -37.07 22.57 -14.69
C PRO C 250 -36.81 21.06 -14.89
N ALA C 251 -37.83 20.34 -15.36
CA ALA C 251 -37.74 18.90 -15.59
C ALA C 251 -36.78 18.56 -16.73
N ARG C 252 -36.98 19.20 -17.89
CA ARG C 252 -36.14 18.99 -19.07
C ARG C 252 -34.70 19.46 -18.85
N VAL C 253 -34.54 20.58 -18.14
CA VAL C 253 -33.22 21.12 -17.83
C VAL C 253 -32.48 20.24 -16.83
N ALA C 254 -33.13 19.93 -15.70
CA ALA C 254 -32.56 19.02 -14.70
C ALA C 254 -32.11 17.70 -15.33
N LEU C 255 -32.99 17.14 -16.16
CA LEU C 255 -32.73 15.91 -16.91
C LEU C 255 -31.55 16.10 -17.87
N GLY C 256 -31.46 17.28 -18.47
CA GLY C 256 -30.33 17.62 -19.33
C GLY C 256 -29.03 17.84 -18.58
N ILE C 257 -29.10 18.42 -17.38
CA ILE C 257 -27.91 18.67 -16.55
C ILE C 257 -27.34 17.39 -15.96
N THR C 258 -28.19 16.67 -15.24
CA THR C 258 -27.81 15.45 -14.54
C THR C 258 -27.12 14.47 -15.48
N THR C 259 -27.63 14.34 -16.69
CA THR C 259 -27.03 13.46 -17.69
C THR C 259 -25.64 13.93 -18.14
N VAL C 260 -25.42 15.24 -18.19
CA VAL C 260 -24.11 15.78 -18.56
C VAL C 260 -23.06 15.59 -17.45
N LEU C 261 -23.47 15.80 -16.20
CA LEU C 261 -22.56 15.65 -15.06
C LEU C 261 -22.22 14.20 -14.77
N THR C 262 -23.22 13.33 -14.89
CA THR C 262 -23.00 11.89 -14.82
C THR C 262 -22.00 11.47 -15.90
N MET C 263 -22.12 12.06 -17.09
CA MET C 263 -21.26 11.70 -18.20
C MET C 263 -19.83 12.25 -18.10
N THR C 264 -19.62 13.27 -17.25
CA THR C 264 -18.26 13.76 -16.98
C THR C 264 -17.53 12.93 -15.91
N THR C 265 -18.26 12.51 -14.88
CA THR C 265 -17.70 11.61 -13.86
C THR C 265 -17.49 10.21 -14.46
N GLN C 266 -18.44 9.78 -15.31
CA GLN C 266 -18.31 8.56 -16.09
C GLN C 266 -17.04 8.57 -16.96
N SER C 267 -16.73 9.74 -17.51
CA SER C 267 -15.57 9.91 -18.38
C SER C 267 -14.24 9.90 -17.62
N SER C 268 -14.18 10.62 -16.50
CA SER C 268 -12.96 10.67 -15.68
C SER C 268 -12.75 9.36 -14.92
N GLY C 269 -13.85 8.70 -14.54
CA GLY C 269 -13.79 7.41 -13.89
C GLY C 269 -13.29 6.26 -14.76
N SER C 270 -13.32 6.43 -16.07
CA SER C 270 -12.85 5.42 -17.02
C SER C 270 -11.33 5.38 -17.15
N ARG C 271 -10.67 6.48 -16.79
CA ARG C 271 -9.20 6.55 -16.79
C ARG C 271 -8.59 6.31 -15.40
N ALA C 272 -9.43 6.02 -14.41
CA ALA C 272 -9.01 6.06 -13.00
C ALA C 272 -8.05 4.94 -12.58
N SER C 273 -7.98 3.87 -13.37
CA SER C 273 -7.06 2.76 -13.08
C SER C 273 -5.93 2.65 -14.11
N LEU C 274 -5.57 3.77 -14.72
CA LEU C 274 -4.62 3.80 -15.83
C LEU C 274 -3.55 4.82 -15.54
N PRO C 275 -2.40 4.70 -16.19
CA PRO C 275 -1.37 5.71 -16.01
C PRO C 275 -1.80 6.97 -16.72
N LYS C 276 -1.22 8.11 -16.34
CA LYS C 276 -1.65 9.39 -16.89
C LYS C 276 -0.93 9.68 -18.20
N VAL C 277 -1.18 8.83 -19.18
CA VAL C 277 -0.62 8.99 -20.52
C VAL C 277 -1.23 10.23 -21.14
N SER C 278 -0.46 10.89 -22.00
CA SER C 278 -0.86 12.17 -22.56
C SER C 278 -1.33 12.04 -24.01
N TYR C 279 -2.06 10.95 -24.31
CA TYR C 279 -2.60 10.72 -25.65
C TYR C 279 -4.03 10.18 -25.58
N VAL C 280 -4.74 10.29 -26.69
CA VAL C 280 -6.17 9.94 -26.73
C VAL C 280 -6.37 8.43 -26.91
N LYS C 281 -7.11 7.83 -25.98
CA LYS C 281 -7.41 6.41 -26.02
C LYS C 281 -8.78 6.16 -26.65
N ALA C 282 -9.05 4.92 -27.05
CA ALA C 282 -10.32 4.56 -27.69
C ALA C 282 -11.52 4.79 -26.76
N ILE C 283 -11.31 4.63 -25.46
CA ILE C 283 -12.36 4.89 -24.48
C ILE C 283 -12.61 6.40 -24.31
N ASP C 284 -11.56 7.20 -24.50
CA ASP C 284 -11.69 8.66 -24.44
C ASP C 284 -12.54 9.20 -25.59
N ILE C 285 -12.39 8.61 -26.78
CA ILE C 285 -13.22 8.95 -27.92
C ILE C 285 -14.68 8.70 -27.58
N TRP C 286 -14.98 7.46 -27.18
CA TRP C 286 -16.35 7.06 -26.86
C TRP C 286 -17.00 7.96 -25.81
N MET C 287 -16.27 8.29 -24.76
CA MET C 287 -16.81 9.14 -23.69
C MET C 287 -17.00 10.58 -24.15
N ALA C 288 -16.15 11.03 -25.08
CA ALA C 288 -16.26 12.37 -25.65
C ALA C 288 -17.44 12.48 -26.62
N VAL C 289 -17.61 11.47 -27.46
CA VAL C 289 -18.75 11.43 -28.36
C VAL C 289 -20.05 11.27 -27.56
N CYS C 290 -20.02 10.42 -26.52
CA CYS C 290 -21.17 10.28 -25.60
C CYS C 290 -21.46 11.56 -24.82
N LEU C 291 -20.44 12.40 -24.65
CA LEU C 291 -20.62 13.68 -23.98
C LEU C 291 -21.34 14.68 -24.89
N LEU C 292 -21.03 14.65 -26.19
CA LEU C 292 -21.68 15.50 -27.17
C LEU C 292 -23.17 15.16 -27.35
N PHE C 293 -23.49 13.89 -27.50
CA PHE C 293 -24.86 13.44 -27.72
C PHE C 293 -25.80 13.75 -26.53
N VAL C 294 -25.21 13.86 -25.34
CA VAL C 294 -25.94 14.25 -24.14
C VAL C 294 -25.98 15.77 -23.99
N PHE C 295 -24.87 16.43 -24.32
CA PHE C 295 -24.72 17.88 -24.22
C PHE C 295 -25.54 18.59 -25.31
N SER C 296 -25.67 17.96 -26.46
CA SER C 296 -26.50 18.47 -27.55
C SER C 296 -27.98 18.40 -27.17
N ALA C 297 -28.37 17.36 -26.45
CA ALA C 297 -29.75 17.20 -25.97
C ALA C 297 -30.22 18.37 -25.11
N LEU C 298 -29.31 18.94 -24.33
CA LEU C 298 -29.62 20.12 -23.51
C LEU C 298 -29.64 21.40 -24.36
N LEU C 299 -28.69 21.52 -25.28
CA LEU C 299 -28.69 22.61 -26.25
C LEU C 299 -29.92 22.56 -27.16
N GLU C 300 -30.44 21.36 -27.39
CA GLU C 300 -31.67 21.17 -28.13
C GLU C 300 -32.81 21.86 -27.38
N TYR C 301 -32.87 21.70 -26.07
CA TYR C 301 -33.92 22.36 -25.29
C TYR C 301 -33.67 23.88 -25.13
N ALA C 302 -32.41 24.30 -25.11
CA ALA C 302 -32.10 25.73 -25.13
C ALA C 302 -32.74 26.37 -26.35
N ALA C 303 -32.67 25.68 -27.49
CA ALA C 303 -33.29 26.14 -28.72
C ALA C 303 -34.82 26.12 -28.64
N VAL C 304 -35.38 25.03 -28.10
CA VAL C 304 -36.85 24.88 -27.96
C VAL C 304 -37.43 25.92 -27.01
N ASN C 305 -36.71 26.18 -25.92
CA ASN C 305 -37.14 27.18 -24.94
C ASN C 305 -37.02 28.61 -25.48
N PHE C 306 -36.01 28.85 -26.30
CA PHE C 306 -35.72 30.20 -26.79
C PHE C 306 -36.60 30.64 -27.96
N VAL C 307 -36.88 29.73 -28.90
CA VAL C 307 -37.74 30.08 -30.04
C VAL C 307 -39.21 30.17 -29.65
N SER C 308 -39.57 29.57 -28.51
CA SER C 308 -40.96 29.56 -28.02
C SER C 308 -41.27 30.66 -26.99
N ARG C 309 -40.39 31.67 -26.87
CA ARG C 309 -40.54 32.73 -25.86
C ARG C 309 -41.95 33.32 -25.82
N ALA C 310 -42.37 33.94 -26.91
CA ALA C 310 -43.74 34.41 -27.05
C ALA C 310 -44.65 33.20 -27.23
N GLY C 311 -45.85 33.27 -26.64
CA GLY C 311 -46.78 32.13 -26.64
C GLY C 311 -47.52 31.89 -27.94
N THR C 312 -47.16 32.62 -29.00
CA THR C 312 -47.90 32.56 -30.28
C THR C 312 -47.84 31.19 -30.93
N LYS C 313 -48.91 30.83 -31.64
CA LYS C 313 -49.06 29.51 -32.27
C LYS C 313 -47.92 29.15 -33.22
N VAL C 314 -47.47 30.14 -34.00
CA VAL C 314 -46.41 29.94 -35.00
C VAL C 314 -45.09 29.43 -34.40
N PHE C 315 -44.72 29.95 -33.22
CA PHE C 315 -43.44 29.60 -32.59
C PHE C 315 -43.53 28.34 -31.73
N ILE C 316 -44.66 28.12 -31.07
CA ILE C 316 -44.88 26.90 -30.27
C ILE C 316 -44.85 25.66 -31.18
N ASP C 317 -45.38 25.82 -32.40
CA ASP C 317 -45.32 24.77 -33.41
C ASP C 317 -43.95 24.68 -34.08
N ARG C 318 -43.26 25.81 -34.20
CA ARG C 318 -41.88 25.84 -34.69
C ARG C 318 -40.94 25.10 -33.72
N ALA C 319 -41.12 25.38 -32.42
CA ALA C 319 -40.41 24.66 -31.35
C ALA C 319 -40.80 23.19 -31.32
N LYS C 320 -42.09 22.93 -31.53
CA LYS C 320 -42.63 21.57 -31.65
C LYS C 320 -41.89 20.76 -32.72
N LYS C 321 -41.65 21.39 -33.88
CA LYS C 321 -40.94 20.75 -34.99
C LYS C 321 -39.59 20.17 -34.58
N ILE C 322 -38.86 20.88 -33.73
CA ILE C 322 -37.49 20.48 -33.36
C ILE C 322 -37.48 19.12 -32.63
N ASP C 323 -38.38 18.94 -31.68
CA ASP C 323 -38.44 17.70 -30.88
C ASP C 323 -38.85 16.47 -31.70
N THR C 324 -39.81 16.64 -32.60
CA THR C 324 -40.26 15.55 -33.47
C THR C 324 -39.19 15.13 -34.47
N ILE C 325 -38.28 16.05 -34.79
CA ILE C 325 -37.07 15.72 -35.57
C ILE C 325 -36.02 15.06 -34.66
N SER C 326 -35.79 15.64 -33.49
CA SER C 326 -34.78 15.14 -32.56
C SER C 326 -35.08 13.75 -31.99
N ARG C 327 -36.36 13.42 -31.87
CA ARG C 327 -36.78 12.09 -31.44
C ARG C 327 -36.34 10.99 -32.39
N ALA C 328 -36.24 11.31 -33.68
CA ALA C 328 -35.77 10.37 -34.70
C ALA C 328 -34.28 10.57 -35.07
N CYS C 329 -33.78 11.80 -34.95
CA CYS C 329 -32.42 12.13 -35.39
C CYS C 329 -31.31 11.62 -34.48
N PHE C 330 -31.45 11.83 -33.19
CA PHE C 330 -30.38 11.47 -32.24
C PHE C 330 -30.18 9.96 -32.11
N PRO C 331 -31.26 9.19 -31.85
CA PRO C 331 -31.10 7.73 -31.86
C PRO C 331 -30.51 7.20 -33.17
N LEU C 332 -30.89 7.80 -34.30
CA LEU C 332 -30.34 7.45 -35.61
C LEU C 332 -28.86 7.84 -35.71
N ALA C 333 -28.54 9.06 -35.30
CA ALA C 333 -27.16 9.57 -35.38
C ALA C 333 -26.21 8.79 -34.46
N PHE C 334 -26.71 8.37 -33.31
CA PHE C 334 -25.94 7.56 -32.36
C PHE C 334 -25.74 6.14 -32.88
N LEU C 335 -26.74 5.59 -33.54
CA LEU C 335 -26.64 4.28 -34.18
C LEU C 335 -25.62 4.32 -35.31
N ILE C 336 -25.62 5.41 -36.08
CA ILE C 336 -24.63 5.64 -37.14
C ILE C 336 -23.21 5.76 -36.57
N PHE C 337 -23.07 6.34 -35.38
CA PHE C 337 -21.77 6.47 -34.72
C PHE C 337 -21.21 5.12 -34.26
N ASN C 338 -22.06 4.27 -33.68
CA ASN C 338 -21.64 2.95 -33.20
C ASN C 338 -21.24 2.02 -34.36
N ILE C 339 -21.96 2.11 -35.48
CA ILE C 339 -21.56 1.40 -36.69
C ILE C 339 -20.09 1.72 -37.00
N PHE C 340 -19.78 3.01 -37.05
CA PHE C 340 -18.41 3.45 -37.32
C PHE C 340 -17.44 2.98 -36.24
N TYR C 341 -17.74 3.36 -34.99
CA TYR C 341 -16.84 3.11 -33.85
C TYR C 341 -16.43 1.65 -33.70
N TRP C 342 -17.41 0.76 -33.57
CA TRP C 342 -17.13 -0.66 -33.36
C TRP C 342 -16.45 -1.32 -34.56
N VAL C 343 -16.86 -0.95 -35.77
CA VAL C 343 -16.23 -1.50 -36.98
C VAL C 343 -14.77 -1.06 -37.12
N ILE C 344 -14.45 0.15 -36.68
CA ILE C 344 -13.07 0.65 -36.71
C ILE C 344 -12.18 -0.16 -35.76
N TYR C 345 -12.68 -0.43 -34.56
CA TYR C 345 -11.94 -1.18 -33.52
C TYR C 345 -12.31 -2.68 -33.44
N LYS C 346 -12.83 -3.23 -34.53
CA LYS C 346 -13.03 -4.68 -34.67
C LYS C 346 -12.72 -5.16 -36.11
N ILE C 347 -12.98 -4.32 -37.11
CA ILE C 347 -12.34 -4.45 -38.43
C ILE C 347 -10.93 -3.81 -38.49
N LEU C 348 -10.28 -3.65 -37.34
CA LEU C 348 -8.84 -3.32 -37.23
C LEU C 348 -8.38 -3.43 -35.77
N SER D 3 69.60 7.62 11.72
CA SER D 3 68.87 6.34 11.53
C SER D 3 67.36 6.48 11.74
N ARG D 4 66.65 6.80 10.66
CA ARG D 4 65.18 6.96 10.68
C ARG D 4 64.54 5.79 9.93
N SER D 5 64.15 4.76 10.67
CA SER D 5 63.61 3.53 10.09
C SER D 5 62.20 3.75 9.62
N ALA D 6 61.70 2.78 8.85
CA ALA D 6 60.40 2.88 8.22
C ALA D 6 59.27 2.63 9.21
N PRO D 7 58.11 3.27 9.00
CA PRO D 7 56.97 3.10 9.91
C PRO D 7 56.28 1.77 9.73
N MET D 8 55.56 1.38 10.77
CA MET D 8 54.89 0.10 10.86
C MET D 8 53.80 0.00 9.79
N SER D 9 53.67 -1.18 9.18
CA SER D 9 52.66 -1.34 8.11
C SER D 9 51.27 -1.26 8.71
N PRO D 10 50.30 -0.75 7.93
CA PRO D 10 48.95 -0.67 8.49
C PRO D 10 48.43 -2.04 8.91
N SER D 11 48.65 -3.04 8.07
CA SER D 11 48.18 -4.39 8.37
C SER D 11 48.66 -4.84 9.75
N ASP D 12 49.97 -4.71 10.00
CA ASP D 12 50.55 -5.07 11.29
C ASP D 12 50.01 -4.21 12.42
N PHE D 13 49.85 -2.91 12.17
CA PHE D 13 49.39 -1.98 13.19
C PHE D 13 47.98 -2.30 13.69
N LEU D 14 47.09 -2.64 12.76
CA LEU D 14 45.72 -3.01 13.11
C LEU D 14 45.69 -4.34 13.86
N ASP D 15 46.57 -5.25 13.48
CA ASP D 15 46.67 -6.55 14.15
C ASP D 15 47.11 -6.41 15.62
N LYS D 16 47.95 -5.42 15.92
CA LYS D 16 48.44 -5.19 17.29
C LYS D 16 47.51 -4.32 18.12
N LEU D 17 46.63 -3.57 17.48
CA LEU D 17 45.76 -2.61 18.17
C LEU D 17 44.42 -3.22 18.56
N MET D 18 43.86 -4.00 17.64
CA MET D 18 42.53 -4.60 17.80
C MET D 18 42.37 -6.00 17.18
N GLY D 19 43.41 -6.53 16.55
CA GLY D 19 43.35 -7.82 15.85
C GLY D 19 43.91 -8.99 16.66
N ARG D 20 44.36 -10.02 15.95
CA ARG D 20 44.81 -11.28 16.55
C ARG D 20 45.76 -11.05 17.73
N THR D 21 46.89 -10.40 17.45
CA THR D 21 47.96 -10.24 18.44
C THR D 21 47.69 -9.14 19.47
N SER D 22 46.54 -8.48 19.37
CA SER D 22 46.24 -7.29 20.19
C SER D 22 45.79 -7.63 21.61
N GLY D 23 45.07 -8.73 21.76
CA GLY D 23 44.46 -9.08 23.04
C GLY D 23 43.29 -8.19 23.39
N TYR D 24 42.81 -7.43 22.40
CA TYR D 24 41.64 -6.57 22.57
C TYR D 24 40.42 -7.45 22.69
N ASP D 25 39.50 -7.10 23.58
CA ASP D 25 38.24 -7.83 23.71
C ASP D 25 37.07 -6.85 23.66
N ALA D 26 36.34 -6.86 22.54
CA ALA D 26 35.24 -5.92 22.35
C ALA D 26 34.03 -6.21 23.25
N ARG D 27 34.08 -7.30 24.03
CA ARG D 27 33.01 -7.61 24.95
C ARG D 27 33.17 -6.86 26.25
N ILE D 28 34.26 -6.10 26.35
CA ILE D 28 34.58 -5.35 27.56
C ILE D 28 34.61 -3.88 27.21
N ARG D 29 33.88 -3.06 27.95
CA ARG D 29 33.84 -1.63 27.69
C ARG D 29 35.14 -0.97 28.07
N PRO D 30 35.38 0.25 27.57
CA PRO D 30 36.47 1.09 28.05
C PRO D 30 36.33 1.40 29.54
N ASN D 31 37.45 1.49 30.24
CA ASN D 31 37.45 1.80 31.67
C ASN D 31 36.47 0.90 32.41
N PHE D 32 36.58 -0.40 32.13
CA PHE D 32 35.57 -1.38 32.51
C PHE D 32 35.31 -1.46 34.02
N LYS D 33 36.37 -1.48 34.82
CA LYS D 33 36.19 -1.48 36.26
C LYS D 33 35.96 -0.08 36.81
N GLY D 34 36.07 0.94 35.95
CA GLY D 34 36.05 2.34 36.38
C GLY D 34 34.68 3.00 36.26
N PRO D 35 34.67 4.31 35.95
CA PRO D 35 33.44 5.09 35.81
C PRO D 35 32.79 4.86 34.45
N PRO D 36 31.60 5.42 34.22
CA PRO D 36 30.88 5.12 32.99
C PRO D 36 31.57 5.71 31.76
N VAL D 37 31.30 5.12 30.60
CA VAL D 37 31.81 5.64 29.34
C VAL D 37 30.94 6.81 28.93
N ASN D 38 31.57 7.94 28.62
CA ASN D 38 30.85 9.12 28.17
C ASN D 38 30.78 9.18 26.66
N VAL D 39 29.58 8.94 26.13
CA VAL D 39 29.38 8.99 24.68
C VAL D 39 28.75 10.33 24.34
N THR D 40 29.43 11.08 23.47
CA THR D 40 28.96 12.39 23.03
C THR D 40 28.33 12.24 21.64
N CYS D 41 27.04 12.53 21.55
CA CYS D 41 26.29 12.34 20.32
C CYS D 41 26.05 13.64 19.59
N ASN D 42 25.95 13.54 18.27
CA ASN D 42 25.43 14.62 17.44
C ASN D 42 24.85 14.00 16.16
N ILE D 43 23.80 14.62 15.62
CA ILE D 43 23.17 14.09 14.40
C ILE D 43 23.18 15.14 13.30
N PHE D 44 23.38 14.69 12.07
CA PHE D 44 23.19 15.53 10.90
C PHE D 44 21.94 15.00 10.21
N ILE D 45 20.96 15.89 10.00
CA ILE D 45 19.72 15.50 9.37
C ILE D 45 19.83 15.73 7.87
N ASN D 46 19.97 14.62 7.17
CA ASN D 46 20.10 14.60 5.72
C ASN D 46 18.76 14.85 5.05
N SER D 47 17.69 14.45 5.73
CA SER D 47 16.35 14.45 5.18
C SER D 47 15.31 14.30 6.28
N PHE D 48 14.12 14.85 6.05
CA PHE D 48 13.10 14.96 7.08
C PHE D 48 11.77 15.03 6.38
N GLY D 49 10.90 14.05 6.61
CA GLY D 49 9.63 14.00 5.89
C GLY D 49 8.66 12.93 6.33
N SER D 50 7.81 12.52 5.39
CA SER D 50 6.78 11.51 5.65
C SER D 50 6.11 11.72 7.00
N ILE D 51 5.77 12.97 7.30
CA ILE D 51 5.07 13.30 8.53
C ILE D 51 3.61 12.92 8.34
N ALA D 52 3.16 11.90 9.06
CA ALA D 52 1.82 11.34 8.86
C ALA D 52 0.97 11.52 10.09
N GLU D 53 -0.15 12.20 9.92
CA GLU D 53 -1.10 12.40 11.01
C GLU D 53 -1.82 11.08 11.30
N THR D 54 -2.11 10.31 10.26
CA THR D 54 -2.89 9.09 10.39
C THR D 54 -2.17 8.05 11.24
N THR D 55 -0.92 7.77 10.88
CA THR D 55 -0.08 6.80 11.60
C THR D 55 0.73 7.45 12.72
N MET D 56 0.67 8.78 12.82
CA MET D 56 1.18 9.50 13.98
C MET D 56 2.70 9.25 14.17
N ASP D 57 3.46 9.55 13.11
CA ASP D 57 4.91 9.30 13.07
C ASP D 57 5.57 10.14 11.98
N TYR D 58 6.89 10.01 11.82
CA TYR D 58 7.62 10.77 10.80
C TYR D 58 8.95 10.10 10.50
N ARG D 59 9.45 10.33 9.28
CA ARG D 59 10.65 9.65 8.81
C ARG D 59 11.82 10.60 8.74
N VAL D 60 13.01 10.07 8.91
CA VAL D 60 14.18 10.91 8.94
C VAL D 60 15.39 10.11 8.45
N ASN D 61 16.28 10.76 7.72
CA ASN D 61 17.53 10.15 7.32
C ASN D 61 18.65 10.96 7.95
N ILE D 62 19.47 10.31 8.77
CA ILE D 62 20.49 11.01 9.53
C ILE D 62 21.86 10.39 9.40
N PHE D 63 22.88 11.18 9.70
CA PHE D 63 24.18 10.65 10.10
C PHE D 63 24.23 10.74 11.63
N LEU D 64 24.36 9.60 12.29
CA LEU D 64 24.46 9.56 13.74
C LEU D 64 25.93 9.45 14.12
N ARG D 65 26.48 10.52 14.69
CA ARG D 65 27.87 10.56 15.14
C ARG D 65 27.93 10.28 16.62
N GLN D 66 28.78 9.33 17.00
CA GLN D 66 29.05 9.03 18.40
C GLN D 66 30.53 9.20 18.66
N LYS D 67 30.86 9.77 19.81
CA LYS D 67 32.24 9.95 20.21
C LYS D 67 32.46 9.47 21.62
N TRP D 68 33.49 8.67 21.83
CA TRP D 68 33.87 8.22 23.16
C TRP D 68 35.38 7.91 23.20
N ASN D 69 35.91 7.68 24.40
CA ASN D 69 37.31 7.32 24.56
C ASN D 69 37.53 5.86 24.90
N ASP D 70 38.43 5.23 24.15
CA ASP D 70 38.85 3.87 24.43
C ASP D 70 40.36 3.87 24.59
N PRO D 71 40.84 3.90 25.83
CA PRO D 71 42.29 3.91 26.05
C PRO D 71 43.03 2.81 25.30
N ARG D 72 42.39 1.65 25.12
CA ARG D 72 43.01 0.54 24.38
C ARG D 72 43.40 0.91 22.95
N LEU D 73 42.74 1.90 22.38
CA LEU D 73 42.93 2.25 20.98
C LEU D 73 43.88 3.42 20.78
N ALA D 74 44.45 3.92 21.86
CA ALA D 74 45.46 4.96 21.73
C ALA D 74 46.65 4.40 20.97
N TYR D 75 47.32 5.26 20.21
CA TYR D 75 48.46 4.85 19.40
C TYR D 75 49.57 5.91 19.40
N SER D 76 50.79 5.44 19.14
CA SER D 76 51.95 6.32 19.04
C SER D 76 52.81 6.01 17.80
N GLU D 77 52.39 5.07 16.95
CA GLU D 77 53.25 4.59 15.88
C GLU D 77 53.24 5.52 14.67
N TYR D 78 52.28 6.44 14.62
CA TYR D 78 52.22 7.43 13.57
C TYR D 78 52.03 8.81 14.17
N PRO D 79 52.56 9.85 13.49
CA PRO D 79 52.44 11.23 13.96
C PRO D 79 51.05 11.82 13.74
N ASP D 80 50.23 11.14 12.96
CA ASP D 80 48.94 11.65 12.54
C ASP D 80 48.06 11.85 13.77
N ASP D 81 47.36 12.98 13.84
CA ASP D 81 46.45 13.25 14.95
C ASP D 81 45.33 12.22 15.03
N SER D 82 44.91 11.73 13.87
CA SER D 82 43.90 10.69 13.79
C SER D 82 44.11 9.82 12.55
N LEU D 83 43.47 8.65 12.57
CA LEU D 83 43.54 7.69 11.47
C LEU D 83 42.14 7.35 11.01
N ASP D 84 41.91 7.42 9.71
CA ASP D 84 40.63 7.00 9.13
C ASP D 84 40.69 5.51 8.79
N LEU D 85 40.04 4.68 9.61
CA LEU D 85 40.07 3.23 9.42
C LEU D 85 38.91 2.71 8.58
N ASP D 86 39.13 1.61 7.87
CA ASP D 86 38.09 0.92 7.12
C ASP D 86 37.03 0.43 8.09
N PRO D 87 35.74 0.63 7.76
CA PRO D 87 34.68 0.30 8.72
C PRO D 87 34.55 -1.19 9.08
N SER D 88 35.15 -2.08 8.29
CA SER D 88 35.21 -3.48 8.68
C SER D 88 35.79 -3.64 10.09
N MET D 89 36.66 -2.72 10.47
CA MET D 89 37.25 -2.74 11.79
C MET D 89 36.28 -2.37 12.91
N LEU D 90 35.10 -1.86 12.57
CA LEU D 90 34.09 -1.58 13.59
C LEU D 90 33.62 -2.83 14.30
N ASP D 91 33.66 -3.97 13.63
CA ASP D 91 33.25 -5.23 14.27
C ASP D 91 34.28 -5.67 15.31
N SER D 92 35.52 -5.26 15.13
CA SER D 92 36.60 -5.64 16.02
C SER D 92 36.66 -4.85 17.32
N ILE D 93 35.94 -3.73 17.42
CA ILE D 93 36.04 -2.87 18.60
C ILE D 93 34.74 -2.74 19.37
N TRP D 94 34.85 -2.44 20.67
CA TRP D 94 33.68 -2.17 21.49
C TRP D 94 33.05 -0.88 20.98
N LYS D 95 31.72 -0.78 21.09
CA LYS D 95 31.00 0.46 20.78
C LYS D 95 29.61 0.49 21.43
N PRO D 96 29.12 1.69 21.77
CA PRO D 96 27.87 1.81 22.52
C PRO D 96 26.70 1.10 21.84
N ASP D 97 25.70 0.74 22.62
CA ASP D 97 24.55 0.01 22.08
C ASP D 97 23.32 0.92 21.86
N LEU D 98 23.57 2.10 21.32
CA LEU D 98 22.55 3.13 21.17
C LEU D 98 21.40 2.63 20.33
N PHE D 99 20.18 2.82 20.81
CA PHE D 99 18.98 2.57 20.03
C PHE D 99 18.01 3.72 20.20
N PHE D 100 17.09 3.86 19.26
CA PHE D 100 16.14 4.95 19.29
C PHE D 100 14.85 4.47 19.96
N ALA D 101 14.61 4.97 21.16
CA ALA D 101 13.53 4.45 22.00
C ALA D 101 12.17 4.53 21.33
N ASN D 102 11.94 5.59 20.56
CA ASN D 102 10.64 5.80 19.90
C ASN D 102 10.63 5.45 18.41
N GLU D 103 11.56 4.61 18.00
CA GLU D 103 11.63 4.17 16.61
C GLU D 103 10.59 3.09 16.33
N LYS D 104 9.79 3.33 15.31
CA LYS D 104 8.83 2.32 14.83
C LYS D 104 9.45 1.45 13.75
N GLY D 105 10.44 1.98 13.05
CA GLY D 105 11.23 1.21 12.10
C GLY D 105 12.54 1.92 11.79
N ALA D 106 13.57 1.15 11.46
CA ALA D 106 14.91 1.72 11.23
C ALA D 106 15.75 0.79 10.40
N ASN D 107 16.63 1.35 9.58
CA ASN D 107 17.52 0.54 8.78
C ASN D 107 18.85 1.21 8.54
N PHE D 108 19.88 0.37 8.34
CA PHE D 108 21.19 0.83 7.95
C PHE D 108 21.22 1.01 6.43
N HIS D 109 22.33 1.52 5.89
CA HIS D 109 22.49 1.69 4.45
C HIS D 109 23.74 0.96 3.98
N GLU D 110 23.57 0.07 3.01
CA GLU D 110 24.64 -0.81 2.56
C GLU D 110 25.09 -0.63 1.12
N VAL D 111 24.45 0.27 0.38
CA VAL D 111 24.79 0.51 -1.02
C VAL D 111 25.66 1.77 -1.11
N THR D 112 26.80 1.70 -1.79
CA THR D 112 27.30 0.49 -2.44
C THR D 112 28.17 -0.30 -1.47
N THR D 113 28.42 0.29 -0.30
CA THR D 113 29.09 -0.35 0.81
C THR D 113 28.48 0.19 2.11
N ASP D 114 28.81 -0.40 3.25
CA ASP D 114 28.22 0.03 4.52
C ASP D 114 28.52 1.50 4.68
N ASN D 115 27.47 2.30 4.85
CA ASN D 115 27.58 3.75 5.00
C ASN D 115 28.02 4.02 6.43
N LYS D 116 29.30 3.76 6.71
CA LYS D 116 29.85 3.87 8.06
C LYS D 116 31.20 4.54 8.03
N LEU D 117 31.55 5.15 9.15
CA LEU D 117 32.79 5.90 9.25
C LEU D 117 33.43 5.60 10.58
N LEU D 118 34.72 5.26 10.57
CA LEU D 118 35.45 5.00 11.81
C LEU D 118 36.74 5.78 11.80
N ARG D 119 36.93 6.61 12.83
CA ARG D 119 38.12 7.43 12.94
C ARG D 119 38.63 7.36 14.37
N ILE D 120 39.90 7.00 14.55
CA ILE D 120 40.50 6.93 15.89
C ILE D 120 41.61 7.95 16.02
N PHE D 121 41.82 8.41 17.24
CA PHE D 121 42.75 9.48 17.53
C PHE D 121 43.90 8.96 18.40
N LYS D 122 45.05 9.64 18.34
CA LYS D 122 46.22 9.29 19.14
C LYS D 122 45.86 8.85 20.56
N ASN D 123 45.04 9.65 21.23
CA ASN D 123 44.68 9.41 22.63
C ASN D 123 43.58 8.38 22.84
N GLY D 124 43.19 7.68 21.78
CA GLY D 124 42.21 6.60 21.88
C GLY D 124 40.77 7.05 21.77
N ASN D 125 40.55 8.32 21.46
CA ASN D 125 39.20 8.79 21.16
C ASN D 125 38.71 8.16 19.86
N VAL D 126 37.41 7.93 19.80
CA VAL D 126 36.78 7.33 18.63
C VAL D 126 35.73 8.28 18.08
N LEU D 127 35.65 8.36 16.76
CA LEU D 127 34.53 8.96 16.06
C LEU D 127 33.89 7.88 15.22
N TYR D 128 32.58 7.72 15.37
CA TYR D 128 31.85 6.65 14.69
C TYR D 128 30.59 7.22 14.12
N SER D 129 30.57 7.43 12.81
CA SER D 129 29.38 7.92 12.14
C SER D 129 28.72 6.82 11.32
N ILE D 130 27.40 6.75 11.43
CA ILE D 130 26.62 5.74 10.71
C ILE D 130 25.38 6.38 10.16
N ARG D 131 25.06 6.05 8.92
CA ARG D 131 23.85 6.56 8.28
C ARG D 131 22.70 5.64 8.60
N LEU D 132 21.59 6.24 8.99
CA LEU D 132 20.40 5.52 9.40
C LEU D 132 19.17 6.19 8.81
N THR D 133 18.16 5.38 8.50
CA THR D 133 16.85 5.89 8.21
C THR D 133 15.99 5.43 9.36
N LEU D 134 15.31 6.37 10.00
CA LEU D 134 14.45 6.06 11.14
C LEU D 134 13.06 6.56 10.90
N THR D 135 12.08 5.73 11.24
CA THR D 135 10.71 6.17 11.37
C THR D 135 10.40 6.25 12.85
N LEU D 136 10.03 7.44 13.30
CA LEU D 136 9.89 7.72 14.72
C LEU D 136 8.45 8.11 15.04
N SER D 137 7.95 7.65 16.18
CA SER D 137 6.60 7.99 16.59
C SER D 137 6.55 9.43 17.09
N CYS D 138 5.49 10.13 16.70
CA CYS D 138 5.27 11.52 17.07
C CYS D 138 3.79 11.68 17.34
N PRO D 139 3.36 11.43 18.60
CA PRO D 139 1.98 11.65 19.01
C PRO D 139 1.59 13.09 18.81
N MET D 140 0.41 13.33 18.26
CA MET D 140 0.02 14.67 17.83
C MET D 140 -1.25 15.13 18.53
N ASP D 141 -1.25 16.42 18.90
CA ASP D 141 -2.44 17.06 19.41
C ASP D 141 -3.00 17.85 18.24
N LEU D 142 -4.20 17.49 17.79
CA LEU D 142 -4.80 18.13 16.62
C LEU D 142 -5.91 19.12 16.98
N LYS D 143 -5.97 19.54 18.25
CA LYS D 143 -6.98 20.48 18.72
C LYS D 143 -7.10 21.68 17.78
N ASN D 144 -5.98 22.29 17.43
CA ASN D 144 -5.98 23.50 16.59
C ASN D 144 -5.72 23.27 15.11
N PHE D 145 -5.97 22.05 14.63
CA PHE D 145 -5.74 21.71 13.22
C PHE D 145 -6.73 22.45 12.33
N PRO D 146 -6.28 23.08 11.23
CA PRO D 146 -4.93 22.99 10.71
C PRO D 146 -4.05 24.21 11.00
N MET D 147 -4.26 24.85 12.15
CA MET D 147 -3.38 25.94 12.59
C MET D 147 -2.57 25.44 13.79
N ASP D 148 -2.20 24.17 13.73
CA ASP D 148 -1.57 23.49 14.85
C ASP D 148 -0.06 23.52 14.71
N VAL D 149 0.61 23.19 15.80
CA VAL D 149 2.07 23.08 15.82
C VAL D 149 2.44 21.83 16.63
N GLN D 150 3.26 20.96 16.04
CA GLN D 150 3.55 19.68 16.63
C GLN D 150 4.98 19.63 17.13
N THR D 151 5.20 18.87 18.20
CA THR D 151 6.54 18.63 18.73
C THR D 151 6.85 17.16 18.53
N CYS D 152 7.71 16.86 17.57
CA CYS D 152 8.17 15.49 17.33
C CYS D 152 9.52 15.27 17.98
N ILE D 153 9.68 14.13 18.65
CA ILE D 153 10.91 13.86 19.41
C ILE D 153 11.74 12.73 18.87
N MET D 154 12.91 12.55 19.46
CA MET D 154 13.84 11.52 19.04
C MET D 154 14.71 11.20 20.25
N GLN D 155 14.60 9.96 20.73
CA GLN D 155 15.27 9.54 21.96
C GLN D 155 16.41 8.57 21.69
N LEU D 156 17.60 8.94 22.12
CA LEU D 156 18.78 8.11 22.00
C LEU D 156 19.03 7.44 23.35
N GLU D 157 19.04 6.12 23.37
CA GLU D 157 19.02 5.37 24.62
C GLU D 157 19.94 4.15 24.56
N SER D 158 20.47 3.73 25.71
CA SER D 158 21.19 2.48 25.80
C SER D 158 20.23 1.33 26.14
N PHE D 159 20.42 0.18 25.49
CA PHE D 159 19.54 -0.95 25.74
C PHE D 159 20.02 -1.82 26.90
N GLY D 160 21.33 -2.01 27.01
CA GLY D 160 21.89 -2.96 27.97
C GLY D 160 22.75 -2.37 29.06
N TYR D 161 23.27 -1.15 28.85
CA TYR D 161 24.16 -0.54 29.81
C TYR D 161 23.42 0.39 30.76
N THR D 162 23.53 0.11 32.05
CA THR D 162 22.99 1.00 33.07
C THR D 162 23.86 2.24 33.22
N MET D 163 23.32 3.25 33.90
CA MET D 163 23.95 4.57 34.03
C MET D 163 25.37 4.56 34.62
N ASN D 164 25.70 3.52 35.37
CA ASN D 164 27.04 3.39 35.95
C ASN D 164 28.09 2.89 34.96
N ASP D 165 27.65 2.32 33.85
CA ASP D 165 28.56 1.81 32.84
C ASP D 165 28.62 2.66 31.57
N LEU D 166 27.50 3.31 31.23
CA LEU D 166 27.40 4.05 29.97
C LEU D 166 26.45 5.22 30.11
N ILE D 167 26.92 6.39 29.68
CA ILE D 167 26.15 7.64 29.75
C ILE D 167 26.20 8.37 28.41
N PHE D 168 25.03 8.80 27.93
CA PHE D 168 24.95 9.63 26.72
C PHE D 168 24.81 11.11 27.07
N GLU D 169 25.22 11.94 26.11
CA GLU D 169 25.26 13.38 26.27
C GLU D 169 25.31 14.01 24.89
N TRP D 170 24.65 15.15 24.70
CA TRP D 170 24.71 15.86 23.41
C TRP D 170 26.00 16.67 23.35
N GLN D 171 26.51 16.90 22.14
CA GLN D 171 27.61 17.84 21.92
C GLN D 171 27.23 19.23 22.42
N ASP D 172 28.19 19.96 22.95
CA ASP D 172 27.93 21.34 23.35
C ASP D 172 27.71 22.22 22.12
N GLU D 173 28.66 22.19 21.19
CA GLU D 173 28.57 22.97 19.95
C GLU D 173 27.87 22.17 18.84
N ALA D 174 26.75 22.70 18.35
CA ALA D 174 26.08 22.18 17.15
C ALA D 174 25.74 20.69 17.21
N PRO D 175 24.90 20.28 18.17
CA PRO D 175 24.52 18.87 18.29
C PRO D 175 23.65 18.37 17.15
N VAL D 176 22.72 19.21 16.68
CA VAL D 176 21.82 18.80 15.62
C VAL D 176 21.96 19.75 14.44
N GLN D 177 22.59 19.26 13.37
CA GLN D 177 22.73 20.03 12.14
C GLN D 177 21.73 19.53 11.10
N VAL D 178 21.26 20.46 10.26
CA VAL D 178 20.27 20.16 9.24
C VAL D 178 20.84 20.56 7.89
N ALA D 179 20.63 19.72 6.88
CA ALA D 179 21.16 19.97 5.56
C ALA D 179 20.62 21.28 4.99
N GLU D 180 21.46 21.97 4.21
CA GLU D 180 21.08 23.27 3.63
C GLU D 180 19.94 23.11 2.63
N GLY D 181 18.98 24.01 2.70
CA GLY D 181 17.85 24.03 1.77
C GLY D 181 16.86 22.89 1.94
N LEU D 182 16.86 22.27 3.12
CA LEU D 182 15.93 21.20 3.42
C LEU D 182 14.56 21.80 3.71
N THR D 183 13.57 21.44 2.90
CA THR D 183 12.21 21.98 3.09
C THR D 183 11.19 20.87 3.24
N LEU D 184 10.11 21.19 3.95
CA LEU D 184 8.98 20.29 4.13
C LEU D 184 7.80 20.98 3.47
N PRO D 185 6.99 20.24 2.70
CA PRO D 185 5.93 20.92 1.94
C PRO D 185 4.73 21.34 2.79
N GLN D 186 4.51 20.66 3.91
CA GLN D 186 3.36 20.91 4.78
C GLN D 186 3.69 21.75 6.01
N PHE D 187 4.95 21.72 6.43
CA PHE D 187 5.38 22.31 7.70
C PHE D 187 6.57 23.23 7.53
N LEU D 188 6.88 23.96 8.59
CA LEU D 188 8.14 24.67 8.72
C LEU D 188 8.88 24.02 9.86
N LEU D 189 10.14 23.67 9.65
CA LEU D 189 10.96 23.13 10.72
C LEU D 189 11.63 24.28 11.48
N LYS D 190 11.24 24.49 12.72
CA LYS D 190 11.74 25.63 13.47
C LYS D 190 13.21 25.43 13.84
N GLU D 191 13.98 26.51 13.74
CA GLU D 191 15.42 26.53 14.00
C GLU D 191 15.77 26.02 15.39
N GLU D 192 14.94 26.35 16.38
CA GLU D 192 15.21 25.95 17.76
C GLU D 192 14.83 24.49 17.99
N LYS D 193 15.80 23.70 18.42
CA LYS D 193 15.55 22.33 18.83
C LYS D 193 15.82 22.24 20.33
N ASP D 194 14.88 21.70 21.09
CA ASP D 194 15.09 21.49 22.52
C ASP D 194 15.88 20.21 22.71
N LEU D 195 16.87 20.25 23.59
CA LEU D 195 17.62 19.08 24.00
C LEU D 195 17.30 18.82 25.45
N ARG D 196 17.12 17.57 25.83
CA ARG D 196 16.94 17.24 27.25
C ARG D 196 17.23 15.77 27.53
N TYR D 197 17.22 15.41 28.81
CA TYR D 197 17.42 14.04 29.26
C TYR D 197 16.09 13.30 29.44
N CYS D 198 16.01 12.08 28.91
CA CYS D 198 14.82 11.24 29.01
C CYS D 198 15.05 10.04 29.95
N THR D 199 16.09 10.12 30.79
CA THR D 199 16.59 8.96 31.54
C THR D 199 15.51 8.01 32.04
N LYS D 200 15.59 6.75 31.60
CA LYS D 200 14.55 5.77 31.85
C LYS D 200 14.85 4.94 33.06
N HIS D 201 13.81 4.60 33.83
CA HIS D 201 13.90 3.62 34.90
C HIS D 201 12.91 2.50 34.56
N TYR D 202 13.41 1.30 34.32
CA TYR D 202 12.57 0.13 34.15
C TYR D 202 12.85 -0.82 35.31
N ASN D 203 12.14 -1.94 35.37
CA ASN D 203 12.44 -2.97 36.37
C ASN D 203 13.81 -3.63 36.14
N THR D 204 14.38 -3.45 34.95
CA THR D 204 15.70 -3.95 34.64
C THR D 204 16.82 -2.98 35.03
N GLY D 205 16.46 -1.75 35.41
CA GLY D 205 17.44 -0.78 35.86
C GLY D 205 17.21 0.63 35.35
N LYS D 206 18.23 1.47 35.54
CA LYS D 206 18.20 2.87 35.14
C LYS D 206 19.12 3.03 33.94
N PHE D 207 18.57 3.46 32.81
CA PHE D 207 19.31 3.50 31.56
C PHE D 207 19.41 4.92 31.01
N THR D 208 20.60 5.29 30.52
CA THR D 208 20.83 6.61 29.92
C THR D 208 19.93 6.85 28.70
N CYS D 209 19.48 8.09 28.56
CA CYS D 209 18.63 8.48 27.44
C CYS D 209 18.67 9.99 27.27
N ILE D 210 18.93 10.44 26.05
CA ILE D 210 18.91 11.87 25.73
C ILE D 210 18.00 12.08 24.54
N GLU D 211 17.46 13.28 24.46
CA GLU D 211 16.30 13.56 23.61
C GLU D 211 16.53 14.85 22.84
N VAL D 212 15.95 14.92 21.65
CA VAL D 212 15.89 16.18 20.90
C VAL D 212 14.46 16.36 20.42
N ARG D 213 13.92 17.55 20.62
CA ARG D 213 12.54 17.88 20.24
C ARG D 213 12.53 18.84 19.07
N PHE D 214 11.95 18.42 17.95
CA PHE D 214 11.77 19.29 16.80
C PHE D 214 10.42 19.97 16.90
N HIS D 215 10.33 21.22 16.49
CA HIS D 215 9.04 21.91 16.46
C HIS D 215 8.58 22.13 15.01
N LEU D 216 7.41 21.57 14.69
CA LEU D 216 6.88 21.61 13.33
C LEU D 216 5.60 22.42 13.31
N GLU D 217 5.68 23.58 12.68
CA GLU D 217 4.54 24.48 12.53
C GLU D 217 3.91 24.21 11.17
N ARG D 218 2.62 23.88 11.16
CA ARG D 218 1.93 23.52 9.92
C ARG D 218 1.63 24.76 9.11
N GLN D 219 1.89 24.68 7.81
CA GLN D 219 1.62 25.79 6.89
C GLN D 219 0.13 25.87 6.58
N MET D 220 -0.42 27.08 6.68
CA MET D 220 -1.87 27.30 6.55
C MET D 220 -2.37 27.31 5.11
N GLY D 221 -1.50 27.65 4.16
CA GLY D 221 -1.90 27.98 2.78
C GLY D 221 -2.79 26.98 2.07
N TYR D 222 -2.41 25.72 2.09
CA TYR D 222 -3.18 24.66 1.43
C TYR D 222 -4.63 24.66 1.89
N TYR D 223 -4.84 24.86 3.18
CA TYR D 223 -6.16 24.73 3.78
C TYR D 223 -7.09 25.89 3.44
N LEU D 224 -6.52 27.05 3.10
CA LEU D 224 -7.32 28.14 2.50
C LEU D 224 -7.78 27.67 1.13
N ILE D 225 -6.83 27.26 0.30
CA ILE D 225 -7.09 26.80 -1.06
C ILE D 225 -8.09 25.64 -1.12
N GLN D 226 -7.98 24.70 -0.19
CA GLN D 226 -8.72 23.44 -0.28
C GLN D 226 -9.96 23.39 0.61
N MET D 227 -9.95 24.15 1.69
CA MET D 227 -10.92 23.96 2.76
C MET D 227 -11.69 25.24 3.13
N TYR D 228 -10.96 26.32 3.43
CA TYR D 228 -11.57 27.56 3.93
C TYR D 228 -12.22 28.44 2.84
N ILE D 229 -11.55 28.61 1.71
CA ILE D 229 -12.12 29.39 0.59
C ILE D 229 -13.31 28.68 -0.07
N PRO D 230 -13.16 27.40 -0.45
CA PRO D 230 -14.33 26.71 -1.02
C PRO D 230 -15.52 26.52 -0.07
N SER D 231 -15.34 26.77 1.23
CA SER D 231 -16.45 26.80 2.18
C SER D 231 -17.11 28.19 2.28
N LEU D 232 -16.30 29.25 2.22
CA LEU D 232 -16.83 30.63 2.11
C LEU D 232 -17.72 30.75 0.88
N LEU D 233 -17.27 30.10 -0.20
CA LEU D 233 -17.95 30.10 -1.47
C LEU D 233 -19.31 29.42 -1.40
N ILE D 234 -19.45 28.41 -0.55
CA ILE D 234 -20.74 27.72 -0.34
C ILE D 234 -21.66 28.53 0.57
N VAL D 235 -21.08 29.23 1.54
CA VAL D 235 -21.83 30.12 2.42
C VAL D 235 -22.34 31.35 1.66
N ILE D 236 -21.49 31.92 0.81
CA ILE D 236 -21.89 33.05 -0.06
C ILE D 236 -22.96 32.62 -1.07
N LEU D 237 -22.89 31.37 -1.53
CA LEU D 237 -23.90 30.83 -2.43
C LEU D 237 -25.26 30.73 -1.75
N SER D 238 -25.27 30.34 -0.48
CA SER D 238 -26.53 30.26 0.29
C SER D 238 -27.26 31.61 0.37
N TRP D 239 -26.48 32.70 0.32
CA TRP D 239 -27.03 34.05 0.44
C TRP D 239 -27.73 34.57 -0.82
N VAL D 240 -27.47 33.97 -1.98
CA VAL D 240 -28.09 34.45 -3.22
C VAL D 240 -29.58 34.09 -3.26
N SER D 241 -29.99 33.16 -2.40
CA SER D 241 -31.40 32.82 -2.22
C SER D 241 -32.27 34.03 -1.81
N PHE D 242 -31.69 34.97 -1.07
CA PHE D 242 -32.46 36.13 -0.55
C PHE D 242 -32.78 37.19 -1.61
N TRP D 243 -32.01 37.21 -2.70
CA TRP D 243 -32.27 38.10 -3.83
C TRP D 243 -33.20 37.44 -4.84
N ILE D 244 -33.53 36.17 -4.63
CA ILE D 244 -34.42 35.42 -5.51
C ILE D 244 -35.87 35.56 -5.05
N ASN D 245 -36.77 35.67 -6.03
CA ASN D 245 -38.21 35.82 -5.81
C ASN D 245 -38.78 34.74 -4.88
N MET D 246 -39.64 35.14 -3.94
CA MET D 246 -40.16 34.21 -2.93
C MET D 246 -41.12 33.16 -3.52
N ASP D 247 -41.79 33.50 -4.62
CA ASP D 247 -42.71 32.57 -5.30
C ASP D 247 -41.99 31.33 -5.86
N ALA D 248 -40.73 31.49 -6.26
CA ALA D 248 -39.92 30.38 -6.79
C ALA D 248 -39.44 29.44 -5.68
N ALA D 249 -40.34 28.57 -5.21
CA ALA D 249 -40.04 27.62 -4.14
C ALA D 249 -38.99 26.58 -4.52
N PRO D 250 -39.18 25.89 -5.66
CA PRO D 250 -38.19 24.86 -6.02
C PRO D 250 -36.75 25.39 -6.15
N ALA D 251 -36.60 26.61 -6.68
CA ALA D 251 -35.30 27.24 -6.88
C ALA D 251 -34.61 27.56 -5.55
N ARG D 252 -35.32 28.25 -4.67
CA ARG D 252 -34.80 28.64 -3.35
C ARG D 252 -34.53 27.43 -2.46
N VAL D 253 -35.40 26.42 -2.54
CA VAL D 253 -35.26 25.19 -1.76
C VAL D 253 -34.08 24.35 -2.27
N ALA D 254 -34.07 24.08 -3.57
CA ALA D 254 -32.96 23.36 -4.20
C ALA D 254 -31.61 24.01 -3.87
N LEU D 255 -31.57 25.33 -3.98
CA LEU D 255 -30.40 26.14 -3.64
C LEU D 255 -30.06 26.01 -2.15
N GLY D 256 -31.08 25.94 -1.31
CA GLY D 256 -30.90 25.71 0.11
C GLY D 256 -30.44 24.31 0.45
N ILE D 257 -30.93 23.30 -0.27
CA ILE D 257 -30.56 21.90 -0.03
C ILE D 257 -29.13 21.60 -0.48
N THR D 258 -28.87 21.89 -1.75
CA THR D 258 -27.58 21.61 -2.38
C THR D 258 -26.43 22.19 -1.55
N THR D 259 -26.61 23.41 -1.05
CA THR D 259 -25.60 24.05 -0.20
C THR D 259 -25.39 23.33 1.14
N VAL D 260 -26.45 22.75 1.70
CA VAL D 260 -26.34 21.99 2.96
C VAL D 260 -25.64 20.64 2.76
N LEU D 261 -25.95 19.95 1.68
CA LEU D 261 -25.34 18.65 1.39
C LEU D 261 -23.88 18.77 0.96
N THR D 262 -23.58 19.78 0.16
CA THR D 262 -22.20 20.12 -0.17
C THR D 262 -21.42 20.41 1.10
N MET D 263 -22.06 21.09 2.05
CA MET D 263 -21.40 21.47 3.29
C MET D 263 -21.21 20.31 4.28
N THR D 264 -21.97 19.22 4.11
CA THR D 264 -21.76 18.01 4.92
C THR D 264 -20.64 17.11 4.37
N THR D 265 -20.55 17.01 3.05
CA THR D 265 -19.45 16.28 2.40
C THR D 265 -18.15 17.09 2.55
N GLN D 266 -18.25 18.40 2.44
CA GLN D 266 -17.15 19.32 2.72
C GLN D 266 -16.61 19.12 4.13
N SER D 267 -17.52 18.89 5.08
CA SER D 267 -17.18 18.72 6.49
C SER D 267 -16.52 17.37 6.78
N SER D 268 -17.08 16.29 6.23
CA SER D 268 -16.51 14.96 6.41
C SER D 268 -15.21 14.78 5.62
N GLY D 269 -15.12 15.44 4.46
CA GLY D 269 -13.91 15.41 3.64
C GLY D 269 -12.71 16.13 4.23
N SER D 270 -12.95 17.01 5.21
CA SER D 270 -11.87 17.74 5.89
C SER D 270 -11.15 16.90 6.93
N ARG D 271 -11.79 15.84 7.41
CA ARG D 271 -11.17 14.90 8.36
C ARG D 271 -10.61 13.64 7.69
N ALA D 272 -10.70 13.57 6.36
CA ALA D 272 -10.47 12.32 5.62
C ALA D 272 -9.02 11.85 5.61
N SER D 273 -8.07 12.74 5.90
CA SER D 273 -6.65 12.37 5.94
C SER D 273 -6.07 12.44 7.36
N LEU D 274 -6.93 12.24 8.35
CA LEU D 274 -6.57 12.40 9.75
C LEU D 274 -6.95 11.15 10.53
N PRO D 275 -6.33 10.92 11.69
CA PRO D 275 -6.73 9.80 12.52
C PRO D 275 -8.08 10.09 13.12
N LYS D 276 -8.78 9.06 13.56
CA LYS D 276 -10.15 9.24 14.06
C LYS D 276 -10.15 9.60 15.54
N VAL D 277 -9.55 10.76 15.83
CA VAL D 277 -9.52 11.27 17.19
C VAL D 277 -10.93 11.63 17.60
N SER D 278 -11.19 11.52 18.91
CA SER D 278 -12.53 11.69 19.44
C SER D 278 -12.69 13.04 20.15
N TYR D 279 -12.08 14.09 19.60
CA TYR D 279 -12.21 15.45 20.14
C TYR D 279 -12.40 16.47 19.02
N VAL D 280 -12.89 17.66 19.39
CA VAL D 280 -13.24 18.68 18.41
C VAL D 280 -12.02 19.48 17.97
N LYS D 281 -11.79 19.51 16.67
CA LYS D 281 -10.68 20.25 16.09
C LYS D 281 -11.14 21.63 15.60
N ALA D 282 -10.19 22.53 15.35
CA ALA D 282 -10.49 23.89 14.90
C ALA D 282 -11.21 23.91 13.55
N ILE D 283 -10.91 22.93 12.70
CA ILE D 283 -11.57 22.81 11.41
C ILE D 283 -13.00 22.28 11.58
N ASP D 284 -13.24 21.48 12.61
CA ASP D 284 -14.58 20.99 12.92
C ASP D 284 -15.50 22.12 13.35
N ILE D 285 -14.97 23.06 14.13
CA ILE D 285 -15.71 24.26 14.53
C ILE D 285 -16.15 25.01 13.29
N TRP D 286 -15.19 25.38 12.45
CA TRP D 286 -15.46 26.15 11.23
C TRP D 286 -16.50 25.50 10.33
N MET D 287 -16.39 24.19 10.14
CA MET D 287 -17.33 23.47 9.28
C MET D 287 -18.72 23.37 9.93
N ALA D 288 -18.77 23.34 11.25
CA ALA D 288 -20.04 23.31 11.99
C ALA D 288 -20.73 24.67 11.97
N VAL D 289 -19.96 25.74 12.17
CA VAL D 289 -20.49 27.09 12.09
C VAL D 289 -20.90 27.38 10.64
N CYS D 290 -20.10 26.95 9.66
CA CYS D 290 -20.47 27.08 8.25
C CYS D 290 -21.68 26.25 7.89
N LEU D 291 -21.95 25.19 8.64
CA LEU D 291 -23.13 24.38 8.43
C LEU D 291 -24.40 25.09 8.92
N LEU D 292 -24.28 25.80 10.03
CA LEU D 292 -25.39 26.59 10.57
C LEU D 292 -25.79 27.76 9.66
N PHE D 293 -24.81 28.53 9.20
CA PHE D 293 -25.07 29.70 8.35
C PHE D 293 -25.71 29.34 7.01
N VAL D 294 -25.48 28.11 6.55
CA VAL D 294 -26.10 27.57 5.34
C VAL D 294 -27.46 26.93 5.65
N PHE D 295 -27.53 26.24 6.78
CA PHE D 295 -28.75 25.56 7.23
C PHE D 295 -29.81 26.56 7.70
N SER D 296 -29.37 27.68 8.27
CA SER D 296 -30.26 28.76 8.66
C SER D 296 -30.86 29.44 7.45
N ALA D 297 -30.09 29.55 6.37
CA ALA D 297 -30.57 30.14 5.12
C ALA D 297 -31.78 29.41 4.55
N LEU D 298 -31.83 28.08 4.73
CA LEU D 298 -32.96 27.28 4.29
C LEU D 298 -34.14 27.42 5.26
N LEU D 299 -33.86 27.42 6.56
CA LEU D 299 -34.87 27.71 7.58
C LEU D 299 -35.44 29.12 7.43
N GLU D 300 -34.62 30.03 6.92
CA GLU D 300 -35.07 31.39 6.61
C GLU D 300 -36.17 31.33 5.57
N TYR D 301 -36.00 30.51 4.53
CA TYR D 301 -37.04 30.35 3.50
C TYR D 301 -38.24 29.55 3.98
N ALA D 302 -38.03 28.59 4.89
CA ALA D 302 -39.15 27.90 5.53
C ALA D 302 -40.08 28.92 6.19
N ALA D 303 -39.49 29.92 6.85
CA ALA D 303 -40.24 31.00 7.47
C ALA D 303 -40.93 31.90 6.44
N VAL D 304 -40.20 32.26 5.38
CA VAL D 304 -40.74 33.12 4.31
C VAL D 304 -41.89 32.44 3.57
N ASN D 305 -41.75 31.15 3.32
CA ASN D 305 -42.77 30.38 2.64
C ASN D 305 -44.00 30.14 3.52
N PHE D 306 -43.77 29.99 4.82
CA PHE D 306 -44.85 29.67 5.75
C PHE D 306 -45.70 30.89 6.15
N VAL D 307 -45.08 32.03 6.40
CA VAL D 307 -45.84 33.23 6.77
C VAL D 307 -46.60 33.85 5.58
N SER D 308 -46.18 33.49 4.36
CA SER D 308 -46.80 34.01 3.14
C SER D 308 -47.85 33.08 2.52
N ARG D 309 -48.32 32.09 3.29
CA ARG D 309 -49.30 31.10 2.80
C ARG D 309 -50.46 31.73 2.04
N ALA D 310 -51.27 32.53 2.75
CA ALA D 310 -52.34 33.30 2.12
C ALA D 310 -51.71 34.43 1.31
N GLY D 311 -52.29 34.74 0.15
CA GLY D 311 -51.72 35.72 -0.76
C GLY D 311 -51.92 37.18 -0.38
N THR D 312 -52.44 37.43 0.82
CA THR D 312 -52.79 38.79 1.25
C THR D 312 -51.58 39.71 1.36
N LYS D 313 -51.79 41.00 1.07
CA LYS D 313 -50.72 42.00 1.04
C LYS D 313 -49.92 42.09 2.34
N VAL D 314 -50.62 41.99 3.47
CA VAL D 314 -50.00 42.11 4.79
C VAL D 314 -48.90 41.07 5.04
N PHE D 315 -49.12 39.83 4.59
CA PHE D 315 -48.20 38.72 4.84
C PHE D 315 -47.07 38.62 3.80
N ILE D 316 -47.38 38.95 2.55
CA ILE D 316 -46.37 38.96 1.48
C ILE D 316 -45.31 40.03 1.79
N ASP D 317 -45.75 41.14 2.36
CA ASP D 317 -44.84 42.21 2.81
C ASP D 317 -44.15 41.84 4.12
N ARG D 318 -44.84 41.10 4.99
CA ARG D 318 -44.24 40.56 6.21
C ARG D 318 -43.11 39.58 5.90
N ALA D 319 -43.37 38.69 4.94
CA ALA D 319 -42.36 37.77 4.43
C ALA D 319 -41.24 38.53 3.71
N LYS D 320 -41.63 39.57 2.97
CA LYS D 320 -40.68 40.47 2.31
C LYS D 320 -39.68 41.06 3.32
N LYS D 321 -40.18 41.49 4.47
CA LYS D 321 -39.35 42.06 5.53
C LYS D 321 -38.18 41.15 5.92
N ILE D 322 -38.42 39.84 5.99
CA ILE D 322 -37.41 38.88 6.47
C ILE D 322 -36.17 38.87 5.56
N ASP D 323 -36.38 38.82 4.25
CA ASP D 323 -35.28 38.75 3.28
C ASP D 323 -34.42 40.02 3.24
N THR D 324 -35.07 41.19 3.33
CA THR D 324 -34.36 42.46 3.34
C THR D 324 -33.53 42.66 4.62
N ILE D 325 -33.94 41.98 5.69
CA ILE D 325 -33.14 41.89 6.92
C ILE D 325 -32.01 40.85 6.75
N SER D 326 -32.36 39.68 6.22
CA SER D 326 -31.40 38.58 6.05
C SER D 326 -30.29 38.89 5.04
N ARG D 327 -30.59 39.72 4.05
CA ARG D 327 -29.59 40.16 3.07
C ARG D 327 -28.45 40.95 3.72
N ALA D 328 -28.76 41.66 4.80
CA ALA D 328 -27.75 42.43 5.55
C ALA D 328 -27.27 41.70 6.81
N CYS D 329 -28.10 40.85 7.40
CA CYS D 329 -27.79 40.20 8.68
C CYS D 329 -26.77 39.07 8.59
N PHE D 330 -26.96 38.17 7.63
CA PHE D 330 -26.10 36.98 7.54
C PHE D 330 -24.66 37.31 7.12
N PRO D 331 -24.47 38.07 6.02
CA PRO D 331 -23.11 38.52 5.71
C PRO D 331 -22.44 39.27 6.88
N LEU D 332 -23.21 40.07 7.60
CA LEU D 332 -22.71 40.77 8.79
C LEU D 332 -22.38 39.78 9.92
N ALA D 333 -23.28 38.84 10.19
CA ALA D 333 -23.10 37.86 11.26
C ALA D 333 -21.91 36.92 10.98
N PHE D 334 -21.71 36.58 9.71
CA PHE D 334 -20.60 35.73 9.28
C PHE D 334 -19.28 36.49 9.36
N LEU D 335 -19.30 37.78 9.04
CA LEU D 335 -18.12 38.64 9.19
C LEU D 335 -17.74 38.78 10.66
N ILE D 336 -18.74 38.91 11.53
CA ILE D 336 -18.54 38.95 12.99
C ILE D 336 -17.97 37.63 13.51
N PHE D 337 -18.35 36.51 12.91
CA PHE D 337 -17.82 35.19 13.30
C PHE D 337 -16.34 35.01 12.92
N ASN D 338 -15.97 35.44 11.71
CA ASN D 338 -14.58 35.34 11.25
C ASN D 338 -13.63 36.23 12.06
N ILE D 339 -14.10 37.42 12.43
CA ILE D 339 -13.34 38.28 13.35
C ILE D 339 -12.95 37.46 14.58
N PHE D 340 -13.95 36.84 15.22
CA PHE D 340 -13.72 36.00 16.40
C PHE D 340 -12.80 34.82 16.10
N TYR D 341 -13.21 34.01 15.13
CA TYR D 341 -12.52 32.75 14.79
C TYR D 341 -11.03 32.92 14.52
N TRP D 342 -10.69 33.77 13.55
CA TRP D 342 -9.30 33.96 13.15
C TRP D 342 -8.47 34.60 14.26
N VAL D 343 -9.04 35.57 14.96
CA VAL D 343 -8.31 36.23 16.06
C VAL D 343 -8.02 35.26 17.22
N ILE D 344 -8.93 34.30 17.45
CA ILE D 344 -8.70 33.29 18.49
C ILE D 344 -7.52 32.37 18.16
N TYR D 345 -7.40 31.89 16.92
CA TYR D 345 -6.31 30.96 16.55
C TYR D 345 -5.05 31.66 16.01
N MET E 8 40.18 -12.64 38.29
CA MET E 8 40.14 -13.34 36.96
C MET E 8 39.69 -12.39 35.85
N SER E 9 40.39 -12.43 34.71
CA SER E 9 40.06 -11.52 33.60
C SER E 9 38.70 -11.88 33.03
N PRO E 10 37.96 -10.88 32.53
CA PRO E 10 36.64 -11.22 31.97
C PRO E 10 36.77 -12.21 30.82
N SER E 11 37.73 -11.99 29.93
CA SER E 11 37.94 -12.87 28.79
C SER E 11 38.07 -14.32 29.24
N ASP E 12 38.93 -14.57 30.21
CA ASP E 12 39.14 -15.93 30.75
C ASP E 12 37.88 -16.45 31.43
N PHE E 13 37.21 -15.59 32.18
CA PHE E 13 36.01 -15.99 32.91
C PHE E 13 34.88 -16.47 32.00
N LEU E 14 34.67 -15.75 30.90
CA LEU E 14 33.64 -16.13 29.93
C LEU E 14 34.03 -17.43 29.24
N ASP E 15 35.32 -17.61 28.97
CA ASP E 15 35.82 -18.81 28.31
C ASP E 15 35.61 -20.06 29.17
N LYS E 16 35.66 -19.91 30.49
CA LYS E 16 35.47 -21.03 31.41
C LYS E 16 34.00 -21.28 31.77
N LEU E 17 33.14 -20.28 31.56
CA LEU E 17 31.74 -20.39 31.97
C LEU E 17 30.85 -20.90 30.85
N MET E 18 31.10 -20.41 29.63
CA MET E 18 30.31 -20.74 28.46
C MET E 18 31.09 -20.86 27.13
N GLY E 19 32.41 -20.65 27.16
CA GLY E 19 33.24 -20.63 25.95
C GLY E 19 33.99 -21.93 25.73
N ARG E 20 35.11 -21.84 25.00
CA ARG E 20 35.90 -23.02 24.59
C ARG E 20 36.16 -24.03 25.71
N THR E 21 36.82 -23.55 26.76
CA THR E 21 37.23 -24.42 27.86
C THR E 21 36.11 -24.80 28.84
N SER E 22 34.90 -24.29 28.59
CA SER E 22 33.79 -24.42 29.55
C SER E 22 33.13 -25.79 29.52
N GLY E 23 33.06 -26.38 28.35
CA GLY E 23 32.30 -27.61 28.16
C GLY E 23 30.79 -27.39 28.21
N TYR E 24 30.37 -26.13 28.13
CA TYR E 24 28.96 -25.78 28.11
C TYR E 24 28.38 -26.18 26.76
N ASP E 25 27.17 -26.73 26.75
CA ASP E 25 26.50 -27.11 25.51
C ASP E 25 25.10 -26.52 25.49
N ALA E 26 24.91 -25.49 24.67
CA ALA E 26 23.62 -24.80 24.63
C ALA E 26 22.51 -25.63 23.98
N ARG E 27 22.84 -26.82 23.50
CA ARG E 27 21.82 -27.72 22.96
C ARG E 27 21.12 -28.52 24.05
N ILE E 28 21.58 -28.33 25.28
CA ILE E 28 21.05 -29.06 26.43
C ILE E 28 20.46 -28.05 27.38
N ARG E 29 19.21 -28.27 27.79
CA ARG E 29 18.56 -27.37 28.72
C ARG E 29 19.13 -27.48 30.12
N PRO E 30 18.87 -26.48 30.97
CA PRO E 30 19.16 -26.57 32.40
C PRO E 30 18.38 -27.71 33.05
N ASN E 31 19.01 -28.38 34.02
CA ASN E 31 18.37 -29.49 34.74
C ASN E 31 17.81 -30.49 33.75
N PHE E 32 18.64 -30.88 32.79
CA PHE E 32 18.19 -31.61 31.60
C PHE E 32 17.53 -32.95 31.91
N LYS E 33 18.12 -33.74 32.81
CA LYS E 33 17.49 -34.99 33.22
C LYS E 33 16.42 -34.78 34.29
N GLY E 34 16.29 -33.55 34.79
CA GLY E 34 15.41 -33.27 35.91
C GLY E 34 14.03 -32.75 35.52
N PRO E 35 13.46 -31.87 36.37
CA PRO E 35 12.14 -31.28 36.12
C PRO E 35 12.20 -30.15 35.09
N PRO E 36 11.03 -29.60 34.70
CA PRO E 36 11.02 -28.60 33.64
C PRO E 36 11.69 -27.30 34.06
N VAL E 37 12.16 -26.53 33.07
CA VAL E 37 12.73 -25.21 33.31
C VAL E 37 11.59 -24.23 33.50
N ASN E 38 11.63 -23.47 34.59
CA ASN E 38 10.61 -22.47 34.87
C ASN E 38 11.05 -21.12 34.33
N VAL E 39 10.38 -20.68 33.27
CA VAL E 39 10.68 -19.38 32.70
C VAL E 39 9.62 -18.38 33.17
N THR E 40 10.07 -17.32 33.81
CA THR E 40 9.19 -16.28 34.32
C THR E 40 9.23 -15.10 33.37
N CYS E 41 8.09 -14.78 32.79
CA CYS E 41 7.99 -13.73 31.78
C CYS E 41 7.40 -12.46 32.33
N ASN E 42 7.82 -11.34 31.75
CA ASN E 42 7.14 -10.06 31.93
C ASN E 42 7.41 -9.18 30.70
N ILE E 43 6.44 -8.36 30.32
CA ILE E 43 6.60 -7.49 29.15
C ILE E 43 6.44 -6.03 29.55
N PHE E 44 7.23 -5.17 28.92
CA PHE E 44 7.05 -3.73 29.00
C PHE E 44 6.53 -3.30 27.64
N ILE E 45 5.39 -2.63 27.62
CA ILE E 45 4.81 -2.17 26.38
C ILE E 45 5.29 -0.75 26.09
N ASN E 46 6.19 -0.66 25.13
CA ASN E 46 6.78 0.59 24.70
C ASN E 46 5.83 1.38 23.83
N SER E 47 4.95 0.67 23.14
CA SER E 47 4.05 1.26 22.14
C SER E 47 2.93 0.29 21.79
N PHE E 48 1.78 0.82 21.39
CA PHE E 48 0.56 0.03 21.21
C PHE E 48 -0.30 0.78 20.22
N GLY E 49 -0.58 0.18 19.07
CA GLY E 49 -1.34 0.89 18.04
C GLY E 49 -1.74 0.06 16.84
N SER E 50 -1.89 0.74 15.71
CA SER E 50 -2.29 0.13 14.45
C SER E 50 -3.39 -0.92 14.63
N ILE E 51 -4.39 -0.57 15.45
CA ILE E 51 -5.52 -1.45 15.69
C ILE E 51 -6.42 -1.36 14.48
N ALA E 52 -6.51 -2.44 13.73
CA ALA E 52 -7.24 -2.42 12.47
C ALA E 52 -8.41 -3.37 12.51
N GLU E 53 -9.60 -2.84 12.26
CA GLU E 53 -10.81 -3.65 12.22
C GLU E 53 -10.81 -4.49 10.93
N THR E 54 -10.31 -3.90 9.83
CA THR E 54 -10.37 -4.56 8.53
C THR E 54 -9.55 -5.83 8.51
N THR E 55 -8.29 -5.73 8.93
CA THR E 55 -7.37 -6.85 8.97
C THR E 55 -7.41 -7.60 10.30
N MET E 56 -8.16 -7.05 11.26
CA MET E 56 -8.51 -7.77 12.50
C MET E 56 -7.22 -8.16 13.28
N ASP E 57 -6.42 -7.14 13.58
CA ASP E 57 -5.13 -7.32 14.27
C ASP E 57 -4.65 -6.00 14.89
N TYR E 58 -3.48 -6.02 15.53
CA TYR E 58 -2.94 -4.82 16.18
C TYR E 58 -1.45 -4.95 16.40
N ARG E 59 -0.75 -3.82 16.46
CA ARG E 59 0.70 -3.81 16.52
C ARG E 59 1.18 -3.39 17.88
N VAL E 60 2.33 -3.87 18.27
CA VAL E 60 2.84 -3.58 19.58
C VAL E 60 4.37 -3.60 19.56
N ASN E 61 5.01 -2.72 20.31
CA ASN E 61 6.45 -2.74 20.49
C ASN E 61 6.74 -2.99 21.95
N ILE E 62 7.45 -4.07 22.26
CA ILE E 62 7.65 -4.48 23.64
C ILE E 62 9.10 -4.78 23.98
N PHE E 63 9.41 -4.73 25.28
CA PHE E 63 10.57 -5.42 25.81
C PHE E 63 10.06 -6.71 26.44
N LEU E 64 10.53 -7.85 25.92
CA LEU E 64 10.13 -9.15 26.44
C LEU E 64 11.23 -9.64 27.36
N ARG E 65 10.93 -9.67 28.66
CA ARG E 65 11.87 -10.14 29.67
C ARG E 65 11.58 -11.59 30.02
N GLN E 66 12.60 -12.43 29.95
CA GLN E 66 12.52 -13.81 30.38
C GLN E 66 13.52 -14.06 31.48
N LYS E 67 13.10 -14.83 32.48
CA LYS E 67 13.97 -15.19 33.58
C LYS E 67 13.92 -16.68 33.85
N TRP E 68 15.08 -17.31 33.96
CA TRP E 68 15.16 -18.73 34.33
C TRP E 68 16.48 -19.00 35.03
N ASN E 69 16.61 -20.20 35.59
CA ASN E 69 17.86 -20.61 36.21
C ASN E 69 18.66 -21.61 35.39
N ASP E 70 19.95 -21.32 35.22
CA ASP E 70 20.87 -22.25 34.60
C ASP E 70 22.02 -22.50 35.57
N PRO E 71 21.97 -23.62 36.30
CA PRO E 71 23.05 -23.92 37.25
C PRO E 71 24.45 -23.86 36.66
N ARG E 72 24.58 -24.19 35.37
CA ARG E 72 25.87 -24.11 34.68
C ARG E 72 26.48 -22.71 34.70
N LEU E 73 25.63 -21.68 34.80
CA LEU E 73 26.08 -20.29 34.70
C LEU E 73 26.30 -19.62 36.05
N ALA E 74 26.16 -20.38 37.13
CA ALA E 74 26.48 -19.86 38.44
C ALA E 74 27.98 -19.56 38.51
N TYR E 75 28.34 -18.53 39.27
CA TYR E 75 29.73 -18.11 39.39
C TYR E 75 30.07 -17.69 40.82
N SER E 76 31.36 -17.77 41.14
CA SER E 76 31.88 -17.34 42.44
C SER E 76 33.13 -16.47 42.33
N GLU E 77 33.57 -16.15 41.11
CA GLU E 77 34.86 -15.50 40.91
C GLU E 77 34.80 -14.00 41.16
N TYR E 78 33.60 -13.46 41.23
CA TYR E 78 33.42 -12.04 41.54
C TYR E 78 32.37 -11.92 42.63
N PRO E 79 32.49 -10.86 43.47
CA PRO E 79 31.54 -10.61 44.54
C PRO E 79 30.22 -10.03 44.04
N ASP E 80 30.18 -9.60 42.79
CA ASP E 80 29.03 -8.89 42.24
C ASP E 80 27.81 -9.81 42.27
N ASP E 81 26.66 -9.28 42.69
CA ASP E 81 25.41 -10.04 42.71
C ASP E 81 25.03 -10.52 41.34
N SER E 82 25.34 -9.70 40.33
CA SER E 82 25.09 -10.05 38.93
C SER E 82 26.10 -9.40 38.02
N LEU E 83 26.16 -9.91 36.80
CA LEU E 83 27.07 -9.42 35.77
C LEU E 83 26.27 -9.08 34.52
N ASP E 84 26.50 -7.89 33.99
CA ASP E 84 25.89 -7.48 32.73
C ASP E 84 26.80 -7.90 31.57
N LEU E 85 26.42 -8.95 30.86
CA LEU E 85 27.22 -9.47 29.75
C LEU E 85 26.85 -8.88 28.40
N ASP E 86 27.82 -8.81 27.49
CA ASP E 86 27.58 -8.41 26.10
C ASP E 86 26.66 -9.42 25.44
N PRO E 87 25.66 -8.93 24.67
CA PRO E 87 24.64 -9.85 24.15
C PRO E 87 25.17 -10.86 23.13
N SER E 88 26.36 -10.63 22.58
CA SER E 88 26.99 -11.65 21.74
C SER E 88 27.05 -12.99 22.45
N MET E 89 27.16 -12.97 23.77
CA MET E 89 27.20 -14.18 24.56
C MET E 89 25.87 -14.91 24.63
N LEU E 90 24.78 -14.29 24.18
CA LEU E 90 23.49 -14.97 24.12
C LEU E 90 23.51 -16.17 23.18
N ASP E 91 24.34 -16.11 22.14
CA ASP E 91 24.42 -17.23 21.20
C ASP E 91 25.12 -18.42 21.85
N SER E 92 25.96 -18.15 22.84
CA SER E 92 26.71 -19.21 23.53
C SER E 92 25.93 -19.97 24.58
N ILE E 93 24.76 -19.48 24.98
CA ILE E 93 24.00 -20.13 26.05
C ILE E 93 22.64 -20.67 25.62
N TRP E 94 22.14 -21.67 26.33
CA TRP E 94 20.78 -22.16 26.11
C TRP E 94 19.80 -21.07 26.49
N LYS E 95 18.66 -21.03 25.81
CA LYS E 95 17.56 -20.10 26.16
C LYS E 95 16.22 -20.54 25.56
N PRO E 96 15.11 -20.22 26.24
CA PRO E 96 13.81 -20.74 25.85
C PRO E 96 13.44 -20.40 24.43
N ASP E 97 12.55 -21.18 23.82
CA ASP E 97 12.19 -20.99 22.41
C ASP E 97 10.84 -20.29 22.26
N LEU E 98 10.62 -19.28 23.08
CA LEU E 98 9.35 -18.57 23.16
C LEU E 98 8.97 -17.98 21.82
N PHE E 99 7.74 -18.22 21.40
CA PHE E 99 7.17 -17.57 20.22
C PHE E 99 5.75 -17.11 20.53
N PHE E 100 5.27 -16.15 19.76
CA PHE E 100 3.94 -15.61 19.98
C PHE E 100 2.92 -16.32 19.09
N ALA E 101 2.08 -17.12 19.72
CA ALA E 101 1.21 -18.04 18.99
C ALA E 101 0.30 -17.33 18.01
N ASN E 102 -0.15 -16.13 18.36
CA ASN E 102 -1.07 -15.36 17.50
C ASN E 102 -0.40 -14.22 16.75
N GLU E 103 0.90 -14.32 16.54
CA GLU E 103 1.65 -13.31 15.80
C GLU E 103 1.46 -13.50 14.30
N LYS E 104 1.04 -12.43 13.63
CA LYS E 104 0.92 -12.41 12.18
C LYS E 104 2.21 -11.90 11.54
N GLY E 105 2.97 -11.11 12.29
CA GLY E 105 4.32 -10.70 11.87
C GLY E 105 5.10 -10.19 13.05
N ALA E 106 6.42 -10.32 13.00
CA ALA E 106 7.28 -9.95 14.14
C ALA E 106 8.69 -9.70 13.67
N ASN E 107 9.39 -8.79 14.33
CA ASN E 107 10.79 -8.56 14.01
C ASN E 107 11.60 -8.13 15.23
N PHE E 108 12.89 -8.43 15.17
CA PHE E 108 13.84 -7.97 16.16
C PHE E 108 14.28 -6.54 15.80
N HIS E 109 15.08 -5.91 16.68
CA HIS E 109 15.63 -4.58 16.39
C HIS E 109 17.15 -4.60 16.45
N GLU E 110 17.79 -4.15 15.38
CA GLU E 110 19.24 -4.26 15.24
C GLU E 110 19.97 -2.92 15.16
N VAL E 111 19.25 -1.80 15.16
CA VAL E 111 19.85 -0.47 15.07
C VAL E 111 19.96 0.14 16.46
N THR E 112 21.13 0.63 16.86
CA THR E 112 22.34 0.60 16.07
C THR E 112 23.11 -0.69 16.35
N THR E 113 22.62 -1.46 17.32
CA THR E 113 23.12 -2.79 17.63
C THR E 113 21.93 -3.63 18.08
N ASP E 114 22.12 -4.94 18.24
CA ASP E 114 21.03 -5.81 18.65
C ASP E 114 20.45 -5.29 19.96
N ASN E 115 19.17 -5.00 19.95
CA ASN E 115 18.47 -4.46 21.11
C ASN E 115 18.21 -5.62 22.07
N LYS E 116 19.27 -6.09 22.72
CA LYS E 116 19.20 -7.25 23.60
C LYS E 116 19.97 -7.01 24.89
N LEU E 117 19.56 -7.73 25.93
CA LEU E 117 20.14 -7.54 27.25
C LEU E 117 20.36 -8.90 27.86
N LEU E 118 21.56 -9.15 28.38
CA LEU E 118 21.86 -10.40 29.07
C LEU E 118 22.50 -10.11 30.41
N ARG E 119 21.89 -10.63 31.47
CA ARG E 119 22.38 -10.44 32.82
C ARG E 119 22.34 -11.76 33.55
N ILE E 120 23.48 -12.19 34.12
CA ILE E 120 23.54 -13.43 34.89
C ILE E 120 23.87 -13.14 36.35
N PHE E 121 23.39 -14.02 37.23
CA PHE E 121 23.50 -13.83 38.66
C PHE E 121 24.36 -14.92 39.28
N LYS E 122 24.94 -14.63 40.43
CA LYS E 122 25.78 -15.59 41.15
C LYS E 122 25.24 -17.01 41.09
N ASN E 123 23.96 -17.16 41.39
CA ASN E 123 23.33 -18.47 41.49
C ASN E 123 22.91 -19.07 40.16
N GLY E 124 23.30 -18.45 39.05
CA GLY E 124 23.03 -18.98 37.72
C GLY E 124 21.71 -18.55 37.14
N ASN E 125 21.00 -17.66 37.82
CA ASN E 125 19.79 -17.08 37.25
C ASN E 125 20.15 -16.21 36.06
N VAL E 126 19.25 -16.16 35.08
CA VAL E 126 19.44 -15.38 33.88
C VAL E 126 18.32 -14.37 33.72
N LEU E 127 18.67 -13.17 33.27
CA LEU E 127 17.70 -12.20 32.82
C LEU E 127 18.02 -11.93 31.37
N TYR E 128 17.00 -12.04 30.51
CA TYR E 128 17.20 -11.89 29.09
C TYR E 128 16.09 -11.03 28.53
N SER E 129 16.41 -9.78 28.22
CA SER E 129 15.44 -8.87 27.63
C SER E 129 15.74 -8.63 26.18
N ILE E 130 14.69 -8.67 25.37
CA ILE E 130 14.80 -8.45 23.93
C ILE E 130 13.67 -7.56 23.46
N ARG E 131 13.99 -6.59 22.62
CA ARG E 131 12.98 -5.73 22.05
C ARG E 131 12.42 -6.36 20.79
N LEU E 132 11.10 -6.35 20.69
CA LEU E 132 10.39 -6.95 19.59
C LEU E 132 9.26 -6.01 19.12
N THR E 133 8.99 -6.05 17.83
CA THR E 133 7.76 -5.49 17.30
C THR E 133 6.92 -6.66 16.85
N LEU E 134 5.70 -6.75 17.35
CA LEU E 134 4.78 -7.81 16.99
C LEU E 134 3.49 -7.25 16.42
N THR E 135 3.00 -7.87 15.35
CA THR E 135 1.64 -7.69 14.89
C THR E 135 0.86 -8.94 15.27
N LEU E 136 -0.18 -8.76 16.07
CA LEU E 136 -0.90 -9.85 16.67
C LEU E 136 -2.35 -9.86 16.21
N SER E 137 -2.90 -11.04 15.97
CA SER E 137 -4.29 -11.15 15.55
C SER E 137 -5.22 -10.89 16.73
N CYS E 138 -6.30 -10.15 16.46
CA CYS E 138 -7.29 -9.80 17.48
C CYS E 138 -8.66 -9.86 16.81
N PRO E 139 -9.30 -11.04 16.83
CA PRO E 139 -10.64 -11.21 16.27
C PRO E 139 -11.60 -10.35 17.01
N MET E 140 -12.49 -9.68 16.29
CA MET E 140 -13.34 -8.65 16.87
C MET E 140 -14.81 -8.96 16.69
N ASP E 141 -15.59 -8.68 17.73
CA ASP E 141 -17.03 -8.74 17.66
C ASP E 141 -17.50 -7.30 17.49
N LEU E 142 -18.12 -6.99 16.36
CA LEU E 142 -18.53 -5.62 16.06
C LEU E 142 -20.04 -5.40 16.22
N LYS E 143 -20.71 -6.31 16.93
CA LYS E 143 -22.15 -6.21 17.18
C LYS E 143 -22.56 -4.81 17.65
N ASN E 144 -21.85 -4.27 18.63
CA ASN E 144 -22.19 -2.97 19.20
C ASN E 144 -21.38 -1.78 18.68
N PHE E 145 -20.79 -1.92 17.48
CA PHE E 145 -19.95 -0.87 16.91
C PHE E 145 -20.82 0.33 16.56
N PRO E 146 -20.42 1.55 16.92
CA PRO E 146 -19.10 1.87 17.46
C PRO E 146 -19.12 2.14 18.96
N MET E 147 -19.99 1.44 19.69
CA MET E 147 -19.99 1.52 21.15
C MET E 147 -19.50 0.18 21.70
N ASP E 148 -18.54 -0.39 20.99
CA ASP E 148 -18.07 -1.74 21.26
C ASP E 148 -16.83 -1.71 22.14
N VAL E 149 -16.49 -2.88 22.69
CA VAL E 149 -15.27 -3.04 23.47
C VAL E 149 -14.62 -4.36 23.07
N GLN E 150 -13.32 -4.31 22.73
CA GLN E 150 -12.63 -5.46 22.18
C GLN E 150 -11.62 -6.02 23.18
N THR E 151 -11.42 -7.33 23.12
CA THR E 151 -10.41 -7.99 23.94
C THR E 151 -9.35 -8.54 22.99
N CYS E 152 -8.19 -7.90 22.96
CA CYS E 152 -7.07 -8.36 22.17
C CYS E 152 -6.10 -9.14 23.03
N ILE E 153 -5.60 -10.26 22.53
CA ILE E 153 -4.75 -11.15 23.33
C ILE E 153 -3.33 -11.27 22.81
N MET E 154 -2.50 -11.96 23.58
CA MET E 154 -1.10 -12.14 23.27
C MET E 154 -0.64 -13.41 23.96
N GLN E 155 -0.27 -14.40 23.17
CA GLN E 155 0.07 -15.72 23.68
C GLN E 155 1.54 -16.01 23.56
N LEU E 156 2.16 -16.30 24.70
CA LEU E 156 3.58 -16.67 24.77
C LEU E 156 3.64 -18.18 24.90
N GLU E 157 4.31 -18.84 23.94
CA GLU E 157 4.25 -20.30 23.81
C GLU E 157 5.62 -20.89 23.47
N SER E 158 5.87 -22.13 23.89
CA SER E 158 7.05 -22.85 23.44
C SER E 158 6.74 -23.64 22.17
N PHE E 159 7.69 -23.64 21.23
CA PHE E 159 7.47 -24.32 19.97
C PHE E 159 7.89 -25.77 20.01
N GLY E 160 9.00 -26.05 20.69
CA GLY E 160 9.59 -27.38 20.67
C GLY E 160 9.63 -28.12 22.00
N TYR E 161 9.50 -27.40 23.11
CA TYR E 161 9.58 -28.02 24.43
C TYR E 161 8.20 -28.35 24.98
N THR E 162 7.99 -29.61 25.28
CA THR E 162 6.78 -30.06 25.95
C THR E 162 6.80 -29.64 27.42
N MET E 163 5.63 -29.73 28.07
CA MET E 163 5.44 -29.28 29.45
C MET E 163 6.38 -29.90 30.49
N ASN E 164 6.90 -31.09 30.20
CA ASN E 164 7.84 -31.75 31.13
C ASN E 164 9.26 -31.20 31.04
N ASP E 165 9.58 -30.48 29.97
CA ASP E 165 10.90 -29.88 29.80
C ASP E 165 10.93 -28.36 30.01
N LEU E 166 9.85 -27.68 29.69
CA LEU E 166 9.82 -26.21 29.74
C LEU E 166 8.41 -25.71 30.07
N ILE E 167 8.34 -24.82 31.06
CA ILE E 167 7.09 -24.23 31.52
C ILE E 167 7.20 -22.71 31.61
N PHE E 168 6.22 -22.00 31.05
CA PHE E 168 6.14 -20.54 31.19
C PHE E 168 5.17 -20.12 32.28
N GLU E 169 5.40 -18.93 32.80
CA GLU E 169 4.66 -18.40 33.93
C GLU E 169 4.84 -16.87 33.95
N TRP E 170 3.80 -16.13 34.31
CA TRP E 170 3.93 -14.67 34.43
C TRP E 170 4.58 -14.33 35.75
N GLN E 171 5.27 -13.18 35.80
CA GLN E 171 5.74 -12.64 37.08
C GLN E 171 4.58 -12.39 38.03
N ASP E 172 4.80 -12.58 39.32
CA ASP E 172 3.78 -12.26 40.31
C ASP E 172 3.57 -10.75 40.37
N GLU E 173 4.65 -10.00 40.61
CA GLU E 173 4.59 -8.54 40.68
C GLU E 173 4.80 -7.91 39.31
N ALA E 174 3.79 -7.15 38.85
CA ALA E 174 3.92 -6.28 37.67
C ALA E 174 4.37 -7.00 36.41
N PRO E 175 3.59 -7.99 35.93
CA PRO E 175 3.97 -8.74 34.74
C PRO E 175 3.91 -7.91 33.47
N VAL E 176 2.90 -7.04 33.35
CA VAL E 176 2.73 -6.24 32.15
C VAL E 176 2.76 -4.77 32.51
N GLN E 177 3.86 -4.10 32.17
CA GLN E 177 3.99 -2.66 32.40
C GLN E 177 3.79 -1.92 31.08
N VAL E 178 3.23 -0.72 31.17
CA VAL E 178 2.93 0.11 30.01
C VAL E 178 3.63 1.45 30.18
N ALA E 179 4.21 1.95 29.11
CA ALA E 179 4.95 3.20 29.15
C ALA E 179 4.06 4.35 29.58
N GLU E 180 4.64 5.31 30.31
CA GLU E 180 3.88 6.46 30.80
C GLU E 180 3.38 7.31 29.66
N GLY E 181 2.13 7.76 29.79
CA GLY E 181 1.53 8.67 28.81
C GLY E 181 1.23 8.05 27.47
N LEU E 182 1.16 6.72 27.42
CA LEU E 182 0.87 6.03 26.18
C LEU E 182 -0.61 6.14 25.90
N THR E 183 -0.96 6.75 24.77
CA THR E 183 -2.37 6.92 24.40
C THR E 183 -2.68 6.33 23.03
N LEU E 184 -3.93 5.94 22.87
CA LEU E 184 -4.45 5.44 21.60
C LEU E 184 -5.52 6.42 21.17
N PRO E 185 -5.54 6.81 19.87
CA PRO E 185 -6.47 7.86 19.47
C PRO E 185 -7.93 7.40 19.34
N GLN E 186 -8.13 6.10 19.10
CA GLN E 186 -9.47 5.53 18.89
C GLN E 186 -10.03 4.83 20.13
N PHE E 187 -9.15 4.36 21.00
CA PHE E 187 -9.54 3.50 22.12
C PHE E 187 -8.98 4.01 23.44
N LEU E 188 -9.47 3.40 24.53
CA LEU E 188 -8.85 3.54 25.84
C LEU E 188 -8.32 2.16 26.21
N LEU E 189 -7.07 2.10 26.64
CA LEU E 189 -6.49 0.85 27.11
C LEU E 189 -6.78 0.70 28.59
N LYS E 190 -7.63 -0.27 28.94
CA LYS E 190 -8.03 -0.43 30.33
C LYS E 190 -6.88 -0.96 31.18
N GLU E 191 -6.78 -0.41 32.39
CA GLU E 191 -5.73 -0.72 33.35
C GLU E 191 -5.65 -2.21 33.67
N GLU E 192 -6.80 -2.86 33.77
CA GLU E 192 -6.84 -4.28 34.12
C GLU E 192 -6.49 -5.15 32.90
N LYS E 193 -5.44 -5.97 33.06
CA LYS E 193 -5.09 -6.97 32.05
C LYS E 193 -5.32 -8.35 32.65
N ASP E 194 -6.07 -9.20 31.96
CA ASP E 194 -6.27 -10.57 32.43
C ASP E 194 -5.07 -11.39 32.04
N LEU E 195 -4.60 -12.22 32.97
CA LEU E 195 -3.53 -13.18 32.72
C LEU E 195 -4.14 -14.55 32.85
N ARG E 196 -3.79 -15.47 31.94
CA ARG E 196 -4.24 -16.85 32.08
C ARG E 196 -3.38 -17.81 31.29
N TYR E 197 -3.64 -19.10 31.47
CA TYR E 197 -2.94 -20.15 30.74
C TYR E 197 -3.69 -20.56 29.47
N CYS E 198 -2.96 -20.67 28.36
CA CYS E 198 -3.51 -21.08 27.07
C CYS E 198 -3.03 -22.48 26.67
N THR E 199 -2.52 -23.25 27.63
CA THR E 199 -1.80 -24.49 27.35
C THR E 199 -2.35 -25.30 26.19
N LYS E 200 -1.52 -25.52 25.19
CA LYS E 200 -1.94 -26.13 23.93
C LYS E 200 -1.69 -27.63 23.94
N HIS E 201 -2.60 -28.39 23.34
CA HIS E 201 -2.40 -29.80 23.05
C HIS E 201 -2.53 -29.99 21.54
N TYR E 202 -1.44 -30.40 20.89
CA TYR E 202 -1.46 -30.73 19.47
C TYR E 202 -1.13 -32.22 19.34
N ASN E 203 -1.13 -32.75 18.12
CA ASN E 203 -0.71 -34.14 17.92
C ASN E 203 0.78 -34.34 18.19
N THR E 204 1.52 -33.25 18.24
CA THR E 204 2.93 -33.29 18.57
C THR E 204 3.19 -33.24 20.08
N GLY E 205 2.17 -32.96 20.88
CA GLY E 205 2.31 -32.97 22.33
C GLY E 205 1.60 -31.83 23.03
N LYS E 206 1.92 -31.68 24.31
CA LYS E 206 1.32 -30.66 25.17
C LYS E 206 2.38 -29.59 25.43
N PHE E 207 2.09 -28.35 25.04
CA PHE E 207 3.09 -27.29 25.06
C PHE E 207 2.65 -26.14 25.94
N THR E 208 3.58 -25.62 26.74
CA THR E 208 3.30 -24.47 27.62
C THR E 208 2.89 -23.23 26.85
N CYS E 209 1.95 -22.48 27.43
CA CYS E 209 1.45 -21.26 26.81
C CYS E 209 0.80 -20.42 27.90
N ILE E 210 1.17 -19.15 27.96
CA ILE E 210 0.54 -18.19 28.86
C ILE E 210 0.10 -16.98 28.07
N GLU E 211 -0.92 -16.30 28.56
CA GLU E 211 -1.71 -15.36 27.78
C GLU E 211 -1.92 -14.08 28.58
N VAL E 212 -2.02 -12.96 27.88
CA VAL E 212 -2.44 -11.70 28.50
C VAL E 212 -3.51 -11.09 27.61
N ARG E 213 -4.61 -10.66 28.21
CA ARG E 213 -5.74 -10.09 27.50
C ARG E 213 -5.83 -8.61 27.79
N PHE E 214 -5.73 -7.79 26.76
CA PHE E 214 -5.92 -6.36 26.87
C PHE E 214 -7.37 -6.03 26.59
N HIS E 215 -7.94 -5.06 27.31
CA HIS E 215 -9.31 -4.61 27.04
C HIS E 215 -9.32 -3.22 26.42
N LEU E 216 -9.86 -3.12 25.21
CA LEU E 216 -9.86 -1.89 24.45
C LEU E 216 -11.28 -1.39 24.27
N GLU E 217 -11.59 -0.29 24.94
CA GLU E 217 -12.90 0.33 24.85
C GLU E 217 -12.82 1.44 23.80
N ARG E 218 -13.67 1.37 22.78
CA ARG E 218 -13.62 2.35 21.69
C ARG E 218 -14.22 3.67 22.13
N GLN E 219 -13.54 4.76 21.77
CA GLN E 219 -14.01 6.10 22.10
C GLN E 219 -15.12 6.52 21.15
N MET E 220 -16.20 7.05 21.73
CA MET E 220 -17.42 7.35 21.00
C MET E 220 -17.34 8.66 20.19
N GLY E 221 -16.50 9.60 20.63
CA GLY E 221 -16.54 10.97 20.15
C GLY E 221 -16.52 11.19 18.64
N TYR E 222 -15.58 10.53 17.97
CA TYR E 222 -15.44 10.67 16.52
C TYR E 222 -16.74 10.36 15.79
N TYR E 223 -17.44 9.33 16.26
CA TYR E 223 -18.63 8.84 15.58
C TYR E 223 -19.84 9.77 15.74
N LEU E 224 -19.87 10.57 16.80
CA LEU E 224 -20.83 11.65 16.89
C LEU E 224 -20.51 12.67 15.81
N ILE E 225 -19.26 13.12 15.79
CA ILE E 225 -18.79 14.12 14.84
C ILE E 225 -18.98 13.70 13.37
N GLN E 226 -18.74 12.43 13.08
CA GLN E 226 -18.65 11.96 11.70
C GLN E 226 -19.91 11.22 11.22
N MET E 227 -20.65 10.64 12.16
CA MET E 227 -21.69 9.69 11.81
C MET E 227 -23.08 10.04 12.40
N TYR E 228 -23.16 10.24 13.72
CA TYR E 228 -24.42 10.43 14.40
C TYR E 228 -25.01 11.84 14.27
N ILE E 229 -24.19 12.88 14.42
CA ILE E 229 -24.66 14.26 14.27
C ILE E 229 -25.03 14.59 12.81
N PRO E 230 -24.14 14.30 11.84
CA PRO E 230 -24.53 14.55 10.45
C PRO E 230 -25.71 13.73 9.93
N SER E 231 -26.13 12.70 10.66
CA SER E 231 -27.35 11.95 10.34
C SER E 231 -28.61 12.57 10.98
N LEU E 232 -28.47 13.07 12.20
CA LEU E 232 -29.55 13.85 12.85
C LEU E 232 -29.90 15.04 11.99
N LEU E 233 -28.85 15.65 11.42
CA LEU E 233 -28.97 16.82 10.58
C LEU E 233 -29.73 16.54 9.28
N ILE E 234 -29.62 15.31 8.75
CA ILE E 234 -30.37 14.91 7.55
C ILE E 234 -31.82 14.55 7.91
N VAL E 235 -32.04 13.99 9.09
CA VAL E 235 -33.39 13.69 9.58
C VAL E 235 -34.15 14.98 9.91
N ILE E 236 -33.48 15.95 10.54
CA ILE E 236 -34.07 17.26 10.82
C ILE E 236 -34.36 18.02 9.53
N LEU E 237 -33.53 17.82 8.50
CA LEU E 237 -33.75 18.44 7.20
C LEU E 237 -35.02 17.88 6.54
N SER E 238 -35.26 16.58 6.69
CA SER E 238 -36.47 15.97 6.13
C SER E 238 -37.76 16.59 6.71
N TRP E 239 -37.68 17.09 7.94
CA TRP E 239 -38.83 17.67 8.64
C TRP E 239 -39.22 19.07 8.16
N VAL E 240 -38.32 19.79 7.48
CA VAL E 240 -38.64 21.15 7.03
C VAL E 240 -39.64 21.13 5.86
N SER E 241 -39.78 19.96 5.23
CA SER E 241 -40.81 19.74 4.21
C SER E 241 -42.24 20.01 4.69
N PHE E 242 -42.50 19.76 5.98
CA PHE E 242 -43.86 19.90 6.53
C PHE E 242 -44.30 21.36 6.75
N TRP E 243 -43.33 22.27 6.85
CA TRP E 243 -43.61 23.69 6.96
C TRP E 243 -43.68 24.35 5.58
N ILE E 244 -43.37 23.58 4.53
CA ILE E 244 -43.42 24.07 3.15
C ILE E 244 -44.81 23.83 2.54
N ASN E 245 -45.24 24.82 1.75
CA ASN E 245 -46.54 24.80 1.05
C ASN E 245 -46.75 23.50 0.25
N MET E 246 -47.94 22.93 0.36
CA MET E 246 -48.23 21.64 -0.29
C MET E 246 -48.26 21.73 -1.83
N ASP E 247 -48.61 22.90 -2.36
CA ASP E 247 -48.64 23.12 -3.83
C ASP E 247 -47.25 22.97 -4.47
N ALA E 248 -46.19 23.30 -3.74
CA ALA E 248 -44.82 23.20 -4.24
C ALA E 248 -44.33 21.74 -4.25
N ALA E 249 -44.77 20.99 -5.26
CA ALA E 249 -44.41 19.57 -5.40
C ALA E 249 -42.93 19.34 -5.65
N PRO E 250 -42.34 20.03 -6.65
CA PRO E 250 -40.92 19.79 -6.92
C PRO E 250 -40.00 20.05 -5.72
N ALA E 251 -40.31 21.08 -4.93
CA ALA E 251 -39.53 21.45 -3.76
C ALA E 251 -39.59 20.39 -2.67
N ARG E 252 -40.81 20.00 -2.29
CA ARG E 252 -41.01 18.99 -1.24
C ARG E 252 -40.49 17.62 -1.65
N VAL E 253 -40.66 17.28 -2.94
CA VAL E 253 -40.18 15.99 -3.47
C VAL E 253 -38.67 15.96 -3.55
N ALA E 254 -38.06 16.97 -4.18
CA ALA E 254 -36.60 17.10 -4.24
C ALA E 254 -35.98 17.02 -2.85
N LEU E 255 -36.56 17.75 -1.90
CA LEU E 255 -36.16 17.74 -0.50
C LEU E 255 -36.32 16.36 0.11
N GLY E 256 -37.39 15.66 -0.27
CA GLY E 256 -37.62 14.29 0.16
C GLY E 256 -36.65 13.29 -0.45
N ILE E 257 -36.30 13.48 -1.72
CA ILE E 257 -35.37 12.58 -2.44
C ILE E 257 -33.94 12.72 -1.94
N THR E 258 -33.44 13.96 -2.00
CA THR E 258 -32.07 14.28 -1.65
C THR E 258 -31.72 13.75 -0.26
N THR E 259 -32.65 13.90 0.68
CA THR E 259 -32.46 13.39 2.04
C THR E 259 -32.37 11.85 2.10
N VAL E 260 -33.12 11.16 1.24
CA VAL E 260 -33.07 9.70 1.19
C VAL E 260 -31.76 9.18 0.57
N LEU E 261 -31.29 9.83 -0.49
CA LEU E 261 -30.06 9.42 -1.17
C LEU E 261 -28.81 9.75 -0.35
N THR E 262 -28.82 10.91 0.30
CA THR E 262 -27.78 11.26 1.25
C THR E 262 -27.74 10.23 2.37
N MET E 263 -28.90 9.77 2.80
CA MET E 263 -28.99 8.80 3.90
C MET E 263 -28.57 7.37 3.51
N THR E 264 -28.57 7.06 2.21
CA THR E 264 -28.08 5.75 1.73
C THR E 264 -26.54 5.74 1.58
N THR E 265 -25.97 6.86 1.11
CA THR E 265 -24.51 7.00 1.03
C THR E 265 -23.93 7.15 2.43
N GLN E 266 -24.65 7.88 3.28
CA GLN E 266 -24.32 7.99 4.70
C GLN E 266 -24.27 6.62 5.38
N SER E 267 -25.20 5.75 4.98
CA SER E 267 -25.31 4.40 5.54
C SER E 267 -24.18 3.45 5.06
N SER E 268 -23.91 3.46 3.76
CA SER E 268 -22.84 2.62 3.20
C SER E 268 -21.45 3.15 3.58
N GLY E 269 -21.33 4.47 3.71
CA GLY E 269 -20.09 5.09 4.14
C GLY E 269 -19.70 4.83 5.58
N SER E 270 -20.65 4.41 6.41
CA SER E 270 -20.39 4.09 7.82
C SER E 270 -19.72 2.72 8.01
N ARG E 271 -19.86 1.83 7.03
CA ARG E 271 -19.21 0.52 7.06
C ARG E 271 -17.91 0.48 6.27
N ALA E 272 -17.49 1.62 5.70
CA ALA E 272 -16.44 1.66 4.68
C ALA E 272 -15.04 1.35 5.21
N SER E 273 -14.83 1.46 6.52
CA SER E 273 -13.53 1.16 7.13
C SER E 273 -13.57 -0.10 8.01
N LEU E 274 -14.48 -1.02 7.68
CA LEU E 274 -14.74 -2.19 8.50
C LEU E 274 -14.68 -3.43 7.64
N PRO E 275 -14.46 -4.60 8.25
CA PRO E 275 -14.50 -5.82 7.48
C PRO E 275 -15.94 -6.13 7.10
N LYS E 276 -16.13 -6.95 6.06
CA LYS E 276 -17.48 -7.19 5.55
C LYS E 276 -18.17 -8.32 6.32
N VAL E 277 -18.36 -8.08 7.62
CA VAL E 277 -19.03 -9.05 8.48
C VAL E 277 -20.47 -9.15 8.06
N SER E 278 -21.06 -10.33 8.25
CA SER E 278 -22.39 -10.61 7.75
C SER E 278 -23.43 -10.58 8.86
N TYR E 279 -23.29 -9.65 9.81
CA TYR E 279 -24.25 -9.49 10.89
C TYR E 279 -24.54 -8.00 11.13
N VAL E 280 -25.66 -7.73 11.81
CA VAL E 280 -26.14 -6.37 11.99
C VAL E 280 -25.43 -5.68 13.15
N LYS E 281 -24.82 -4.53 12.86
CA LYS E 281 -24.11 -3.75 13.88
C LYS E 281 -25.01 -2.65 14.42
N ALA E 282 -24.62 -2.07 15.55
CA ALA E 282 -25.41 -1.00 16.18
C ALA E 282 -25.54 0.24 15.30
N ILE E 283 -24.52 0.49 14.48
CA ILE E 283 -24.55 1.61 13.55
C ILE E 283 -25.47 1.32 12.37
N ASP E 284 -25.60 0.04 12.01
CA ASP E 284 -26.53 -0.37 10.94
C ASP E 284 -27.99 -0.15 11.35
N ILE E 285 -28.30 -0.42 12.62
CA ILE E 285 -29.63 -0.16 13.17
C ILE E 285 -29.94 1.33 13.03
N TRP E 286 -29.09 2.18 13.58
CA TRP E 286 -29.28 3.63 13.57
C TRP E 286 -29.48 4.17 12.16
N MET E 287 -28.66 3.72 11.22
CA MET E 287 -28.77 4.19 9.83
C MET E 287 -30.03 3.68 9.15
N ALA E 288 -30.50 2.51 9.54
CA ALA E 288 -31.74 1.94 9.02
C ALA E 288 -32.98 2.65 9.58
N VAL E 289 -32.97 2.92 10.87
CA VAL E 289 -34.05 3.67 11.49
C VAL E 289 -34.03 5.11 10.95
N CYS E 290 -32.85 5.71 10.80
CA CYS E 290 -32.73 7.03 10.20
C CYS E 290 -33.16 7.06 8.74
N LEU E 291 -33.09 5.91 8.08
CA LEU E 291 -33.55 5.79 6.70
C LEU E 291 -35.08 5.79 6.62
N LEU E 292 -35.72 5.14 7.59
CA LEU E 292 -37.19 5.13 7.67
C LEU E 292 -37.78 6.50 7.97
N PHE E 293 -37.24 7.19 8.97
CA PHE E 293 -37.74 8.52 9.36
C PHE E 293 -37.62 9.57 8.25
N VAL E 294 -36.67 9.38 7.34
CA VAL E 294 -36.48 10.23 6.17
C VAL E 294 -37.36 9.75 5.00
N PHE E 295 -37.45 8.44 4.83
CA PHE E 295 -38.23 7.81 3.77
C PHE E 295 -39.73 7.94 4.01
N SER E 296 -40.12 7.94 5.28
CA SER E 296 -41.51 8.17 5.66
C SER E 296 -41.92 9.61 5.37
N ALA E 297 -41.01 10.55 5.56
CA ALA E 297 -41.27 11.97 5.27
C ALA E 297 -41.66 12.19 3.81
N LEU E 298 -41.09 11.41 2.90
CA LEU E 298 -41.45 11.49 1.48
C LEU E 298 -42.79 10.81 1.20
N LEU E 299 -43.00 9.65 1.82
CA LEU E 299 -44.30 8.95 1.77
C LEU E 299 -45.41 9.79 2.40
N GLU E 300 -45.04 10.62 3.38
CA GLU E 300 -45.99 11.56 3.97
C GLU E 300 -46.48 12.52 2.91
N TYR E 301 -45.57 13.03 2.07
CA TYR E 301 -45.99 13.93 0.99
C TYR E 301 -46.70 13.22 -0.16
N ALA E 302 -46.35 11.97 -0.41
CA ALA E 302 -47.11 11.15 -1.37
C ALA E 302 -48.59 11.12 -0.97
N ALA E 303 -48.84 10.98 0.33
CA ALA E 303 -50.20 10.99 0.88
C ALA E 303 -50.84 12.38 0.77
N VAL E 304 -50.08 13.42 1.11
CA VAL E 304 -50.58 14.80 1.04
C VAL E 304 -50.90 15.21 -0.39
N ASN E 305 -50.05 14.81 -1.33
CA ASN E 305 -50.25 15.12 -2.74
C ASN E 305 -51.41 14.33 -3.34
N PHE E 306 -51.60 13.10 -2.88
CA PHE E 306 -52.61 12.21 -3.44
C PHE E 306 -54.03 12.48 -2.94
N VAL E 307 -54.20 12.78 -1.65
CA VAL E 307 -55.54 13.07 -1.12
C VAL E 307 -56.03 14.47 -1.53
N SER E 308 -55.12 15.34 -1.96
CA SER E 308 -55.45 16.70 -2.37
C SER E 308 -55.61 16.88 -3.89
N ARG E 309 -55.76 15.78 -4.63
CA ARG E 309 -55.86 15.81 -6.09
C ARG E 309 -56.85 16.86 -6.60
N ALA E 310 -58.13 16.67 -6.26
CA ALA E 310 -59.15 17.67 -6.56
C ALA E 310 -58.95 18.87 -5.63
N GLY E 311 -59.18 20.07 -6.16
CA GLY E 311 -58.90 21.30 -5.42
C GLY E 311 -59.93 21.68 -4.37
N THR E 312 -60.88 20.79 -4.09
CA THR E 312 -61.99 21.07 -3.16
C THR E 312 -61.51 21.33 -1.73
N LYS E 313 -62.23 22.20 -1.03
CA LYS E 313 -61.86 22.64 0.33
C LYS E 313 -61.72 21.48 1.33
N VAL E 314 -62.61 20.49 1.22
CA VAL E 314 -62.62 19.34 2.12
C VAL E 314 -61.31 18.54 2.12
N PHE E 315 -60.73 18.37 0.93
CA PHE E 315 -59.51 17.55 0.77
C PHE E 315 -58.22 18.33 1.03
N ILE E 316 -58.21 19.61 0.65
CA ILE E 316 -57.05 20.49 0.91
C ILE E 316 -56.84 20.64 2.42
N ASP E 317 -57.94 20.70 3.16
CA ASP E 317 -57.90 20.73 4.63
C ASP E 317 -57.62 19.36 5.23
N ARG E 318 -58.09 18.30 4.57
CA ARG E 318 -57.76 16.92 4.96
C ARG E 318 -56.26 16.66 4.83
N ALA E 319 -55.69 17.09 3.69
CA ALA E 319 -54.26 17.04 3.45
C ALA E 319 -53.51 17.94 4.44
N LYS E 320 -54.08 19.11 4.71
CA LYS E 320 -53.56 20.04 5.71
C LYS E 320 -53.40 19.37 7.07
N LYS E 321 -54.40 18.59 7.48
CA LYS E 321 -54.39 17.87 8.75
C LYS E 321 -53.14 17.01 8.93
N ILE E 322 -52.69 16.34 7.86
CA ILE E 322 -51.56 15.41 7.93
C ILE E 322 -50.27 16.12 8.36
N ASP E 323 -49.97 17.26 7.75
CA ASP E 323 -48.73 17.99 8.03
C ASP E 323 -48.67 18.56 9.46
N THR E 324 -49.80 19.08 9.94
CA THR E 324 -49.88 19.63 11.30
C THR E 324 -49.76 18.54 12.36
N ILE E 325 -50.10 17.30 12.00
CA ILE E 325 -49.83 16.13 12.83
C ILE E 325 -48.36 15.71 12.70
N SER E 326 -47.86 15.65 11.46
CA SER E 326 -46.48 15.20 11.19
C SER E 326 -45.42 16.16 11.74
N ARG E 327 -45.73 17.44 11.81
CA ARG E 327 -44.83 18.43 12.40
C ARG E 327 -44.54 18.17 13.89
N ALA E 328 -45.50 17.57 14.59
CA ALA E 328 -45.34 17.19 15.99
C ALA E 328 -45.01 15.70 16.18
N CYS E 329 -45.46 14.85 15.27
CA CYS E 329 -45.31 13.40 15.42
C CYS E 329 -43.90 12.87 15.17
N PHE E 330 -43.28 13.31 14.08
CA PHE E 330 -41.97 12.77 13.71
C PHE E 330 -40.85 13.18 14.67
N PRO E 331 -40.71 14.49 14.96
CA PRO E 331 -39.75 14.88 16.00
C PRO E 331 -39.97 14.15 17.34
N LEU E 332 -41.23 13.95 17.70
CA LEU E 332 -41.59 13.20 18.92
C LEU E 332 -41.21 11.72 18.79
N ALA E 333 -41.55 11.11 17.66
CA ALA E 333 -41.27 9.69 17.42
C ALA E 333 -39.75 9.40 17.37
N PHE E 334 -39.00 10.34 16.80
CA PHE E 334 -37.55 10.24 16.71
C PHE E 334 -36.90 10.42 18.08
N LEU E 335 -37.47 11.32 18.89
CA LEU E 335 -37.01 11.52 20.27
C LEU E 335 -37.26 10.27 21.10
N ILE E 336 -38.42 9.65 20.88
CA ILE E 336 -38.77 8.37 21.53
C ILE E 336 -37.82 7.25 21.12
N PHE E 337 -37.38 7.26 19.86
CA PHE E 337 -36.42 6.26 19.36
C PHE E 337 -35.04 6.40 20.01
N ASN E 338 -34.54 7.64 20.13
CA ASN E 338 -33.24 7.90 20.73
C ASN E 338 -33.20 7.56 22.21
N ILE E 339 -34.30 7.82 22.92
CA ILE E 339 -34.44 7.38 24.32
C ILE E 339 -34.14 5.88 24.38
N PHE E 340 -34.83 5.09 23.55
CA PHE E 340 -34.62 3.65 23.49
C PHE E 340 -33.19 3.29 23.09
N TYR E 341 -32.78 3.77 21.91
CA TYR E 341 -31.50 3.43 21.31
C TYR E 341 -30.30 3.65 22.25
N TRP E 342 -30.14 4.88 22.72
CA TRP E 342 -28.99 5.22 23.57
C TRP E 342 -29.03 4.51 24.92
N VAL E 343 -30.20 4.38 25.52
CA VAL E 343 -30.33 3.69 26.80
C VAL E 343 -30.01 2.19 26.69
N ILE E 344 -30.32 1.59 25.54
CA ILE E 344 -29.99 0.18 25.29
C ILE E 344 -28.47 -0.04 25.24
N TYR E 345 -27.73 0.84 24.57
CA TYR E 345 -26.28 0.68 24.42
C TYR E 345 -25.43 1.35 25.52
#